data_5W61
# 
_entry.id   5W61 
# 
_audit_conform.dict_name       mmcif_pdbx.dic 
_audit_conform.dict_version    5.379 
_audit_conform.dict_location   http://mmcif.pdb.org/dictionaries/ascii/mmcif_pdbx.dic 
# 
loop_
_database_2.database_id 
_database_2.database_code 
_database_2.pdbx_database_accession 
_database_2.pdbx_DOI 
PDB   5W61         pdb_00005w61 10.2210/pdb5w61/pdb 
WWPDB D_1000228425 ?            ?                   
# 
loop_
_pdbx_database_related.content_type 
_pdbx_database_related.db_id 
_pdbx_database_related.db_name 
_pdbx_database_related.details 
unspecified 5W5X PDB . 
unspecified 5W5Z PDB . 
unspecified 5W60 PDB . 
unspecified 5W62 PDB . 
unspecified 5W63 PDB . 
# 
_pdbx_database_status.status_code                     REL 
_pdbx_database_status.status_code_sf                  REL 
_pdbx_database_status.status_code_mr                  ? 
_pdbx_database_status.entry_id                        5W61 
_pdbx_database_status.recvd_initial_deposition_date   2017-06-16 
_pdbx_database_status.SG_entry                        N 
_pdbx_database_status.deposit_site                    RCSB 
_pdbx_database_status.process_site                    RCSB 
_pdbx_database_status.status_code_cs                  ? 
_pdbx_database_status.methods_development_category    ? 
_pdbx_database_status.pdb_format_compatible           Y 
_pdbx_database_status.status_code_nmr_data            ? 
# 
loop_
_audit_author.name 
_audit_author.pdbx_ordinal 
_audit_author.identifier_ORCID 
'Robin, A.Y.'    1 ? 
'Colman, P.M.'   2 ? 
'Czabotar, P.E.' 3 ? 
# 
_citation.abstract                  ? 
_citation.abstract_id_CAS           ? 
_citation.book_id_ISBN              ? 
_citation.book_publisher            ? 
_citation.book_publisher_city       ? 
_citation.book_title                ? 
_citation.coordinate_linkage        ? 
_citation.country                   UK 
_citation.database_id_Medline       ? 
_citation.details                   ? 
_citation.id                        primary 
_citation.journal_abbrev            Structure 
_citation.journal_id_ASTM           STRUE6 
_citation.journal_id_CSD            2005 
_citation.journal_id_ISSN           1878-4186 
_citation.journal_full              ? 
_citation.journal_issue             ? 
_citation.journal_volume            26 
_citation.language                  ? 
_citation.page_first                1346 
_citation.page_last                 ? 
_citation.title                     'Ensemble Properties of Bax Determine Its Function.' 
_citation.year                      2018 
_citation.database_id_CSD           ? 
_citation.pdbx_database_id_DOI      10.1016/j.str.2018.07.006 
_citation.pdbx_database_id_PubMed   30122452 
_citation.unpublished_flag          ? 
# 
loop_
_citation_author.citation_id 
_citation_author.name 
_citation_author.ordinal 
_citation_author.identifier_ORCID 
primary 'Robin, A.Y.'      1  ? 
primary 'Iyer, S.'         2  ? 
primary 'Birkinshaw, R.W.' 3  ? 
primary 'Sandow, J.'       4  ? 
primary 'Wardak, A.'       5  ? 
primary 'Luo, C.S.'        6  ? 
primary 'Shi, M.'          7  ? 
primary 'Webb, A.I.'       8  ? 
primary 'Czabotar, P.E.'   9  ? 
primary 'Kluck, R.M.'      10 ? 
primary 'Colman, P.M.'     11 ? 
# 
_cell.angle_alpha                  90.00 
_cell.angle_alpha_esd              ? 
_cell.angle_beta                   90.00 
_cell.angle_beta_esd               ? 
_cell.angle_gamma                  90.00 
_cell.angle_gamma_esd              ? 
_cell.entry_id                     5W61 
_cell.details                      ? 
_cell.formula_units_Z              ? 
_cell.length_a                     42.740 
_cell.length_a_esd                 ? 
_cell.length_b                     53.890 
_cell.length_b_esd                 ? 
_cell.length_c                     62.100 
_cell.length_c_esd                 ? 
_cell.volume                       ? 
_cell.volume_esd                   ? 
_cell.Z_PDB                        4 
_cell.reciprocal_angle_alpha       ? 
_cell.reciprocal_angle_beta        ? 
_cell.reciprocal_angle_gamma       ? 
_cell.reciprocal_angle_alpha_esd   ? 
_cell.reciprocal_angle_beta_esd    ? 
_cell.reciprocal_angle_gamma_esd   ? 
_cell.reciprocal_length_a          ? 
_cell.reciprocal_length_b          ? 
_cell.reciprocal_length_c          ? 
_cell.reciprocal_length_a_esd      ? 
_cell.reciprocal_length_b_esd      ? 
_cell.reciprocal_length_c_esd      ? 
_cell.pdbx_unique_axis             ? 
# 
_symmetry.entry_id                         5W61 
_symmetry.cell_setting                     ? 
_symmetry.Int_Tables_number                19 
_symmetry.space_group_name_Hall            ? 
_symmetry.space_group_name_H-M             'P 21 21 21' 
_symmetry.pdbx_full_space_group_name_H-M   ? 
# 
loop_
_entity.id 
_entity.type 
_entity.src_method 
_entity.pdbx_description 
_entity.formula_weight 
_entity.pdbx_number_of_molecules 
_entity.pdbx_ec 
_entity.pdbx_mutation 
_entity.pdbx_fragment 
_entity.details 
1 polymer man 'Apoptosis regulator BAX' 21306.316 1  ? 'C62S C126S P168G' ? ? 
2 water   nat water                     18.015    19 ? ?                  ? ? 
# 
_entity_name_com.entity_id   1 
_entity_name_com.name        'Bcl-2-like protein 4,Bcl2-L-4' 
# 
_entity_poly.entity_id                      1 
_entity_poly.type                           'polypeptide(L)' 
_entity_poly.nstd_linkage                   no 
_entity_poly.nstd_monomer                   no 
_entity_poly.pdbx_seq_one_letter_code       
;MDGSGEQPRGGGPTSSEQIMKTGALLLQGFIQDRAGRMGGEAPELALDPVPQDASTKKLSESLKRIGDELDSNMELQRMI
AAVDTDSPREVFFRVAADMFSDGNFNWGRVVALFYFASKLVLKALSTKVPELIRTIMGWTLDFLRERLLGWIQDQGGWDG
LLSYFGTGTWQTVTIFVAGVLTASLTIWKKMGSS
;
_entity_poly.pdbx_seq_one_letter_code_can   
;MDGSGEQPRGGGPTSSEQIMKTGALLLQGFIQDRAGRMGGEAPELALDPVPQDASTKKLSESLKRIGDELDSNMELQRMI
AAVDTDSPREVFFRVAADMFSDGNFNWGRVVALFYFASKLVLKALSTKVPELIRTIMGWTLDFLRERLLGWIQDQGGWDG
LLSYFGTGTWQTVTIFVAGVLTASLTIWKKMGSS
;
_entity_poly.pdbx_strand_id                 A 
_entity_poly.pdbx_target_identifier         ? 
# 
loop_
_entity_poly_seq.entity_id 
_entity_poly_seq.num 
_entity_poly_seq.mon_id 
_entity_poly_seq.hetero 
1 1   MET n 
1 2   ASP n 
1 3   GLY n 
1 4   SER n 
1 5   GLY n 
1 6   GLU n 
1 7   GLN n 
1 8   PRO n 
1 9   ARG n 
1 10  GLY n 
1 11  GLY n 
1 12  GLY n 
1 13  PRO n 
1 14  THR n 
1 15  SER n 
1 16  SER n 
1 17  GLU n 
1 18  GLN n 
1 19  ILE n 
1 20  MET n 
1 21  LYS n 
1 22  THR n 
1 23  GLY n 
1 24  ALA n 
1 25  LEU n 
1 26  LEU n 
1 27  LEU n 
1 28  GLN n 
1 29  GLY n 
1 30  PHE n 
1 31  ILE n 
1 32  GLN n 
1 33  ASP n 
1 34  ARG n 
1 35  ALA n 
1 36  GLY n 
1 37  ARG n 
1 38  MET n 
1 39  GLY n 
1 40  GLY n 
1 41  GLU n 
1 42  ALA n 
1 43  PRO n 
1 44  GLU n 
1 45  LEU n 
1 46  ALA n 
1 47  LEU n 
1 48  ASP n 
1 49  PRO n 
1 50  VAL n 
1 51  PRO n 
1 52  GLN n 
1 53  ASP n 
1 54  ALA n 
1 55  SER n 
1 56  THR n 
1 57  LYS n 
1 58  LYS n 
1 59  LEU n 
1 60  SER n 
1 61  GLU n 
1 62  SER n 
1 63  LEU n 
1 64  LYS n 
1 65  ARG n 
1 66  ILE n 
1 67  GLY n 
1 68  ASP n 
1 69  GLU n 
1 70  LEU n 
1 71  ASP n 
1 72  SER n 
1 73  ASN n 
1 74  MET n 
1 75  GLU n 
1 76  LEU n 
1 77  GLN n 
1 78  ARG n 
1 79  MET n 
1 80  ILE n 
1 81  ALA n 
1 82  ALA n 
1 83  VAL n 
1 84  ASP n 
1 85  THR n 
1 86  ASP n 
1 87  SER n 
1 88  PRO n 
1 89  ARG n 
1 90  GLU n 
1 91  VAL n 
1 92  PHE n 
1 93  PHE n 
1 94  ARG n 
1 95  VAL n 
1 96  ALA n 
1 97  ALA n 
1 98  ASP n 
1 99  MET n 
1 100 PHE n 
1 101 SER n 
1 102 ASP n 
1 103 GLY n 
1 104 ASN n 
1 105 PHE n 
1 106 ASN n 
1 107 TRP n 
1 108 GLY n 
1 109 ARG n 
1 110 VAL n 
1 111 VAL n 
1 112 ALA n 
1 113 LEU n 
1 114 PHE n 
1 115 TYR n 
1 116 PHE n 
1 117 ALA n 
1 118 SER n 
1 119 LYS n 
1 120 LEU n 
1 121 VAL n 
1 122 LEU n 
1 123 LYS n 
1 124 ALA n 
1 125 LEU n 
1 126 SER n 
1 127 THR n 
1 128 LYS n 
1 129 VAL n 
1 130 PRO n 
1 131 GLU n 
1 132 LEU n 
1 133 ILE n 
1 134 ARG n 
1 135 THR n 
1 136 ILE n 
1 137 MET n 
1 138 GLY n 
1 139 TRP n 
1 140 THR n 
1 141 LEU n 
1 142 ASP n 
1 143 PHE n 
1 144 LEU n 
1 145 ARG n 
1 146 GLU n 
1 147 ARG n 
1 148 LEU n 
1 149 LEU n 
1 150 GLY n 
1 151 TRP n 
1 152 ILE n 
1 153 GLN n 
1 154 ASP n 
1 155 GLN n 
1 156 GLY n 
1 157 GLY n 
1 158 TRP n 
1 159 ASP n 
1 160 GLY n 
1 161 LEU n 
1 162 LEU n 
1 163 SER n 
1 164 TYR n 
1 165 PHE n 
1 166 GLY n 
1 167 THR n 
1 168 GLY n 
1 169 THR n 
1 170 TRP n 
1 171 GLN n 
1 172 THR n 
1 173 VAL n 
1 174 THR n 
1 175 ILE n 
1 176 PHE n 
1 177 VAL n 
1 178 ALA n 
1 179 GLY n 
1 180 VAL n 
1 181 LEU n 
1 182 THR n 
1 183 ALA n 
1 184 SER n 
1 185 LEU n 
1 186 THR n 
1 187 ILE n 
1 188 TRP n 
1 189 LYS n 
1 190 LYS n 
1 191 MET n 
1 192 GLY n 
1 193 SER n 
1 194 SER n 
# 
_entity_src_gen.entity_id                          1 
_entity_src_gen.pdbx_src_id                        1 
_entity_src_gen.pdbx_alt_source_flag               sample 
_entity_src_gen.pdbx_seq_type                      'Biological sequence' 
_entity_src_gen.pdbx_beg_seq_num                   1 
_entity_src_gen.pdbx_end_seq_num                   194 
_entity_src_gen.gene_src_common_name               Human 
_entity_src_gen.gene_src_genus                     ? 
_entity_src_gen.pdbx_gene_src_gene                 'BAX, BCL2L4' 
_entity_src_gen.gene_src_species                   ? 
_entity_src_gen.gene_src_strain                    ? 
_entity_src_gen.gene_src_tissue                    ? 
_entity_src_gen.gene_src_tissue_fraction           ? 
_entity_src_gen.gene_src_details                   ? 
_entity_src_gen.pdbx_gene_src_fragment             ? 
_entity_src_gen.pdbx_gene_src_scientific_name      'Homo sapiens' 
_entity_src_gen.pdbx_gene_src_ncbi_taxonomy_id     9606 
_entity_src_gen.pdbx_gene_src_variant              ? 
_entity_src_gen.pdbx_gene_src_cell_line            ? 
_entity_src_gen.pdbx_gene_src_atcc                 ? 
_entity_src_gen.pdbx_gene_src_organ                ? 
_entity_src_gen.pdbx_gene_src_organelle            ? 
_entity_src_gen.pdbx_gene_src_cell                 ? 
_entity_src_gen.pdbx_gene_src_cellular_location    ? 
_entity_src_gen.host_org_common_name               ? 
_entity_src_gen.pdbx_host_org_scientific_name      'Escherichia coli' 
_entity_src_gen.pdbx_host_org_ncbi_taxonomy_id     562 
_entity_src_gen.host_org_genus                     ? 
_entity_src_gen.pdbx_host_org_gene                 ? 
_entity_src_gen.pdbx_host_org_organ                ? 
_entity_src_gen.host_org_species                   ? 
_entity_src_gen.pdbx_host_org_tissue               ? 
_entity_src_gen.pdbx_host_org_tissue_fraction      ? 
_entity_src_gen.pdbx_host_org_strain               ? 
_entity_src_gen.pdbx_host_org_variant              ? 
_entity_src_gen.pdbx_host_org_cell_line            ? 
_entity_src_gen.pdbx_host_org_atcc                 ? 
_entity_src_gen.pdbx_host_org_culture_collection   ? 
_entity_src_gen.pdbx_host_org_cell                 ? 
_entity_src_gen.pdbx_host_org_organelle            ? 
_entity_src_gen.pdbx_host_org_cellular_location    ? 
_entity_src_gen.pdbx_host_org_vector_type          ? 
_entity_src_gen.pdbx_host_org_vector               ? 
_entity_src_gen.host_org_details                   ? 
_entity_src_gen.expression_system_id               ? 
_entity_src_gen.plasmid_name                       ? 
_entity_src_gen.plasmid_details                    ? 
_entity_src_gen.pdbx_description                   ? 
# 
_struct_ref.id                         1 
_struct_ref.db_name                    UNP 
_struct_ref.db_code                    BAX_HUMAN 
_struct_ref.pdbx_db_accession          Q07812 
_struct_ref.pdbx_db_isoform            ? 
_struct_ref.entity_id                  1 
_struct_ref.pdbx_seq_one_letter_code   
;MDGSGEQPRGGGPTSSEQIMKTGALLLQGFIQDRAGRMGGEAPELALDPVPQDASTKKLSECLKRIGDELDSNMELQRMI
AAVDTDSPREVFFRVAADMFSDGNFNWGRVVALFYFASKLVLKALCTKVPELIRTIMGWTLDFLRERLLGWIQDQGGWDG
LLSYFGTPTWQTVTIFVAGVLTASLTIWKKMG
;
_struct_ref.pdbx_align_begin           1 
# 
_struct_ref_seq.align_id                      1 
_struct_ref_seq.ref_id                        1 
_struct_ref_seq.pdbx_PDB_id_code              5W61 
_struct_ref_seq.pdbx_strand_id                A 
_struct_ref_seq.seq_align_beg                 1 
_struct_ref_seq.pdbx_seq_align_beg_ins_code   ? 
_struct_ref_seq.seq_align_end                 192 
_struct_ref_seq.pdbx_seq_align_end_ins_code   ? 
_struct_ref_seq.pdbx_db_accession             Q07812 
_struct_ref_seq.db_align_beg                  1 
_struct_ref_seq.pdbx_db_align_beg_ins_code    ? 
_struct_ref_seq.db_align_end                  192 
_struct_ref_seq.pdbx_db_align_end_ins_code    ? 
_struct_ref_seq.pdbx_auth_seq_align_beg       1 
_struct_ref_seq.pdbx_auth_seq_align_end       192 
# 
loop_
_struct_ref_seq_dif.align_id 
_struct_ref_seq_dif.pdbx_pdb_id_code 
_struct_ref_seq_dif.mon_id 
_struct_ref_seq_dif.pdbx_pdb_strand_id 
_struct_ref_seq_dif.seq_num 
_struct_ref_seq_dif.pdbx_pdb_ins_code 
_struct_ref_seq_dif.pdbx_seq_db_name 
_struct_ref_seq_dif.pdbx_seq_db_accession_code 
_struct_ref_seq_dif.db_mon_id 
_struct_ref_seq_dif.pdbx_seq_db_seq_num 
_struct_ref_seq_dif.details 
_struct_ref_seq_dif.pdbx_auth_seq_num 
_struct_ref_seq_dif.pdbx_ordinal 
1 5W61 SER A 62  ? UNP Q07812 CYS 62  'engineered mutation' 62  1 
1 5W61 SER A 126 ? UNP Q07812 CYS 126 'engineered mutation' 126 2 
1 5W61 GLY A 168 ? UNP Q07812 PRO 168 'engineered mutation' 168 3 
1 5W61 SER A 193 ? UNP Q07812 ?   ?   'expression tag'      193 4 
1 5W61 SER A 194 ? UNP Q07812 ?   ?   'expression tag'      194 5 
# 
loop_
_chem_comp.id 
_chem_comp.type 
_chem_comp.mon_nstd_flag 
_chem_comp.name 
_chem_comp.pdbx_synonyms 
_chem_comp.formula 
_chem_comp.formula_weight 
ALA 'L-peptide linking' y ALANINE         ? 'C3 H7 N O2'     89.093  
ARG 'L-peptide linking' y ARGININE        ? 'C6 H15 N4 O2 1' 175.209 
ASN 'L-peptide linking' y ASPARAGINE      ? 'C4 H8 N2 O3'    132.118 
ASP 'L-peptide linking' y 'ASPARTIC ACID' ? 'C4 H7 N O4'     133.103 
CYS 'L-peptide linking' y CYSTEINE        ? 'C3 H7 N O2 S'   121.158 
GLN 'L-peptide linking' y GLUTAMINE       ? 'C5 H10 N2 O3'   146.144 
GLU 'L-peptide linking' y 'GLUTAMIC ACID' ? 'C5 H9 N O4'     147.129 
GLY 'peptide linking'   y GLYCINE         ? 'C2 H5 N O2'     75.067  
HOH non-polymer         . WATER           ? 'H2 O'           18.015  
ILE 'L-peptide linking' y ISOLEUCINE      ? 'C6 H13 N O2'    131.173 
LEU 'L-peptide linking' y LEUCINE         ? 'C6 H13 N O2'    131.173 
LYS 'L-peptide linking' y LYSINE          ? 'C6 H15 N2 O2 1' 147.195 
MET 'L-peptide linking' y METHIONINE      ? 'C5 H11 N O2 S'  149.211 
PHE 'L-peptide linking' y PHENYLALANINE   ? 'C9 H11 N O2'    165.189 
PRO 'L-peptide linking' y PROLINE         ? 'C5 H9 N O2'     115.130 
SER 'L-peptide linking' y SERINE          ? 'C3 H7 N O3'     105.093 
THR 'L-peptide linking' y THREONINE       ? 'C4 H9 N O3'     119.119 
TRP 'L-peptide linking' y TRYPTOPHAN      ? 'C11 H12 N2 O2'  204.225 
TYR 'L-peptide linking' y TYROSINE        ? 'C9 H11 N O3'    181.189 
VAL 'L-peptide linking' y VALINE          ? 'C5 H11 N O2'    117.146 
# 
_exptl.absorpt_coefficient_mu     ? 
_exptl.absorpt_correction_T_max   ? 
_exptl.absorpt_correction_T_min   ? 
_exptl.absorpt_correction_type    ? 
_exptl.absorpt_process_details    ? 
_exptl.entry_id                   5W61 
_exptl.crystals_number            1 
_exptl.details                    ? 
_exptl.method                     'X-RAY DIFFRACTION' 
_exptl.method_details             ? 
# 
_exptl_crystal.colour                      ? 
_exptl_crystal.density_diffrn              ? 
_exptl_crystal.density_Matthews            1.68 
_exptl_crystal.density_method              ? 
_exptl_crystal.density_percent_sol         26.71 
_exptl_crystal.description                 ? 
_exptl_crystal.F_000                       ? 
_exptl_crystal.id                          1 
_exptl_crystal.preparation                 ? 
_exptl_crystal.size_max                    ? 
_exptl_crystal.size_mid                    ? 
_exptl_crystal.size_min                    ? 
_exptl_crystal.size_rad                    ? 
_exptl_crystal.colour_lustre               ? 
_exptl_crystal.colour_modifier             ? 
_exptl_crystal.colour_primary              ? 
_exptl_crystal.density_meas                ? 
_exptl_crystal.density_meas_esd            ? 
_exptl_crystal.density_meas_gt             ? 
_exptl_crystal.density_meas_lt             ? 
_exptl_crystal.density_meas_temp           ? 
_exptl_crystal.density_meas_temp_esd       ? 
_exptl_crystal.density_meas_temp_gt        ? 
_exptl_crystal.density_meas_temp_lt        ? 
_exptl_crystal.pdbx_crystal_image_url      ? 
_exptl_crystal.pdbx_crystal_image_format   ? 
_exptl_crystal.pdbx_mosaicity              ? 
_exptl_crystal.pdbx_mosaicity_esd          ? 
# 
_exptl_crystal_grow.apparatus       ? 
_exptl_crystal_grow.atmosphere      ? 
_exptl_crystal_grow.crystal_id      1 
_exptl_crystal_grow.details         ? 
_exptl_crystal_grow.method          'VAPOR DIFFUSION, HANGING DROP' 
_exptl_crystal_grow.method_ref      ? 
_exptl_crystal_grow.pH              ? 
_exptl_crystal_grow.pressure        ? 
_exptl_crystal_grow.pressure_esd    ? 
_exptl_crystal_grow.seeding         ? 
_exptl_crystal_grow.seeding_ref     ? 
_exptl_crystal_grow.temp            293 
_exptl_crystal_grow.temp_details    ? 
_exptl_crystal_grow.temp_esd        ? 
_exptl_crystal_grow.time            ? 
_exptl_crystal_grow.pdbx_details    'Ammonium sulfate, bis-TRIS, glycerol' 
_exptl_crystal_grow.pdbx_pH_range   ? 
# 
_diffrn.ambient_environment    ? 
_diffrn.ambient_temp           100 
_diffrn.ambient_temp_details   ? 
_diffrn.ambient_temp_esd       ? 
_diffrn.crystal_id             1 
_diffrn.crystal_support        ? 
_diffrn.crystal_treatment      ? 
_diffrn.details                ? 
_diffrn.id                     1 
_diffrn.ambient_pressure       ? 
_diffrn.ambient_pressure_esd   ? 
_diffrn.ambient_pressure_gt    ? 
_diffrn.ambient_pressure_lt    ? 
_diffrn.ambient_temp_gt        ? 
_diffrn.ambient_temp_lt        ? 
# 
_diffrn_detector.details                      ? 
_diffrn_detector.detector                     CCD 
_diffrn_detector.diffrn_id                    1 
_diffrn_detector.type                         'ADSC QUANTUM 315r' 
_diffrn_detector.area_resol_mean              ? 
_diffrn_detector.dtime                        ? 
_diffrn_detector.pdbx_frames_total            ? 
_diffrn_detector.pdbx_collection_time_total   ? 
_diffrn_detector.pdbx_collection_date         2013-02-20 
# 
_diffrn_radiation.collimation                      ? 
_diffrn_radiation.diffrn_id                        1 
_diffrn_radiation.filter_edge                      ? 
_diffrn_radiation.inhomogeneity                    ? 
_diffrn_radiation.monochromator                    ? 
_diffrn_radiation.polarisn_norm                    ? 
_diffrn_radiation.polarisn_ratio                   ? 
_diffrn_radiation.probe                            ? 
_diffrn_radiation.type                             ? 
_diffrn_radiation.xray_symbol                      ? 
_diffrn_radiation.wavelength_id                    1 
_diffrn_radiation.pdbx_monochromatic_or_laue_m_l   M 
_diffrn_radiation.pdbx_wavelength_list             ? 
_diffrn_radiation.pdbx_wavelength                  ? 
_diffrn_radiation.pdbx_diffrn_protocol             'SINGLE WAVELENGTH' 
_diffrn_radiation.pdbx_analyzer                    ? 
_diffrn_radiation.pdbx_scattering_type             x-ray 
# 
_diffrn_radiation_wavelength.id           1 
_diffrn_radiation_wavelength.wavelength   0.9537 
_diffrn_radiation_wavelength.wt           1.0 
# 
_diffrn_source.current                     ? 
_diffrn_source.details                     ? 
_diffrn_source.diffrn_id                   1 
_diffrn_source.power                       ? 
_diffrn_source.size                        ? 
_diffrn_source.source                      SYNCHROTRON 
_diffrn_source.target                      ? 
_diffrn_source.type                        'AUSTRALIAN SYNCHROTRON BEAMLINE MX2' 
_diffrn_source.voltage                     ? 
_diffrn_source.take-off_angle              ? 
_diffrn_source.pdbx_wavelength_list        0.9537 
_diffrn_source.pdbx_wavelength             ? 
_diffrn_source.pdbx_synchrotron_beamline   MX2 
_diffrn_source.pdbx_synchrotron_site       'Australian Synchrotron' 
# 
_reflns.B_iso_Wilson_estimate            ? 
_reflns.entry_id                         5W61 
_reflns.data_reduction_details           ? 
_reflns.data_reduction_method            ? 
_reflns.d_resolution_high                2.3 
_reflns.d_resolution_low                 19.865 
_reflns.details                          ? 
_reflns.limit_h_max                      ? 
_reflns.limit_h_min                      ? 
_reflns.limit_k_max                      ? 
_reflns.limit_k_min                      ? 
_reflns.limit_l_max                      ? 
_reflns.limit_l_min                      ? 
_reflns.number_all                       ? 
_reflns.number_obs                       6609 
_reflns.observed_criterion               ? 
_reflns.observed_criterion_F_max         ? 
_reflns.observed_criterion_F_min         ? 
_reflns.observed_criterion_I_max         ? 
_reflns.observed_criterion_I_min         ? 
_reflns.observed_criterion_sigma_F       ? 
_reflns.observed_criterion_sigma_I       ? 
_reflns.percent_possible_obs             98 
_reflns.R_free_details                   ? 
_reflns.Rmerge_F_all                     ? 
_reflns.Rmerge_F_obs                     ? 
_reflns.Friedel_coverage                 ? 
_reflns.number_gt                        ? 
_reflns.threshold_expression             ? 
_reflns.pdbx_redundancy                  5.1 
_reflns.pdbx_Rmerge_I_obs                0.06036 
_reflns.pdbx_Rmerge_I_all                ? 
_reflns.pdbx_Rsym_value                  ? 
_reflns.pdbx_netI_over_av_sigmaI         ? 
_reflns.pdbx_netI_over_sigmaI            18.68 
_reflns.pdbx_res_netI_over_av_sigmaI_2   ? 
_reflns.pdbx_res_netI_over_sigmaI_2      ? 
_reflns.pdbx_chi_squared                 ? 
_reflns.pdbx_scaling_rejects             ? 
_reflns.pdbx_d_res_high_opt              ? 
_reflns.pdbx_d_res_low_opt               ? 
_reflns.pdbx_d_res_opt_method            ? 
_reflns.phase_calculation_details        ? 
_reflns.pdbx_Rrim_I_all                  ? 
_reflns.pdbx_Rpim_I_all                  ? 
_reflns.pdbx_d_opt                       ? 
_reflns.pdbx_number_measured_all         ? 
_reflns.pdbx_diffrn_id                   1 
_reflns.pdbx_ordinal                     1 
_reflns.pdbx_CC_half                     0.999 
_reflns.pdbx_R_split                     ? 
# 
_reflns_shell.d_res_high                  2.3 
_reflns_shell.d_res_low                   2.382 
_reflns_shell.meanI_over_sigI_all         ? 
_reflns_shell.meanI_over_sigI_obs         ? 
_reflns_shell.number_measured_all         ? 
_reflns_shell.number_measured_obs         ? 
_reflns_shell.number_possible             ? 
_reflns_shell.number_unique_all           ? 
_reflns_shell.number_unique_obs           ? 
_reflns_shell.percent_possible_all        ? 
_reflns_shell.percent_possible_obs        ? 
_reflns_shell.Rmerge_F_all                ? 
_reflns_shell.Rmerge_F_obs                ? 
_reflns_shell.Rmerge_I_all                ? 
_reflns_shell.Rmerge_I_obs                0.5948 
_reflns_shell.meanI_over_sigI_gt          ? 
_reflns_shell.meanI_over_uI_all           ? 
_reflns_shell.meanI_over_uI_gt            ? 
_reflns_shell.number_measured_gt          ? 
_reflns_shell.number_unique_gt            ? 
_reflns_shell.percent_possible_gt         ? 
_reflns_shell.Rmerge_F_gt                 ? 
_reflns_shell.Rmerge_I_gt                 ? 
_reflns_shell.pdbx_redundancy             ? 
_reflns_shell.pdbx_Rsym_value             ? 
_reflns_shell.pdbx_chi_squared            ? 
_reflns_shell.pdbx_netI_over_sigmaI_all   ? 
_reflns_shell.pdbx_netI_over_sigmaI_obs   ? 
_reflns_shell.pdbx_Rrim_I_all             ? 
_reflns_shell.pdbx_Rpim_I_all             ? 
_reflns_shell.pdbx_rejects                ? 
_reflns_shell.pdbx_ordinal                1 
_reflns_shell.pdbx_diffrn_id              1 
_reflns_shell.pdbx_CC_half                0.859 
_reflns_shell.pdbx_R_split                ? 
# 
_refine.aniso_B[1][1]                            ? 
_refine.aniso_B[1][2]                            ? 
_refine.aniso_B[1][3]                            ? 
_refine.aniso_B[2][2]                            ? 
_refine.aniso_B[2][3]                            ? 
_refine.aniso_B[3][3]                            ? 
_refine.B_iso_max                                ? 
_refine.B_iso_mean                               ? 
_refine.B_iso_min                                ? 
_refine.correlation_coeff_Fo_to_Fc               ? 
_refine.correlation_coeff_Fo_to_Fc_free          ? 
_refine.details                                  ? 
_refine.diff_density_max                         ? 
_refine.diff_density_max_esd                     ? 
_refine.diff_density_min                         ? 
_refine.diff_density_min_esd                     ? 
_refine.diff_density_rms                         ? 
_refine.diff_density_rms_esd                     ? 
_refine.entry_id                                 5W61 
_refine.pdbx_refine_id                           'X-RAY DIFFRACTION' 
_refine.ls_abs_structure_details                 ? 
_refine.ls_abs_structure_Flack                   ? 
_refine.ls_abs_structure_Flack_esd               ? 
_refine.ls_abs_structure_Rogers                  ? 
_refine.ls_abs_structure_Rogers_esd              ? 
_refine.ls_d_res_high                            2.300 
_refine.ls_d_res_low                             19.865 
_refine.ls_extinction_coef                       ? 
_refine.ls_extinction_coef_esd                   ? 
_refine.ls_extinction_expression                 ? 
_refine.ls_extinction_method                     ? 
_refine.ls_goodness_of_fit_all                   ? 
_refine.ls_goodness_of_fit_all_esd               ? 
_refine.ls_goodness_of_fit_obs                   ? 
_refine.ls_goodness_of_fit_obs_esd               ? 
_refine.ls_hydrogen_treatment                    ? 
_refine.ls_matrix_type                           ? 
_refine.ls_number_constraints                    ? 
_refine.ls_number_parameters                     ? 
_refine.ls_number_reflns_all                     ? 
_refine.ls_number_reflns_obs                     6609 
_refine.ls_number_reflns_R_free                  331 
_refine.ls_number_reflns_R_work                  ? 
_refine.ls_number_restraints                     ? 
_refine.ls_percent_reflns_obs                    98.07 
_refine.ls_percent_reflns_R_free                 5.01 
_refine.ls_R_factor_all                          ? 
_refine.ls_R_factor_obs                          0.2026 
_refine.ls_R_factor_R_free                       0.2521 
_refine.ls_R_factor_R_free_error                 ? 
_refine.ls_R_factor_R_free_error_details         ? 
_refine.ls_R_factor_R_work                       0.1998 
_refine.ls_R_Fsqd_factor_obs                     ? 
_refine.ls_R_I_factor_obs                        ? 
_refine.ls_redundancy_reflns_all                 ? 
_refine.ls_redundancy_reflns_obs                 ? 
_refine.ls_restrained_S_all                      ? 
_refine.ls_restrained_S_obs                      ? 
_refine.ls_shift_over_esd_max                    ? 
_refine.ls_shift_over_esd_mean                   ? 
_refine.ls_structure_factor_coef                 ? 
_refine.ls_weighting_details                     ? 
_refine.ls_weighting_scheme                      ? 
_refine.ls_wR_factor_all                         ? 
_refine.ls_wR_factor_obs                         ? 
_refine.ls_wR_factor_R_free                      ? 
_refine.ls_wR_factor_R_work                      ? 
_refine.occupancy_max                            ? 
_refine.occupancy_min                            ? 
_refine.solvent_model_details                    ? 
_refine.solvent_model_param_bsol                 ? 
_refine.solvent_model_param_ksol                 ? 
_refine.ls_R_factor_gt                           ? 
_refine.ls_goodness_of_fit_gt                    ? 
_refine.ls_goodness_of_fit_ref                   ? 
_refine.ls_shift_over_su_max                     ? 
_refine.ls_shift_over_su_max_lt                  ? 
_refine.ls_shift_over_su_mean                    ? 
_refine.ls_shift_over_su_mean_lt                 ? 
_refine.pdbx_ls_sigma_I                          ? 
_refine.pdbx_ls_sigma_F                          1.37 
_refine.pdbx_ls_sigma_Fsqd                       ? 
_refine.pdbx_data_cutoff_high_absF               ? 
_refine.pdbx_data_cutoff_high_rms_absF           ? 
_refine.pdbx_data_cutoff_low_absF                ? 
_refine.pdbx_isotropic_thermal_model             ? 
_refine.pdbx_ls_cross_valid_method               'FREE R-VALUE' 
_refine.pdbx_method_to_determine_struct          'MOLECULAR REPLACEMENT' 
_refine.pdbx_starting_model                      '4BD2, 5W60' 
_refine.pdbx_stereochemistry_target_values       ? 
_refine.pdbx_R_Free_selection_details            ? 
_refine.pdbx_stereochem_target_val_spec_case     ? 
_refine.pdbx_overall_ESU_R                       ? 
_refine.pdbx_overall_ESU_R_Free                  ? 
_refine.pdbx_solvent_vdw_probe_radii             1.11 
_refine.pdbx_solvent_ion_probe_radii             ? 
_refine.pdbx_solvent_shrinkage_radii             0.90 
_refine.pdbx_real_space_R                        ? 
_refine.pdbx_density_correlation                 ? 
_refine.pdbx_pd_number_of_powder_patterns        ? 
_refine.pdbx_pd_number_of_points                 ? 
_refine.pdbx_pd_meas_number_of_points            ? 
_refine.pdbx_pd_proc_ls_prof_R_factor            ? 
_refine.pdbx_pd_proc_ls_prof_wR_factor           ? 
_refine.pdbx_pd_Marquardt_correlation_coeff      ? 
_refine.pdbx_pd_Fsqrd_R_factor                   ? 
_refine.pdbx_pd_ls_matrix_band_width             ? 
_refine.pdbx_overall_phase_error                 28.59 
_refine.pdbx_overall_SU_R_free_Cruickshank_DPI   ? 
_refine.pdbx_overall_SU_R_free_Blow_DPI          ? 
_refine.pdbx_overall_SU_R_Blow_DPI               ? 
_refine.pdbx_TLS_residual_ADP_flag               ? 
_refine.pdbx_diffrn_id                           1 
_refine.overall_SU_B                             ? 
_refine.overall_SU_ML                            0.32 
_refine.overall_SU_R_Cruickshank_DPI             ? 
_refine.overall_SU_R_free                        ? 
_refine.overall_FOM_free_R_set                   ? 
_refine.overall_FOM_work_R_set                   ? 
_refine.pdbx_average_fsc_overall                 ? 
_refine.pdbx_average_fsc_work                    ? 
_refine.pdbx_average_fsc_free                    ? 
# 
_refine_hist.pdbx_refine_id                   'X-RAY DIFFRACTION' 
_refine_hist.cycle_id                         LAST 
_refine_hist.pdbx_number_atoms_protein        1260 
_refine_hist.pdbx_number_atoms_nucleic_acid   0 
_refine_hist.pdbx_number_atoms_ligand         0 
_refine_hist.number_atoms_solvent             19 
_refine_hist.number_atoms_total               1279 
_refine_hist.d_res_high                       2.300 
_refine_hist.d_res_low                        19.865 
# 
loop_
_refine_ls_restr.pdbx_refine_id 
_refine_ls_restr.criterion 
_refine_ls_restr.dev_ideal 
_refine_ls_restr.dev_ideal_target 
_refine_ls_restr.number 
_refine_ls_restr.rejects 
_refine_ls_restr.type 
_refine_ls_restr.weight 
_refine_ls_restr.pdbx_restraint_function 
'X-RAY DIFFRACTION' ? 0.008  ? 1286 ? f_bond_d           ? ? 
'X-RAY DIFFRACTION' ? 0.762  ? 1744 ? f_angle_d          ? ? 
'X-RAY DIFFRACTION' ? 11.561 ? 745  ? f_dihedral_angle_d ? ? 
'X-RAY DIFFRACTION' ? 0.045  ? 201  ? f_chiral_restr     ? ? 
'X-RAY DIFFRACTION' ? 0.005  ? 217  ? f_plane_restr      ? ? 
# 
loop_
_refine_ls_shell.pdbx_refine_id 
_refine_ls_shell.d_res_high 
_refine_ls_shell.d_res_low 
_refine_ls_shell.number_reflns_all 
_refine_ls_shell.number_reflns_obs 
_refine_ls_shell.number_reflns_R_free 
_refine_ls_shell.number_reflns_R_work 
_refine_ls_shell.percent_reflns_obs 
_refine_ls_shell.percent_reflns_R_free 
_refine_ls_shell.R_factor_all 
_refine_ls_shell.R_factor_obs 
_refine_ls_shell.R_factor_R_free 
_refine_ls_shell.R_factor_R_free_error 
_refine_ls_shell.R_factor_R_work 
_refine_ls_shell.redundancy_reflns_all 
_refine_ls_shell.redundancy_reflns_obs 
_refine_ls_shell.wR_factor_all 
_refine_ls_shell.wR_factor_obs 
_refine_ls_shell.wR_factor_R_free 
_refine_ls_shell.wR_factor_R_work 
_refine_ls_shell.pdbx_total_number_of_bins_used 
_refine_ls_shell.pdbx_phase_error 
_refine_ls_shell.pdbx_fsc_work 
_refine_ls_shell.pdbx_fsc_free 
'X-RAY DIFFRACTION' 2.3000 2.8963  . . 164 3109 99.00 . . . 0.2927 . 0.2243 . . . . . . . . . . 
'X-RAY DIFFRACTION' 2.8963 19.8658 . . 167 3169 97.00 . . . 0.2398 . 0.1921 . . . . . . . . . . 
# 
_struct.entry_id                     5W61 
_struct.title                        'Crystal structure of BAXP168G monomer co-crystallized with glycerol' 
_struct.pdbx_model_details           ? 
_struct.pdbx_formula_weight          ? 
_struct.pdbx_formula_weight_method   ? 
_struct.pdbx_model_type_details      ? 
_struct.pdbx_CASP_flag               N 
# 
_struct_keywords.entry_id        5W61 
_struct_keywords.text            'BAX, inactive monomer, APOPTOSIS' 
_struct_keywords.pdbx_keywords   APOPTOSIS 
# 
loop_
_struct_asym.id 
_struct_asym.pdbx_blank_PDB_chainid_flag 
_struct_asym.pdbx_modified 
_struct_asym.entity_id 
_struct_asym.details 
A N N 1 ? 
B N N 2 ? 
# 
loop_
_struct_conf.conf_type_id 
_struct_conf.id 
_struct_conf.pdbx_PDB_helix_id 
_struct_conf.beg_label_comp_id 
_struct_conf.beg_label_asym_id 
_struct_conf.beg_label_seq_id 
_struct_conf.pdbx_beg_PDB_ins_code 
_struct_conf.end_label_comp_id 
_struct_conf.end_label_asym_id 
_struct_conf.end_label_seq_id 
_struct_conf.pdbx_end_PDB_ins_code 
_struct_conf.beg_auth_comp_id 
_struct_conf.beg_auth_asym_id 
_struct_conf.beg_auth_seq_id 
_struct_conf.end_auth_comp_id 
_struct_conf.end_auth_asym_id 
_struct_conf.end_auth_seq_id 
_struct_conf.pdbx_PDB_helix_class 
_struct_conf.details 
_struct_conf.pdbx_PDB_helix_length 
HELX_P HELX_P1 AA1 SER A 15  ? ALA A 35  ? SER A 15  ALA A 35  1 ? 21 
HELX_P HELX_P2 AA2 ASP A 53  ? SER A 72  ? ASP A 53  SER A 72  1 ? 20 
HELX_P HELX_P3 AA3 ASN A 73  ? ALA A 81  ? ASN A 73  ALA A 81  1 ? 9  
HELX_P HELX_P4 AA4 SER A 87  ? SER A 101 ? SER A 87  SER A 101 1 ? 15 
HELX_P HELX_P5 AA5 ASN A 106 ? LEU A 125 ? ASN A 106 LEU A 125 1 ? 20 
HELX_P HELX_P6 AA6 GLU A 131 ? LEU A 148 ? GLU A 131 LEU A 148 1 ? 18 
HELX_P HELX_P7 AA7 LEU A 148 ? GLN A 155 ? LEU A 148 GLN A 155 1 ? 8  
HELX_P HELX_P8 AA8 TRP A 158 ? THR A 167 ? TRP A 158 THR A 167 1 ? 10 
HELX_P HELX_P9 AA9 THR A 169 ? TRP A 188 ? THR A 169 TRP A 188 1 ? 20 
# 
_struct_conf_type.id          HELX_P 
_struct_conf_type.criteria    ? 
_struct_conf_type.reference   ? 
# 
_atom_sites.entry_id                    5W61 
_atom_sites.fract_transf_matrix[1][1]   0.00667168 
_atom_sites.fract_transf_matrix[1][2]   0.00509602 
_atom_sites.fract_transf_matrix[1][3]   0.02183893 
_atom_sites.fract_transf_matrix[2][1]   0.01313201 
_atom_sites.fract_transf_matrix[2][2]   0.01129930 
_atom_sites.fract_transf_matrix[2][3]   -0.00664840 
_atom_sites.fract_transf_matrix[3][1]   -0.01040926 
_atom_sites.fract_transf_matrix[3][2]   0.01228232 
_atom_sites.fract_transf_matrix[3][3]   0.00031394 
_atom_sites.fract_transf_vector[1]      -0.312653 
_atom_sites.fract_transf_vector[2]      0.003043 
_atom_sites.fract_transf_vector[3]      -0.185088 
# 
loop_
_atom_type.symbol 
C 
N 
O 
S 
# 
loop_
_atom_site.group_PDB 
_atom_site.id 
_atom_site.type_symbol 
_atom_site.label_atom_id 
_atom_site.label_alt_id 
_atom_site.label_comp_id 
_atom_site.label_asym_id 
_atom_site.label_entity_id 
_atom_site.label_seq_id 
_atom_site.pdbx_PDB_ins_code 
_atom_site.Cartn_x 
_atom_site.Cartn_y 
_atom_site.Cartn_z 
_atom_site.occupancy 
_atom_site.B_iso_or_equiv 
_atom_site.pdbx_formal_charge 
_atom_site.auth_seq_id 
_atom_site.auth_comp_id 
_atom_site.auth_asym_id 
_atom_site.auth_atom_id 
_atom_site.pdbx_PDB_model_num 
ATOM   1    N N   . GLY A 1 12  ? -7.139  5.456   20.878  1.00 55.95  ? 12  GLY A N   1 
ATOM   2    C CA  . GLY A 1 12  ? -5.892  4.703   20.846  1.00 58.34  ? 12  GLY A CA  1 
ATOM   3    C C   . GLY A 1 12  ? -5.651  4.048   19.500  1.00 58.78  ? 12  GLY A C   1 
ATOM   4    O O   . GLY A 1 12  ? -6.569  3.983   18.671  1.00 62.94  ? 12  GLY A O   1 
ATOM   5    N N   . PRO A 1 13  ? -4.436  3.537   19.282  1.00 60.01  ? 13  PRO A N   1 
ATOM   6    C CA  . PRO A 1 13  ? -4.055  3.086   17.933  1.00 58.02  ? 13  PRO A CA  1 
ATOM   7    C C   . PRO A 1 13  ? -4.775  1.835   17.461  1.00 55.51  ? 13  PRO A C   1 
ATOM   8    O O   . PRO A 1 13  ? -4.629  1.485   16.284  1.00 55.37  ? 13  PRO A O   1 
ATOM   9    C CB  . PRO A 1 13  ? -2.555  2.835   18.062  1.00 58.71  ? 13  PRO A CB  1 
ATOM   10   C CG  . PRO A 1 13  ? -2.405  2.408   19.496  1.00 64.95  ? 13  PRO A CG  1 
ATOM   11   C CD  . PRO A 1 13  ? -3.385  3.244   20.274  1.00 64.18  ? 13  PRO A CD  1 
ATOM   12   N N   . THR A 1 14  ? -5.538  1.155   18.314  1.00 55.28  ? 14  THR A N   1 
ATOM   13   C CA  . THR A 1 14  ? -6.361  0.033   17.878  1.00 52.91  ? 14  THR A CA  1 
ATOM   14   C C   . THR A 1 14  ? -7.790  0.448   17.553  1.00 52.92  ? 14  THR A C   1 
ATOM   15   O O   . THR A 1 14  ? -8.568  -0.385  17.070  1.00 50.41  ? 14  THR A O   1 
ATOM   16   C CB  . THR A 1 14  ? -6.381  -1.069  18.946  1.00 60.52  ? 14  THR A CB  1 
ATOM   17   O OG1 . THR A 1 14  ? -7.243  -0.683  20.032  1.00 58.07  ? 14  THR A OG1 1 
ATOM   18   C CG2 . THR A 1 14  ? -4.949  -1.344  19.468  1.00 59.81  ? 14  THR A CG2 1 
ATOM   19   N N   . SER A 1 15  ? -8.148  1.705   17.804  1.00 49.89  ? 15  SER A N   1 
ATOM   20   C CA  . SER A 1 15  ? -9.481  2.175   17.459  1.00 51.23  ? 15  SER A CA  1 
ATOM   21   C C   . SER A 1 15  ? -9.621  2.271   15.947  1.00 47.05  ? 15  SER A C   1 
ATOM   22   O O   . SER A 1 15  ? -8.730  2.776   15.258  1.00 49.61  ? 15  SER A O   1 
ATOM   23   C CB  . SER A 1 15  ? -9.755  3.531   18.109  1.00 48.18  ? 15  SER A CB  1 
ATOM   24   O OG  . SER A 1 15  ? -9.464  4.604   17.230  1.00 48.53  ? 15  SER A OG  1 
ATOM   25   N N   . SER A 1 16  ? -10.745 1.777   15.430  1.00 43.32  ? 16  SER A N   1 
ATOM   26   C CA  . SER A 1 16  ? -10.943 1.769   13.985  1.00 46.94  ? 16  SER A CA  1 
ATOM   27   C C   . SER A 1 16  ? -10.786 3.164   13.396  1.00 45.20  ? 16  SER A C   1 
ATOM   28   O O   . SER A 1 16  ? -10.228 3.329   12.302  1.00 41.71  ? 16  SER A O   1 
ATOM   29   C CB  . SER A 1 16  ? -12.319 1.208   13.654  1.00 50.91  ? 16  SER A CB  1 
ATOM   30   O OG  . SER A 1 16  ? -13.329 2.087   14.116  1.00 55.01  ? 16  SER A OG  1 
ATOM   31   N N   . GLU A 1 17  ? -11.254 4.182   14.122  1.00 44.32  ? 17  GLU A N   1 
ATOM   32   C CA  . GLU A 1 17  ? -11.166 5.553   13.638  1.00 41.30  ? 17  GLU A CA  1 
ATOM   33   C C   . GLU A 1 17  ? -9.720  6.021   13.536  1.00 42.58  ? 17  GLU A C   1 
ATOM   34   O O   . GLU A 1 17  ? -9.376  6.777   12.611  1.00 40.23  ? 17  GLU A O   1 
ATOM   35   C CB  . GLU A 1 17  ? -11.967 6.471   14.564  1.00 38.33  ? 17  GLU A CB  1 
ATOM   36   C CG  . GLU A 1 17  ? -12.006 7.937   14.161  1.00 35.13  ? 17  GLU A CG  1 
ATOM   37   C CD  . GLU A 1 17  ? -12.813 8.776   15.159  1.00 41.46  ? 17  GLU A CD  1 
ATOM   38   O OE1 . GLU A 1 17  ? -14.033 8.496   15.344  1.00 33.80  ? 17  GLU A OE1 1 
ATOM   39   O OE2 . GLU A 1 17  ? -12.218 9.695   15.772  1.00 37.80  ? 17  GLU A OE2 1 
ATOM   40   N N   . GLN A 1 18  ? -8.864  5.594   14.474  1.00 41.64  ? 18  GLN A N   1 
ATOM   41   C CA  . GLN A 1 18  ? -7.461  5.980   14.397  1.00 44.12  ? 18  GLN A CA  1 
ATOM   42   C C   . GLN A 1 18  ? -6.765  5.243   13.260  1.00 40.91  ? 18  GLN A C   1 
ATOM   43   O O   . GLN A 1 18  ? -5.914  5.813   12.572  1.00 39.27  ? 18  GLN A O   1 
ATOM   44   C CB  . GLN A 1 18  ? -6.759  5.711   15.731  1.00 47.38  ? 18  GLN A CB  1 
ATOM   45   C CG  . GLN A 1 18  ? -5.283  6.111   15.731  1.00 51.08  ? 18  GLN A CG  1 
ATOM   46   C CD  . GLN A 1 18  ? -5.105  7.601   15.515  1.00 54.64  ? 18  GLN A CD  1 
ATOM   47   O OE1 . GLN A 1 18  ? -5.686  8.413   16.241  1.00 58.28  ? 18  GLN A OE1 1 
ATOM   48   N NE2 . GLN A 1 18  ? -4.312  7.975   14.506  1.00 51.07  ? 18  GLN A NE2 1 
ATOM   49   N N   . ILE A 1 19  ? -7.142  3.986   13.040  1.00 41.17  ? 19  ILE A N   1 
ATOM   50   C CA  . ILE A 1 19  ? -6.498  3.180   12.013  1.00 39.24  ? 19  ILE A CA  1 
ATOM   51   C C   . ILE A 1 19  ? -6.817  3.747   10.646  1.00 38.89  ? 19  ILE A C   1 
ATOM   52   O O   . ILE A 1 19  ? -5.939  3.835   9.772   1.00 36.35  ? 19  ILE A O   1 
ATOM   53   C CB  . ILE A 1 19  ? -6.936  1.711   12.152  1.00 36.52  ? 19  ILE A CB  1 
ATOM   54   C CG1 . ILE A 1 19  ? -6.415  1.146   13.464  1.00 39.87  ? 19  ILE A CG1 1 
ATOM   55   C CG2 . ILE A 1 19  ? -6.465  0.877   10.974  1.00 36.41  ? 19  ILE A CG2 1 
ATOM   56   C CD1 . ILE A 1 19  ? -6.934  -0.223  13.783  1.00 41.04  ? 19  ILE A CD1 1 
ATOM   57   N N   . MET A 1 20  ? -8.067  4.192   10.458  1.00 36.72  ? 20  MET A N   1 
ATOM   58   C CA  . MET A 1 20  ? -8.441  4.787   9.187   1.00 34.07  ? 20  MET A CA  1 
ATOM   59   C C   . MET A 1 20  ? -7.714  6.092   8.979   1.00 33.76  ? 20  MET A C   1 
ATOM   60   O O   . MET A 1 20  ? -7.312  6.411   7.858   1.00 36.02  ? 20  MET A O   1 
ATOM   61   C CB  . MET A 1 20  ? -9.953  5.008   9.104   1.00 35.27  ? 20  MET A CB  1 
ATOM   62   C CG  . MET A 1 20  ? -10.737 3.731   8.913   1.00 39.39  ? 20  MET A CG  1 
ATOM   63   S SD  . MET A 1 20  ? -9.947  2.625   7.717   1.00 39.23  ? 20  MET A SD  1 
ATOM   64   C CE  . MET A 1 20  ? -10.006 3.629   6.216   1.00 38.85  ? 20  MET A CE  1 
ATOM   65   N N   . LYS A 1 21  ? -7.529  6.865   10.041  1.00 33.88  ? 21  LYS A N   1 
ATOM   66   C CA  . LYS A 1 21  ? -6.963  8.190   9.844   1.00 36.98  ? 21  LYS A CA  1 
ATOM   67   C C   . LYS A 1 21  ? -5.483  8.089   9.540   1.00 37.63  ? 21  LYS A C   1 
ATOM   68   O O   . LYS A 1 21  ? -4.999  8.638   8.546   1.00 39.05  ? 21  LYS A O   1 
ATOM   69   C CB  . LYS A 1 21  ? -7.205  9.062   11.074  1.00 40.84  ? 21  LYS A CB  1 
ATOM   70   C CG  . LYS A 1 21  ? -6.497  10.400  11.007  1.00 39.39  ? 21  LYS A CG  1 
ATOM   71   C CD  . LYS A 1 21  ? -6.817  11.247  12.234  1.00 41.26  ? 21  LYS A CD  1 
ATOM   72   C CE  . LYS A 1 21  ? -6.145  12.604  12.173  1.00 41.35  ? 21  LYS A CE  1 
ATOM   73   N NZ  . LYS A 1 21  ? -6.448  13.347  13.413  1.00 48.14  ? 21  LYS A NZ  1 
ATOM   74   N N   . THR A 1 22  ? -4.757  7.359   10.380  1.00 37.57  ? 22  THR A N   1 
ATOM   75   C CA  . THR A 1 22  ? -3.355  7.091   10.117  1.00 36.64  ? 22  THR A CA  1 
ATOM   76   C C   . THR A 1 22  ? -3.158  6.461   8.740   1.00 36.94  ? 22  THR A C   1 
ATOM   77   O O   . THR A 1 22  ? -2.164  6.739   8.053   1.00 36.29  ? 22  THR A O   1 
ATOM   78   C CB  . THR A 1 22  ? -2.825  6.180   11.216  1.00 38.70  ? 22  THR A CB  1 
ATOM   79   O OG1 . THR A 1 22  ? -2.939  6.864   12.473  1.00 37.85  ? 22  THR A OG1 1 
ATOM   80   C CG2 . THR A 1 22  ? -1.362  5.774   10.939  1.00 35.62  ? 22  THR A CG2 1 
ATOM   81   N N   . GLY A 1 23  ? -4.108  5.638   8.308   1.00 34.78  ? 23  GLY A N   1 
ATOM   82   C CA  . GLY A 1 23  ? -3.963  4.981   7.024   1.00 34.00  ? 23  GLY A CA  1 
ATOM   83   C C   . GLY A 1 23  ? -4.047  5.958   5.879   1.00 33.20  ? 23  GLY A C   1 
ATOM   84   O O   . GLY A 1 23  ? -3.230  5.912   4.958   1.00 30.18  ? 23  GLY A O   1 
ATOM   85   N N   . ALA A 1 24  ? -5.029  6.866   5.930   1.00 36.46  ? 24  ALA A N   1 
ATOM   86   C CA  . ALA A 1 24  ? -5.145  7.917   4.929   1.00 34.30  ? 24  ALA A CA  1 
ATOM   87   C C   . ALA A 1 24  ? -3.881  8.754   4.891   1.00 34.07  ? 24  ALA A C   1 
ATOM   88   O O   . ALA A 1 24  ? -3.334  9.022   3.814   1.00 33.84  ? 24  ALA A O   1 
ATOM   89   C CB  . ALA A 1 24  ? -6.373  8.795   5.220   1.00 34.54  ? 24  ALA A CB  1 
ATOM   90   N N   . LEU A 1 25  ? -3.379  9.153   6.063   1.00 35.08  ? 25  LEU A N   1 
ATOM   91   C CA  . LEU A 1 25  ? -2.181  9.994   6.096   1.00 35.83  ? 25  LEU A CA  1 
ATOM   92   C C   . LEU A 1 25  ? -0.983  9.267   5.499   1.00 36.17  ? 25  LEU A C   1 
ATOM   93   O O   . LEU A 1 25  ? -0.253  9.837   4.679   1.00 37.56  ? 25  LEU A O   1 
ATOM   94   C CB  . LEU A 1 25  ? -1.863  10.440  7.523   1.00 41.52  ? 25  LEU A CB  1 
ATOM   95   C CG  . LEU A 1 25  ? -3.011  10.947  8.398   1.00 44.00  ? 25  LEU A CG  1 
ATOM   96   C CD1 . LEU A 1 25  ? -2.520  11.569  9.701   1.00 45.69  ? 25  LEU A CD1 1 
ATOM   97   C CD2 . LEU A 1 25  ? -3.893  11.925  7.626   1.00 52.39  ? 25  LEU A CD2 1 
ATOM   98   N N   . LEU A 1 26  ? -0.753  8.008   5.908   1.00 31.58  ? 26  LEU A N   1 
ATOM   99   C CA  . LEU A 1 26  ? 0.352   7.259   5.319   1.00 35.05  ? 26  LEU A CA  1 
ATOM   100  C C   . LEU A 1 26  ? 0.178   7.128   3.814   1.00 35.11  ? 26  LEU A C   1 
ATOM   101  O O   . LEU A 1 26  ? 1.138   7.288   3.059   1.00 35.25  ? 26  LEU A O   1 
ATOM   102  C CB  . LEU A 1 26  ? 0.478   5.871   5.950   1.00 35.25  ? 26  LEU A CB  1 
ATOM   103  C CG  . LEU A 1 26  ? 0.851   5.804   7.433   1.00 34.42  ? 26  LEU A CG  1 
ATOM   104  C CD1 . LEU A 1 26  ? 0.631   4.404   7.987   1.00 34.33  ? 26  LEU A CD1 1 
ATOM   105  C CD2 . LEU A 1 26  ? 2.272   6.232   7.608   1.00 43.56  ? 26  LEU A CD2 1 
ATOM   106  N N   . LEU A 1 27  ? -1.043  6.844   3.355   1.00 33.28  ? 27  LEU A N   1 
ATOM   107  C CA  . LEU A 1 27  ? -1.254  6.646   1.925   1.00 34.19  ? 27  LEU A CA  1 
ATOM   108  C C   . LEU A 1 27  ? -1.020  7.939   1.144   1.00 38.75  ? 27  LEU A C   1 
ATOM   109  O O   . LEU A 1 27  ? -0.306  7.943   0.137   1.00 32.40  ? 27  LEU A O   1 
ATOM   110  C CB  . LEU A 1 27  ? -2.657  6.105   1.669   1.00 32.07  ? 27  LEU A CB  1 
ATOM   111  C CG  . LEU A 1 27  ? -2.962  5.818   0.205   1.00 31.27  ? 27  LEU A CG  1 
ATOM   112  C CD1 . LEU A 1 27  ? -2.005  4.793   -0.339  1.00 29.05  ? 27  LEU A CD1 1 
ATOM   113  C CD2 . LEU A 1 27  ? -4.369  5.326   0.075   1.00 37.42  ? 27  LEU A CD2 1 
ATOM   114  N N   . GLN A 1 28  ? -1.618  9.045   1.599   1.00 40.12  ? 28  GLN A N   1 
ATOM   115  C CA  . GLN A 1 28  ? -1.419  10.342  0.957   1.00 41.77  ? 28  GLN A CA  1 
ATOM   116  C C   . GLN A 1 28  ? 0.047   10.743  0.943   1.00 43.09  ? 28  GLN A C   1 
ATOM   117  O O   . GLN A 1 28  ? 0.582   11.138  -0.097  1.00 45.88  ? 28  GLN A O   1 
ATOM   118  C CB  . GLN A 1 28  ? -2.246  11.402  1.671   1.00 49.57  ? 28  GLN A CB  1 
ATOM   119  C CG  . GLN A 1 28  ? -1.688  12.804  1.595   1.00 53.12  ? 28  GLN A CG  1 
ATOM   120  C CD  . GLN A 1 28  ? -2.665  13.806  2.174   1.00 71.09  ? 28  GLN A CD  1 
ATOM   121  O OE1 . GLN A 1 28  ? -3.829  13.850  1.775   1.00 66.70  ? 28  GLN A OE1 1 
ATOM   122  N NE2 . GLN A 1 28  ? -2.207  14.595  3.137   1.00 82.73  ? 28  GLN A NE2 1 
ATOM   123  N N   . GLY A 1 29  ? 0.713   10.664  2.097   1.00 42.65  ? 29  GLY A N   1 
ATOM   124  C CA  . GLY A 1 29  ? 2.121   11.017  2.142   1.00 45.24  ? 29  GLY A CA  1 
ATOM   125  C C   . GLY A 1 29  ? 2.974   10.133  1.256   1.00 49.37  ? 29  GLY A C   1 
ATOM   126  O O   . GLY A 1 29  ? 3.961   10.594  0.674   1.00 55.09  ? 29  GLY A O   1 
ATOM   127  N N   . PHE A 1 30  ? 2.593   8.867   1.121   1.00 41.06  ? 30  PHE A N   1 
ATOM   128  C CA  . PHE A 1 30  ? 3.336   7.952   0.268   1.00 47.41  ? 30  PHE A CA  1 
ATOM   129  C C   . PHE A 1 30  ? 3.112   8.250   -1.208  1.00 54.74  ? 30  PHE A C   1 
ATOM   130  O O   . PHE A 1 30  ? 4.038   8.124   -2.015  1.00 55.50  ? 30  PHE A O   1 
ATOM   131  C CB  . PHE A 1 30  ? 2.933   6.517   0.565   1.00 43.58  ? 30  PHE A CB  1 
ATOM   132  C CG  . PHE A 1 30  ? 3.662   5.513   -0.260  1.00 47.71  ? 30  PHE A CG  1 
ATOM   133  C CD1 . PHE A 1 30  ? 5.040   5.367   -0.133  1.00 51.47  ? 30  PHE A CD1 1 
ATOM   134  C CD2 . PHE A 1 30  ? 2.978   4.706   -1.146  1.00 43.47  ? 30  PHE A CD2 1 
ATOM   135  C CE1 . PHE A 1 30  ? 5.725   4.432   -0.881  1.00 55.91  ? 30  PHE A CE1 1 
ATOM   136  C CE2 . PHE A 1 30  ? 3.649   3.765   -1.899  1.00 47.66  ? 30  PHE A CE2 1 
ATOM   137  C CZ  . PHE A 1 30  ? 5.025   3.622   -1.770  1.00 49.76  ? 30  PHE A CZ  1 
ATOM   138  N N   . ILE A 1 31  ? 1.887   8.622   -1.589  1.00 51.51  ? 31  ILE A N   1 
ATOM   139  C CA  . ILE A 1 31  ? 1.632   8.946   -2.991  1.00 56.98  ? 31  ILE A CA  1 
ATOM   140  C C   . ILE A 1 31  ? 2.367   10.221  -3.424  1.00 62.11  ? 31  ILE A C   1 
ATOM   141  O O   . ILE A 1 31  ? 2.758   10.345  -4.590  1.00 64.22  ? 31  ILE A O   1 
ATOM   142  C CB  . ILE A 1 31  ? 0.121   9.044   -3.238  1.00 47.09  ? 31  ILE A CB  1 
ATOM   143  C CG1 . ILE A 1 31  ? -0.524  7.701   -2.961  1.00 45.48  ? 31  ILE A CG1 1 
ATOM   144  C CG2 . ILE A 1 31  ? -0.161  9.420   -4.668  1.00 47.78  ? 31  ILE A CG2 1 
ATOM   145  C CD1 . ILE A 1 31  ? -2.001  7.796   -2.830  1.00 38.81  ? 31  ILE A CD1 1 
ATOM   146  N N   . GLN A 1 32  ? 2.597   11.170  -2.511  1.00 62.84  ? 32  GLN A N   1 
ATOM   147  C CA  . GLN A 1 32  ? 3.378   12.353  -2.867  1.00 74.75  ? 32  GLN A CA  1 
ATOM   148  C C   . GLN A 1 32  ? 4.868   12.065  -3.048  1.00 89.80  ? 32  GLN A C   1 
ATOM   149  O O   . GLN A 1 32  ? 5.557   12.859  -3.695  1.00 107.54 ? 32  GLN A O   1 
ATOM   150  C CB  . GLN A 1 32  ? 3.189   13.446  -1.821  1.00 76.38  ? 32  GLN A CB  1 
ATOM   151  C CG  . GLN A 1 32  ? 1.817   14.072  -1.851  1.00 84.16  ? 32  GLN A CG  1 
ATOM   152  C CD  . GLN A 1 32  ? 1.809   15.461  -1.252  1.00 98.75  ? 32  GLN A CD  1 
ATOM   153  O OE1 . GLN A 1 32  ? 2.275   15.666  -0.132  1.00 100.78 ? 32  GLN A OE1 1 
ATOM   154  N NE2 . GLN A 1 32  ? 1.293   16.430  -2.005  1.00 103.53 ? 32  GLN A NE2 1 
ATOM   155  N N   . ASP A 1 33  ? 5.385   10.965  -2.496  1.00 87.65  ? 33  ASP A N   1 
ATOM   156  C CA  . ASP A 1 33  ? 6.756   10.557  -2.792  1.00 86.61  ? 33  ASP A CA  1 
ATOM   157  C C   . ASP A 1 33  ? 6.904   10.174  -4.258  1.00 83.25  ? 33  ASP A C   1 
ATOM   158  O O   . ASP A 1 33  ? 7.689   10.781  -4.994  1.00 90.88  ? 33  ASP A O   1 
ATOM   159  C CB  . ASP A 1 33  ? 7.176   9.379   -1.903  1.00 100.37 ? 33  ASP A CB  1 
ATOM   160  C CG  . ASP A 1 33  ? 7.389   9.775   -0.453  1.00 111.68 ? 33  ASP A CG  1 
ATOM   161  O OD1 . ASP A 1 33  ? 7.530   10.988  -0.186  1.00 115.06 ? 33  ASP A OD1 1 
ATOM   162  O OD2 . ASP A 1 33  ? 7.429   8.871   0.414   1.00 113.16 ? 33  ASP A OD2 1 
ATOM   163  N N   . ARG A 1 34  ? 6.145   9.162   -4.699  1.00 77.34  ? 34  ARG A N   1 
ATOM   164  C CA  . ARG A 1 34  ? 6.348   8.580   -6.023  1.00 75.49  ? 34  ARG A CA  1 
ATOM   165  C C   . ARG A 1 34  ? 6.049   9.583   -7.134  1.00 75.68  ? 34  ARG A C   1 
ATOM   166  O O   . ARG A 1 34  ? 6.684   9.540   -8.195  1.00 80.17  ? 34  ARG A O   1 
ATOM   167  C CB  . ARG A 1 34  ? 5.497   7.312   -6.178  1.00 75.91  ? 34  ARG A CB  1 
ATOM   168  C CG  . ARG A 1 34  ? 5.797   6.183   -5.150  1.00 70.85  ? 34  ARG A CG  1 
ATOM   169  C CD  . ARG A 1 34  ? 7.173   5.516   -5.362  1.00 60.25  ? 34  ARG A CD  1 
ATOM   170  N NE  . ARG A 1 34  ? 7.713   4.984   -4.111  1.00 62.91  ? 34  ARG A NE  1 
ATOM   171  C CZ  . ARG A 1 34  ? 8.460   5.689   -3.263  1.00 66.63  ? 34  ARG A CZ  1 
ATOM   172  N NH1 . ARG A 1 34  ? 8.766   6.954   -3.534  1.00 72.09  ? 34  ARG A NH1 1 
ATOM   173  N NH2 . ARG A 1 34  ? 8.900   5.142   -2.137  1.00 65.63  ? 34  ARG A NH2 1 
ATOM   174  N N   . ALA A 1 35  ? 5.097   10.488  -6.917  1.00 72.32  ? 35  ALA A N   1 
ATOM   175  C CA  . ALA A 1 35  ? 4.857   11.570  -7.869  1.00 75.66  ? 35  ALA A CA  1 
ATOM   176  C C   . ALA A 1 35  ? 5.551   12.851  -7.418  1.00 74.79  ? 35  ALA A C   1 
ATOM   177  O O   . ALA A 1 35  ? 6.776   12.966  -7.492  1.00 67.39  ? 35  ALA A O   1 
ATOM   178  C CB  . ALA A 1 35  ? 3.379   11.808  -8.043  1.00 70.14  ? 35  ALA A CB  1 
ATOM   179  N N   . LEU A 1 47  ? -4.889  18.139  -2.000  1.00 105.92 ? 47  LEU A N   1 
ATOM   180  C CA  . LEU A 1 47  ? -5.349  17.859  -0.642  1.00 98.87  ? 47  LEU A CA  1 
ATOM   181  C C   . LEU A 1 47  ? -4.222  18.091  0.367   1.00 107.45 ? 47  LEU A C   1 
ATOM   182  O O   . LEU A 1 47  ? -3.107  17.603  0.182   1.00 109.93 ? 47  LEU A O   1 
ATOM   183  C CB  . LEU A 1 47  ? -5.886  16.429  -0.555  1.00 90.81  ? 47  LEU A CB  1 
ATOM   184  C CG  . LEU A 1 47  ? -6.243  15.794  0.791   1.00 84.08  ? 47  LEU A CG  1 
ATOM   185  C CD1 . LEU A 1 47  ? -6.998  16.724  1.732   1.00 80.78  ? 47  LEU A CD1 1 
ATOM   186  C CD2 . LEU A 1 47  ? -7.072  14.567  0.498   1.00 77.09  ? 47  LEU A CD2 1 
ATOM   187  N N   . ASP A 1 48  ? -4.533  18.840  1.452   1.00 109.71 ? 48  ASP A N   1 
ATOM   188  C CA  . ASP A 1 48  ? -3.530  19.395  2.355   1.00 108.06 ? 48  ASP A CA  1 
ATOM   189  C C   . ASP A 1 48  ? -3.055  18.352  3.367   1.00 112.21 ? 48  ASP A C   1 
ATOM   190  O O   . ASP A 1 48  ? -3.857  17.554  3.868   1.00 107.33 ? 48  ASP A O   1 
ATOM   191  C CB  . ASP A 1 48  ? -4.086  20.609  3.095   1.00 103.44 ? 48  ASP A CB  1 
ATOM   192  C CG  . ASP A 1 48  ? -5.157  20.242  4.108   1.00 101.44 ? 48  ASP A CG  1 
ATOM   193  O OD1 . ASP A 1 48  ? -4.791  19.910  5.256   1.00 105.49 ? 48  ASP A OD1 1 
ATOM   194  O OD2 . ASP A 1 48  ? -6.359  20.294  3.765   1.00 94.49  ? 48  ASP A OD2 1 
ATOM   195  N N   . PRO A 1 49  ? -1.755  18.346  3.691   1.00 118.83 ? 49  PRO A N   1 
ATOM   196  C CA  . PRO A 1 49  ? -1.244  17.396  4.683   1.00 121.31 ? 49  PRO A CA  1 
ATOM   197  C C   . PRO A 1 49  ? -1.642  17.779  6.096   1.00 121.14 ? 49  PRO A C   1 
ATOM   198  O O   . PRO A 1 49  ? -1.012  18.639  6.720   1.00 125.96 ? 49  PRO A O   1 
ATOM   199  C CB  . PRO A 1 49  ? 0.275   17.473  4.491   1.00 123.82 ? 49  PRO A CB  1 
ATOM   200  C CG  . PRO A 1 49  ? 0.505   18.863  4.013   1.00 124.79 ? 49  PRO A CG  1 
ATOM   201  C CD  . PRO A 1 49  ? -0.683  19.199  3.144   1.00 125.33 ? 49  PRO A CD  1 
ATOM   202  N N   . VAL A 1 50  ? -2.699  17.160  6.598   1.00 117.86 ? 50  VAL A N   1 
ATOM   203  C CA  . VAL A 1 50  ? -3.039  17.334  8.016   1.00 117.82 ? 50  VAL A CA  1 
ATOM   204  C C   . VAL A 1 50  ? -1.892  16.805  8.865   1.00 120.13 ? 50  VAL A C   1 
ATOM   205  O O   . VAL A 1 50  ? -1.233  15.823  8.471   1.00 116.35 ? 50  VAL A O   1 
ATOM   206  C CB  . VAL A 1 50  ? -4.368  16.627  8.327   1.00 101.66 ? 50  VAL A CB  1 
ATOM   207  C CG1 . VAL A 1 50  ? -5.535  17.492  7.894   1.00 83.07  ? 50  VAL A CG1 1 
ATOM   208  C CG2 . VAL A 1 50  ? -4.460  15.321  7.587   1.00 95.52  ? 50  VAL A CG2 1 
ATOM   209  N N   . PRO A 1 51  ? -1.571  17.434  10.005  1.00 122.65 ? 51  PRO A N   1 
ATOM   210  C CA  . PRO A 1 51  ? -0.313  17.138  10.711  1.00 121.67 ? 51  PRO A CA  1 
ATOM   211  C C   . PRO A 1 51  ? -0.184  15.692  11.187  1.00 118.04 ? 51  PRO A C   1 
ATOM   212  O O   . PRO A 1 51  ? -1.152  14.931  11.240  1.00 117.02 ? 51  PRO A O   1 
ATOM   213  C CB  . PRO A 1 51  ? -0.343  18.107  11.898  1.00 127.41 ? 51  PRO A CB  1 
ATOM   214  C CG  . PRO A 1 51  ? -1.187  19.250  11.418  1.00 125.54 ? 51  PRO A CG  1 
ATOM   215  C CD  . PRO A 1 51  ? -2.245  18.629  10.549  1.00 119.58 ? 51  PRO A CD  1 
ATOM   216  N N   . GLN A 1 52  ? 1.047   15.329  11.565  1.00 118.62 ? 52  GLN A N   1 
ATOM   217  C CA  . GLN A 1 52  ? 1.455   13.946  11.797  1.00 116.27 ? 52  GLN A CA  1 
ATOM   218  C C   . GLN A 1 52  ? 2.072   13.759  13.186  1.00 112.67 ? 52  GLN A C   1 
ATOM   219  O O   . GLN A 1 52  ? 2.354   14.720  13.907  1.00 114.70 ? 52  GLN A O   1 
ATOM   220  C CB  . GLN A 1 52  ? 2.451   13.487  10.716  1.00 114.48 ? 52  GLN A CB  1 
ATOM   221  C CG  . GLN A 1 52  ? 1.837   13.205  9.341   1.00 111.35 ? 52  GLN A CG  1 
ATOM   222  C CD  . GLN A 1 52  ? 1.572   14.464  8.532   1.00 115.64 ? 52  GLN A CD  1 
ATOM   223  O OE1 . GLN A 1 52  ? 1.876   15.575  8.967   1.00 115.91 ? 52  GLN A OE1 1 
ATOM   224  N NE2 . GLN A 1 52  ? 1.009   14.291  7.343   1.00 113.13 ? 52  GLN A NE2 1 
ATOM   225  N N   . ASP A 1 53  ? 2.282   12.486  13.551  1.00 108.25 ? 53  ASP A N   1 
ATOM   226  C CA  . ASP A 1 53  ? 2.859   12.039  14.817  1.00 103.70 ? 53  ASP A CA  1 
ATOM   227  C C   . ASP A 1 53  ? 4.239   11.423  14.602  1.00 95.66  ? 53  ASP A C   1 
ATOM   228  O O   . ASP A 1 53  ? 4.798   11.433  13.500  1.00 93.66  ? 53  ASP A O   1 
ATOM   229  C CB  . ASP A 1 53  ? 1.951   11.019  15.507  1.00 103.76 ? 53  ASP A CB  1 
ATOM   230  C CG  . ASP A 1 53  ? 0.611   11.598  15.890  1.00 113.95 ? 53  ASP A CG  1 
ATOM   231  O OD1 . ASP A 1 53  ? 0.475   12.840  15.900  1.00 117.20 ? 53  ASP A OD1 1 
ATOM   232  O OD2 . ASP A 1 53  ? -0.309  10.809  16.186  1.00 118.79 ? 53  ASP A OD2 1 
ATOM   233  N N   . ALA A 1 54  ? 4.780   10.848  15.679  1.00 95.79  ? 54  ALA A N   1 
ATOM   234  C CA  . ALA A 1 54  ? 6.158   10.367  15.656  1.00 92.96  ? 54  ALA A CA  1 
ATOM   235  C C   . ALA A 1 54  ? 6.260   8.976   15.036  1.00 87.42  ? 54  ALA A C   1 
ATOM   236  O O   . ALA A 1 54  ? 7.138   8.723   14.200  1.00 83.38  ? 54  ALA A O   1 
ATOM   237  C CB  . ALA A 1 54  ? 6.734   10.370  17.073  1.00 99.39  ? 54  ALA A CB  1 
ATOM   238  N N   . SER A 1 55  ? 5.390   8.053   15.449  1.00 84.70  ? 55  SER A N   1 
ATOM   239  C CA  . SER A 1 55  ? 5.380   6.741   14.810  1.00 81.16  ? 55  SER A CA  1 
ATOM   240  C C   . SER A 1 55  ? 5.044   6.872   13.333  1.00 73.46  ? 55  SER A C   1 
ATOM   241  O O   . SER A 1 55  ? 5.680   6.234   12.484  1.00 67.15  ? 55  SER A O   1 
ATOM   242  C CB  . SER A 1 55  ? 4.382   5.814   15.502  1.00 77.89  ? 55  SER A CB  1 
ATOM   243  O OG  . SER A 1 55  ? 3.053   6.158   15.151  1.00 81.61  ? 55  SER A OG  1 
ATOM   244  N N   . THR A 1 56  ? 4.061   7.722   13.008  1.00 74.40  ? 56  THR A N   1 
ATOM   245  C CA  . THR A 1 56  ? 3.639   7.872   11.622  1.00 71.48  ? 56  THR A CA  1 
ATOM   246  C C   . THR A 1 56  ? 4.726   8.532   10.774  1.00 69.87  ? 56  THR A C   1 
ATOM   247  O O   . THR A 1 56  ? 4.821   8.264   9.571   1.00 64.26  ? 56  THR A O   1 
ATOM   248  C CB  . THR A 1 56  ? 2.325   8.655   11.556  1.00 72.99  ? 56  THR A CB  1 
ATOM   249  O OG1 . THR A 1 56  ? 1.678   8.410   10.304  1.00 67.12  ? 56  THR A OG1 1 
ATOM   250  C CG2 . THR A 1 56  ? 2.581   10.109  11.641  1.00 81.41  ? 56  THR A CG2 1 
ATOM   251  N N   . LYS A 1 57  ? 5.573   9.367   11.377  1.00 70.80  ? 57  LYS A N   1 
ATOM   252  C CA  . LYS A 1 57  ? 6.722   9.871   10.637  1.00 67.66  ? 57  LYS A CA  1 
ATOM   253  C C   . LYS A 1 57  ? 7.689   8.743   10.301  1.00 64.25  ? 57  LYS A C   1 
ATOM   254  O O   . LYS A 1 57  ? 8.125   8.616   9.151   1.00 59.80  ? 57  LYS A O   1 
ATOM   255  C CB  . LYS A 1 57  ? 7.424   10.967  11.438  1.00 74.70  ? 57  LYS A CB  1 
ATOM   256  N N   . LYS A 1 58  ? 8.017   7.903   11.292  1.00 65.82  ? 58  LYS A N   1 
ATOM   257  C CA  . LYS A 1 58  ? 8.860   6.735   11.041  1.00 65.53  ? 58  LYS A CA  1 
ATOM   258  C C   . LYS A 1 58  ? 8.247   5.824   9.981   1.00 58.43  ? 58  LYS A C   1 
ATOM   259  O O   . LYS A 1 58  ? 8.966   5.238   9.165   1.00 56.68  ? 58  LYS A O   1 
ATOM   260  C CB  . LYS A 1 58  ? 9.077   5.943   12.333  1.00 71.39  ? 58  LYS A CB  1 
ATOM   261  C CG  . LYS A 1 58  ? 9.533   6.748   13.537  1.00 77.58  ? 58  LYS A CG  1 
ATOM   262  C CD  . LYS A 1 58  ? 11.031  6.973   13.524  1.00 82.42  ? 58  LYS A CD  1 
ATOM   263  C CE  . LYS A 1 58  ? 11.791  5.651   13.558  1.00 92.34  ? 58  LYS A CE  1 
ATOM   264  N NZ  . LYS A 1 58  ? 13.279  5.826   13.581  1.00 94.57  ? 58  LYS A NZ  1 
ATOM   265  N N   . LEU A 1 59  ? 6.923   5.680   9.988   1.00 56.21  ? 59  LEU A N   1 
ATOM   266  C CA  . LEU A 1 59  ? 6.277   4.819   9.003   1.00 54.22  ? 59  LEU A CA  1 
ATOM   267  C C   . LEU A 1 59  ? 6.391   5.394   7.596   1.00 52.41  ? 59  LEU A C   1 
ATOM   268  O O   . LEU A 1 59  ? 6.636   4.652   6.641   1.00 46.02  ? 59  LEU A O   1 
ATOM   269  C CB  . LEU A 1 59  ? 4.817   4.597   9.379   1.00 47.39  ? 59  LEU A CB  1 
ATOM   270  C CG  . LEU A 1 59  ? 4.677   3.619   10.532  1.00 52.60  ? 59  LEU A CG  1 
ATOM   271  C CD1 . LEU A 1 59  ? 3.237   3.547   10.972  1.00 56.33  ? 59  LEU A CD1 1 
ATOM   272  C CD2 . LEU A 1 59  ? 5.160   2.252   10.093  1.00 50.83  ? 59  LEU A CD2 1 
ATOM   273  N N   . SER A 1 60  ? 6.239   6.715   7.452   1.00 53.17  ? 60  SER A N   1 
ATOM   274  C CA  . SER A 1 60  ? 6.347   7.337   6.133   1.00 50.59  ? 60  SER A CA  1 
ATOM   275  C C   . SER A 1 60  ? 7.747   7.196   5.572   1.00 51.73  ? 60  SER A C   1 
ATOM   276  O O   . SER A 1 60  ? 7.921   6.931   4.376   1.00 52.33  ? 60  SER A O   1 
ATOM   277  C CB  . SER A 1 60  ? 5.976   8.813   6.212   1.00 46.40  ? 60  SER A CB  1 
ATOM   278  O OG  . SER A 1 60  ? 4.741   8.947   6.867   1.00 55.47  ? 60  SER A OG  1 
ATOM   279  N N   . GLU A 1 61  ? 8.763   7.397   6.413   1.00 52.79  ? 61  GLU A N   1 
ATOM   280  C CA  . GLU A 1 61  ? 10.139  7.257   5.954   1.00 56.56  ? 61  GLU A CA  1 
ATOM   281  C C   . GLU A 1 61  ? 10.403  5.843   5.454   1.00 52.32  ? 61  GLU A C   1 
ATOM   282  O O   . GLU A 1 61  ? 11.051  5.649   4.420   1.00 54.01  ? 61  GLU A O   1 
ATOM   283  C CB  . GLU A 1 61  ? 11.103  7.628   7.083   1.00 63.74  ? 61  GLU A CB  1 
ATOM   284  C CG  . GLU A 1 61  ? 11.267  9.127   7.288   1.00 64.61  ? 61  GLU A CG  1 
ATOM   285  C CD  . GLU A 1 61  ? 11.754  9.815   6.028   1.00 76.44  ? 61  GLU A CD  1 
ATOM   286  O OE1 . GLU A 1 61  ? 12.644  9.253   5.352   1.00 89.16  ? 61  GLU A OE1 1 
ATOM   287  O OE2 . GLU A 1 61  ? 11.237  10.904  5.699   1.00 84.08  ? 61  GLU A OE2 1 
ATOM   288  N N   . SER A 1 62  ? 9.870   4.848   6.162   1.00 50.57  ? 62  SER A N   1 
ATOM   289  C CA  . SER A 1 62  ? 10.068  3.452   5.796   1.00 50.08  ? 62  SER A CA  1 
ATOM   290  C C   . SER A 1 62  ? 9.377   3.113   4.482   1.00 49.62  ? 62  SER A C   1 
ATOM   291  O O   . SER A 1 62  ? 9.969   2.459   3.611   1.00 47.58  ? 62  SER A O   1 
ATOM   292  C CB  . SER A 1 62  ? 9.536   2.566   6.908   1.00 47.38  ? 62  SER A CB  1 
ATOM   293  O OG  . SER A 1 62  ? 10.216  2.811   8.112   1.00 51.31  ? 62  SER A OG  1 
ATOM   294  N N   . LEU A 1 63  ? 8.119   3.545   4.325   1.00 44.60  ? 63  LEU A N   1 
ATOM   295  C CA  . LEU A 1 63  ? 7.409   3.291   3.077   1.00 43.98  ? 63  LEU A CA  1 
ATOM   296  C C   . LEU A 1 63  ? 8.150   3.905   1.895   1.00 43.74  ? 63  LEU A C   1 
ATOM   297  O O   . LEU A 1 63  ? 8.287   3.266   0.842   1.00 39.73  ? 63  LEU A O   1 
ATOM   298  C CB  . LEU A 1 63  ? 5.969   3.812   3.161   1.00 42.09  ? 63  LEU A CB  1 
ATOM   299  C CG  . LEU A 1 63  ? 4.913   3.095   4.015   1.00 41.49  ? 63  LEU A CG  1 
ATOM   300  C CD1 . LEU A 1 63  ? 3.573   3.813   3.920   1.00 46.81  ? 63  LEU A CD1 1 
ATOM   301  C CD2 . LEU A 1 63  ? 4.738   1.652   3.612   1.00 38.98  ? 63  LEU A CD2 1 
ATOM   302  N N   . LYS A 1 64  ? 8.664   5.131   2.058   1.00 45.60  ? 64  LYS A N   1 
ATOM   303  C CA  . LYS A 1 64  ? 9.514   5.721   1.026   1.00 51.66  ? 64  LYS A CA  1 
ATOM   304  C C   . LYS A 1 64  ? 10.682  4.798   0.665   1.00 46.65  ? 64  LYS A C   1 
ATOM   305  O O   . LYS A 1 64  ? 10.905  4.502   -0.517  1.00 45.26  ? 64  LYS A O   1 
ATOM   306  C CB  . LYS A 1 64  ? 10.021  7.093   1.477   1.00 57.10  ? 64  LYS A CB  1 
ATOM   307  N N   . ARG A 1 65  ? 11.416  4.303   1.674   1.00 47.29  ? 65  ARG A N   1 
ATOM   308  C CA  . ARG A 1 65  ? 12.568  3.432   1.403   1.00 46.89  ? 65  ARG A CA  1 
ATOM   309  C C   . ARG A 1 65  ? 12.158  2.166   0.660   1.00 41.59  ? 65  ARG A C   1 
ATOM   310  O O   . ARG A 1 65  ? 12.845  1.731   -0.271  1.00 41.58  ? 65  ARG A O   1 
ATOM   311  C CB  . ARG A 1 65  ? 13.281  3.042   2.703   1.00 54.62  ? 65  ARG A CB  1 
ATOM   312  C CG  . ARG A 1 65  ? 13.878  4.187   3.494   1.00 58.06  ? 65  ARG A CG  1 
ATOM   313  C CD  . ARG A 1 65  ? 14.990  4.872   2.727   1.00 68.06  ? 65  ARG A CD  1 
ATOM   314  N NE  . ARG A 1 65  ? 15.515  6.037   3.436   1.00 71.56  ? 65  ARG A NE  1 
ATOM   315  C CZ  . ARG A 1 65  ? 15.054  7.274   3.286   1.00 71.71  ? 65  ARG A CZ  1 
ATOM   316  N NH1 . ARG A 1 65  ? 14.048  7.511   2.451   1.00 69.43  ? 65  ARG A NH1 1 
ATOM   317  N NH2 . ARG A 1 65  ? 15.599  8.273   3.971   1.00 72.16  ? 65  ARG A NH2 1 
ATOM   318  N N   . ILE A 1 66  ? 11.057  1.541   1.079   1.00 39.14  ? 66  ILE A N   1 
ATOM   319  C CA  . ILE A 1 66  ? 10.608  0.318   0.421   1.00 38.39  ? 66  ILE A CA  1 
ATOM   320  C C   . ILE A 1 66  ? 10.220  0.610   -1.022  1.00 35.63  ? 66  ILE A C   1 
ATOM   321  O O   . ILE A 1 66  ? 10.601  -0.121  -1.945  1.00 32.98  ? 66  ILE A O   1 
ATOM   322  C CB  . ILE A 1 66  ? 9.450   -0.326  1.207   1.00 38.77  ? 66  ILE A CB  1 
ATOM   323  C CG1 . ILE A 1 66  ? 9.922   -0.759  2.589   1.00 46.19  ? 66  ILE A CG1 1 
ATOM   324  C CG2 . ILE A 1 66  ? 8.932   -1.545  0.473   1.00 41.40  ? 66  ILE A CG2 1 
ATOM   325  C CD1 . ILE A 1 66  ? 10.826  -1.954  2.553   1.00 51.90  ? 66  ILE A CD1 1 
ATOM   326  N N   . GLY A 1 67  ? 9.476   1.699   -1.240  1.00 39.55  ? 67  GLY A N   1 
ATOM   327  C CA  . GLY A 1 67  ? 9.054   2.034   -2.588  1.00 40.02  ? 67  GLY A CA  1 
ATOM   328  C C   . GLY A 1 67  ? 10.220  2.298   -3.522  1.00 39.53  ? 67  GLY A C   1 
ATOM   329  O O   . GLY A 1 67  ? 10.195  1.900   -4.689  1.00 38.09  ? 67  GLY A O   1 
ATOM   330  N N   . ASP A 1 68  ? 11.259  2.972   -3.027  1.00 39.63  ? 68  ASP A N   1 
ATOM   331  C CA  . ASP A 1 68  ? 12.465  3.136   -3.842  1.00 45.54  ? 68  ASP A CA  1 
ATOM   332  C C   . ASP A 1 68  ? 13.081  1.782   -4.184  1.00 39.91  ? 68  ASP A C   1 
ATOM   333  O O   . ASP A 1 68  ? 13.449  1.524   -5.334  1.00 39.29  ? 68  ASP A O   1 
ATOM   334  C CB  . ASP A 1 68  ? 13.502  4.001   -3.117  1.00 46.73  ? 68  ASP A CB  1 
ATOM   335  C CG  . ASP A 1 68  ? 13.029  5.428   -2.884  1.00 54.10  ? 68  ASP A CG  1 
ATOM   336  O OD1 . ASP A 1 68  ? 12.084  5.878   -3.586  1.00 54.32  ? 68  ASP A OD1 1 
ATOM   337  O OD2 . ASP A 1 68  ? 13.607  6.091   -1.991  1.00 52.58  ? 68  ASP A OD2 1 
ATOM   338  N N   . GLU A 1 69  ? 13.184  0.901   -3.199  1.00 38.90  ? 69  GLU A N   1 
ATOM   339  C CA  . GLU A 1 69  ? 13.698  -0.434  -3.471  1.00 40.67  ? 69  GLU A CA  1 
ATOM   340  C C   . GLU A 1 69  ? 12.785  -1.200  -4.426  1.00 38.41  ? 69  GLU A C   1 
ATOM   341  O O   . GLU A 1 69  ? 13.262  -1.852  -5.360  1.00 39.17  ? 69  GLU A O   1 
ATOM   342  C CB  . GLU A 1 69  ? 13.888  -1.178  -2.153  1.00 36.89  ? 69  GLU A CB  1 
ATOM   343  C CG  . GLU A 1 69  ? 14.888  -2.300  -2.240  1.00 51.89  ? 69  GLU A CG  1 
ATOM   344  C CD  . GLU A 1 69  ? 16.273  -1.833  -2.644  1.00 58.24  ? 69  GLU A CD  1 
ATOM   345  O OE1 . GLU A 1 69  ? 16.569  -0.629  -2.521  1.00 52.43  ? 69  GLU A OE1 1 
ATOM   346  O OE2 . GLU A 1 69  ? 17.072  -2.685  -3.084  1.00 74.15  ? 69  GLU A OE2 1 
ATOM   347  N N   . LEU A 1 70  ? 11.468  -1.104  -4.236  1.00 36.14  ? 70  LEU A N   1 
ATOM   348  C CA  . LEU A 1 70  ? 10.551  -1.764  -5.156  1.00 33.66  ? 70  LEU A CA  1 
ATOM   349  C C   . LEU A 1 70  ? 10.637  -1.149  -6.543  1.00 31.67  ? 70  LEU A C   1 
ATOM   350  O O   . LEU A 1 70  ? 10.462  -1.852  -7.546  1.00 28.88  ? 70  LEU A O   1 
ATOM   351  C CB  . LEU A 1 70  ? 9.118   -1.679  -4.618  1.00 33.76  ? 70  LEU A CB  1 
ATOM   352  C CG  . LEU A 1 70  ? 8.825   -2.538  -3.388  1.00 35.67  ? 70  LEU A CG  1 
ATOM   353  C CD1 . LEU A 1 70  ? 7.543   -2.081  -2.724  1.00 32.25  ? 70  LEU A CD1 1 
ATOM   354  C CD2 . LEU A 1 70  ? 8.741   -4.018  -3.736  1.00 28.79  ? 70  LEU A CD2 1 
ATOM   355  N N   . ASP A 1 71  ? 10.867  0.169   -6.611  1.00 32.78  ? 71  ASP A N   1 
ATOM   356  C CA  . ASP A 1 71  ? 11.018  0.848   -7.896  1.00 36.51  ? 71  ASP A CA  1 
ATOM   357  C C   . ASP A 1 71  ? 12.116  0.213   -8.755  1.00 38.82  ? 71  ASP A C   1 
ATOM   358  O O   . ASP A 1 71  ? 12.012  0.191   -9.991  1.00 37.33  ? 71  ASP A O   1 
ATOM   359  C CB  . ASP A 1 71  ? 11.319  2.341   -7.677  1.00 30.02  ? 71  ASP A CB  1 
ATOM   360  C CG  . ASP A 1 71  ? 10.052  3.164   -7.329  1.00 38.95  ? 71  ASP A CG  1 
ATOM   361  O OD1 . ASP A 1 71  ? 8.931   2.624   -7.477  1.00 35.54  ? 71  ASP A OD1 1 
ATOM   362  O OD2 . ASP A 1 71  ? 10.182  4.343   -6.913  1.00 33.98  ? 71  ASP A OD2 1 
ATOM   363  N N   . SER A 1 72  ? 13.161  -0.319  -8.131  1.00 31.30  ? 72  SER A N   1 
ATOM   364  C CA  . SER A 1 72  ? 14.240  -0.944  -8.877  1.00 40.32  ? 72  SER A CA  1 
ATOM   365  C C   . SER A 1 72  ? 14.072  -2.454  -9.036  1.00 39.81  ? 72  SER A C   1 
ATOM   366  O O   . SER A 1 72  ? 14.929  -3.092  -9.658  1.00 35.69  ? 72  SER A O   1 
ATOM   367  C CB  . SER A 1 72  ? 15.584  -0.652  -8.209  1.00 43.55  ? 72  SER A CB  1 
ATOM   368  O OG  . SER A 1 72  ? 15.494  -0.852  -6.809  1.00 47.43  ? 72  SER A OG  1 
ATOM   369  N N   . ASN A 1 73  ? 13.010  -3.048  -8.495  1.00 34.42  ? 73  ASN A N   1 
ATOM   370  C CA  . ASN A 1 73  ? 12.770  -4.466  -8.742  1.00 36.02  ? 73  ASN A CA  1 
ATOM   371  C C   . ASN A 1 73  ? 12.226  -4.624  -10.162 1.00 36.93  ? 73  ASN A C   1 
ATOM   372  O O   . ASN A 1 73  ? 11.098  -4.216  -10.453 1.00 34.91  ? 73  ASN A O   1 
ATOM   373  C CB  . ASN A 1 73  ? 11.819  -5.045  -7.701  1.00 26.76  ? 73  ASN A CB  1 
ATOM   374  C CG  . ASN A 1 73  ? 11.750  -6.576  -7.754  1.00 35.22  ? 73  ASN A CG  1 
ATOM   375  O OD1 . ASN A 1 73  ? 11.137  -7.153  -8.653  1.00 36.19  ? 73  ASN A OD1 1 
ATOM   376  N ND2 . ASN A 1 73  ? 12.378  -7.232  -6.782  1.00 29.78  ? 73  ASN A ND2 1 
ATOM   377  N N   . MET A 1 74  ? 13.033  -5.214  -11.049 1.00 36.74  ? 74  MET A N   1 
ATOM   378  C CA  . MET A 1 74  ? 12.780  -5.105  -12.483 1.00 37.08  ? 74  MET A CA  1 
ATOM   379  C C   . MET A 1 74  ? 11.623  -5.980  -12.936 1.00 40.97  ? 74  MET A C   1 
ATOM   380  O O   . MET A 1 74  ? 10.825  -5.565  -13.789 1.00 40.02  ? 74  MET A O   1 
ATOM   381  C CB  . MET A 1 74  ? 14.033  -5.462  -13.269 1.00 39.10  ? 74  MET A CB  1 
ATOM   382  C CG  . MET A 1 74  ? 15.066  -4.353  -13.273 1.00 45.95  ? 74  MET A CG  1 
ATOM   383  S SD  . MET A 1 74  ? 14.541  -2.837  -14.103 1.00 48.97  ? 74  MET A SD  1 
ATOM   384  C CE  . MET A 1 74  ? 16.021  -1.840  -13.908 1.00 74.63  ? 74  MET A CE  1 
ATOM   385  N N   . GLU A 1 75  ? 11.547  -7.208  -12.429 1.00 34.55  ? 75  GLU A N   1 
ATOM   386  C CA  . GLU A 1 75  ? 10.423  -8.070  -12.762 1.00 42.01  ? 75  GLU A CA  1 
ATOM   387  C C   . GLU A 1 75  ? 9.099   -7.438  -12.342 1.00 40.01  ? 75  GLU A C   1 
ATOM   388  O O   . GLU A 1 75  ? 8.116   -7.480  -13.092 1.00 39.69  ? 75  GLU A O   1 
ATOM   389  C CB  . GLU A 1 75  ? 10.616  -9.434  -12.101 1.00 41.81  ? 75  GLU A CB  1 
ATOM   390  C CG  . GLU A 1 75  ? 9.374   -10.275 -11.954 1.00 46.09  ? 75  GLU A CG  1 
ATOM   391  C CD  . GLU A 1 75  ? 9.682   -11.591 -11.258 1.00 62.15  ? 75  GLU A CD  1 
ATOM   392  O OE1 . GLU A 1 75  ? 10.853  -12.025 -11.313 1.00 82.74  ? 75  GLU A OE1 1 
ATOM   393  O OE2 . GLU A 1 75  ? 8.771   -12.183 -10.649 1.00 55.54  ? 75  GLU A OE2 1 
ATOM   394  N N   . LEU A 1 76  ? 9.061   -6.848  -11.144 1.00 34.19  ? 76  LEU A N   1 
ATOM   395  C CA  . LEU A 1 76  ? 7.873   -6.136  -10.691 1.00 34.02  ? 76  LEU A CA  1 
ATOM   396  C C   . LEU A 1 76  ? 7.497   -5.023  -11.667 1.00 36.22  ? 76  LEU A C   1 
ATOM   397  O O   . LEU A 1 76  ? 6.332   -4.907  -12.059 1.00 34.88  ? 76  LEU A O   1 
ATOM   398  C CB  . LEU A 1 76  ? 8.106   -5.580  -9.278  1.00 29.67  ? 76  LEU A CB  1 
ATOM   399  C CG  . LEU A 1 76  ? 7.045   -4.620  -8.713  1.00 31.88  ? 76  LEU A CG  1 
ATOM   400  C CD1 . LEU A 1 76  ? 5.690   -5.301  -8.681  1.00 29.80  ? 76  LEU A CD1 1 
ATOM   401  C CD2 . LEU A 1 76  ? 7.398   -4.086  -7.308  1.00 29.79  ? 76  LEU A CD2 1 
ATOM   402  N N   . GLN A 1 77  ? 8.477   -4.201  -12.085 1.00 32.36  ? 77  GLN A N   1 
ATOM   403  C CA  . GLN A 1 77  ? 8.151   -3.070  -12.956 1.00 37.94  ? 77  GLN A CA  1 
ATOM   404  C C   . GLN A 1 77  ? 7.678   -3.551  -14.319 1.00 39.97  ? 77  GLN A C   1 
ATOM   405  O O   . GLN A 1 77  ? 6.732   -2.995  -14.892 1.00 36.59  ? 77  GLN A O   1 
ATOM   406  C CB  . GLN A 1 77  ? 9.347   -2.144  -13.125 1.00 32.28  ? 77  GLN A CB  1 
ATOM   407  C CG  . GLN A 1 77  ? 9.900   -1.603  -11.840 1.00 35.34  ? 77  GLN A CG  1 
ATOM   408  C CD  . GLN A 1 77  ? 8.839   -0.938  -10.978 1.00 36.66  ? 77  GLN A CD  1 
ATOM   409  O OE1 . GLN A 1 77  ? 8.040   -0.138  -11.461 1.00 36.04  ? 77  GLN A OE1 1 
ATOM   410  N NE2 . GLN A 1 77  ? 8.845   -1.257  -9.687  1.00 33.46  ? 77  GLN A NE2 1 
ATOM   411  N N   . ARG A 1 78  ? 8.322   -4.597  -14.833 1.00 37.35  ? 78  ARG A N   1 
ATOM   412  C CA  . ARG A 1 78  ? 7.865   -5.251  -16.049 1.00 43.81  ? 78  ARG A CA  1 
ATOM   413  C C   . ARG A 1 78  ? 6.412   -5.696  -15.937 1.00 47.38  ? 78  ARG A C   1 
ATOM   414  O O   . ARG A 1 78  ? 5.636   -5.528  -16.884 1.00 51.15  ? 78  ARG A O   1 
ATOM   415  C CB  . ARG A 1 78  ? 8.771   -6.437  -16.360 1.00 43.56  ? 78  ARG A CB  1 
ATOM   416  C CG  . ARG A 1 78  ? 8.598   -7.032  -17.729 1.00 48.01  ? 78  ARG A CG  1 
ATOM   417  C CD  . ARG A 1 78  ? 9.845   -7.837  -18.139 1.00 49.66  ? 78  ARG A CD  1 
ATOM   418  N NE  . ARG A 1 78  ? 10.243  -8.818  -17.128 1.00 47.71  ? 78  ARG A NE  1 
ATOM   419  C CZ  . ARG A 1 78  ? 11.317  -8.704  -16.346 1.00 50.44  ? 78  ARG A CZ  1 
ATOM   420  N NH1 . ARG A 1 78  ? 12.125  -7.654  -16.466 1.00 56.01  ? 78  ARG A NH1 1 
ATOM   421  N NH2 . ARG A 1 78  ? 11.592  -9.644  -15.445 1.00 48.00  ? 78  ARG A NH2 1 
ATOM   422  N N   . MET A 1 79  ? 6.018   -6.260  -14.789 1.00 39.05  ? 79  MET A N   1 
ATOM   423  C CA  . MET A 1 79  ? 4.634   -6.707  -14.642 1.00 44.02  ? 79  MET A CA  1 
ATOM   424  C C   . MET A 1 79  ? 3.671   -5.526  -14.531 1.00 48.96  ? 79  MET A C   1 
ATOM   425  O O   . MET A 1 79  ? 2.620   -5.507  -15.183 1.00 50.79  ? 79  MET A O   1 
ATOM   426  C CB  . MET A 1 79  ? 4.494   -7.626  -13.426 1.00 42.22  ? 79  MET A CB  1 
ATOM   427  C CG  . MET A 1 79  ? 5.192   -8.956  -13.581 1.00 50.72  ? 79  MET A CG  1 
ATOM   428  S SD  . MET A 1 79  ? 4.899   -9.628  -15.224 1.00 80.53  ? 79  MET A SD  1 
ATOM   429  C CE  . MET A 1 79  ? 3.109   -9.800  -15.196 1.00 54.37  ? 79  MET A CE  1 
ATOM   430  N N   . ILE A 1 80  ? 4.011   -4.531  -13.710 1.00 42.29  ? 80  ILE A N   1 
ATOM   431  C CA  . ILE A 1 80  ? 3.195   -3.326  -13.626 1.00 45.04  ? 80  ILE A CA  1 
ATOM   432  C C   . ILE A 1 80  ? 3.044   -2.679  -14.993 1.00 47.94  ? 80  ILE A C   1 
ATOM   433  O O   . ILE A 1 80  ? 1.986   -2.134  -15.322 1.00 52.91  ? 80  ILE A O   1 
ATOM   434  C CB  . ILE A 1 80  ? 3.810   -2.356  -12.603 1.00 43.24  ? 80  ILE A CB  1 
ATOM   435  C CG1 . ILE A 1 80  ? 3.900   -3.036  -11.237 1.00 38.32  ? 80  ILE A CG1 1 
ATOM   436  C CG2 . ILE A 1 80  ? 2.979   -1.090  -12.517 1.00 45.26  ? 80  ILE A CG2 1 
ATOM   437  C CD1 . ILE A 1 80  ? 4.583   -2.210  -10.206 1.00 38.30  ? 80  ILE A CD1 1 
ATOM   438  N N   . ALA A 1 81  ? 4.082   -2.739  -15.817 1.00 45.85  ? 81  ALA A N   1 
ATOM   439  C CA  . ALA A 1 81  ? 3.963   -2.194  -17.157 1.00 47.47  ? 81  ALA A CA  1 
ATOM   440  C C   . ALA A 1 81  ? 3.053   -3.037  -18.032 1.00 50.80  ? 81  ALA A C   1 
ATOM   441  O O   . ALA A 1 81  ? 2.642   -2.574  -19.098 1.00 55.38  ? 81  ALA A O   1 
ATOM   442  C CB  . ALA A 1 81  ? 5.349   -2.073  -17.798 1.00 47.50  ? 81  ALA A CB  1 
ATOM   443  N N   . ALA A 1 82  ? 2.723   -4.251  -17.606 1.00 50.83  ? 82  ALA A N   1 
ATOM   444  C CA  . ALA A 1 82  ? 1.966   -5.182  -18.430 1.00 56.89  ? 82  ALA A CA  1 
ATOM   445  C C   . ALA A 1 82  ? 0.454   -5.036  -18.294 1.00 63.37  ? 82  ALA A C   1 
ATOM   446  O O   . ALA A 1 82  ? -0.276  -5.671  -19.062 1.00 74.81  ? 82  ALA A O   1 
ATOM   447  C CB  . ALA A 1 82  ? 2.368   -6.627  -18.095 1.00 53.02  ? 82  ALA A CB  1 
ATOM   448  N N   . VAL A 1 83  ? -0.045  -4.226  -17.362 1.00 65.93  ? 83  VAL A N   1 
ATOM   449  C CA  . VAL A 1 83  ? -1.491  -4.124  -17.142 1.00 69.38  ? 83  VAL A CA  1 
ATOM   450  C C   . VAL A 1 83  ? -1.981  -2.918  -17.945 1.00 75.74  ? 83  VAL A C   1 
ATOM   451  O O   . VAL A 1 83  ? -1.966  -1.775  -17.492 1.00 72.80  ? 83  VAL A O   1 
ATOM   452  C CB  . VAL A 1 83  ? -1.842  -4.066  -15.655 1.00 68.13  ? 83  VAL A CB  1 
ATOM   453  C CG1 . VAL A 1 83  ? -1.417  -5.362  -14.989 1.00 63.30  ? 83  VAL A CG1 1 
ATOM   454  C CG2 . VAL A 1 83  ? -1.141  -2.920  -14.964 1.00 65.90  ? 83  VAL A CG2 1 
ATOM   455  N N   . ASP A 1 84  ? -2.390  -3.183  -19.187 1.00 85.46  ? 84  ASP A N   1 
ATOM   456  C CA  . ASP A 1 84  ? -3.012  -2.175  -20.046 1.00 90.03  ? 84  ASP A CA  1 
ATOM   457  C C   . ASP A 1 84  ? -4.430  -1.953  -19.548 1.00 95.49  ? 84  ASP A C   1 
ATOM   458  O O   . ASP A 1 84  ? -5.351  -2.699  -19.885 1.00 97.01  ? 84  ASP A O   1 
ATOM   459  C CB  . ASP A 1 84  ? -2.995  -2.622  -21.504 1.00 95.68  ? 84  ASP A CB  1 
ATOM   460  N N   . THR A 1 85  ? -4.609  -0.914  -18.751 1.00 97.49  ? 85  THR A N   1 
ATOM   461  C CA  . THR A 1 85  ? -5.787  -0.777  -17.907 1.00 97.16  ? 85  THR A CA  1 
ATOM   462  C C   . THR A 1 85  ? -6.618  0.410   -18.363 1.00 97.45  ? 85  THR A C   1 
ATOM   463  O O   . THR A 1 85  ? -6.261  1.564   -18.104 1.00 95.60  ? 85  THR A O   1 
ATOM   464  C CB  . THR A 1 85  ? -5.371  -0.621  -16.451 1.00 88.28  ? 85  THR A CB  1 
ATOM   465  O OG1 . THR A 1 85  ? -4.426  0.453   -16.342 1.00 85.70  ? 85  THR A OG1 1 
ATOM   466  C CG2 . THR A 1 85  ? -4.730  -1.907  -15.968 1.00 84.95  ? 85  THR A CG2 1 
ATOM   467  N N   . ASP A 1 86  ? -7.726  0.121   -19.041 1.00 101.68 ? 86  ASP A N   1 
ATOM   468  C CA  . ASP A 1 86  ? -8.726  1.138   -19.327 1.00 105.70 ? 86  ASP A CA  1 
ATOM   469  C C   . ASP A 1 86  ? -9.676  1.357   -18.156 1.00 93.29  ? 86  ASP A C   1 
ATOM   470  O O   . ASP A 1 86  ? -10.405 2.353   -18.144 1.00 96.61  ? 86  ASP A O   1 
ATOM   471  C CB  . ASP A 1 86  ? -9.516  0.758   -20.584 1.00 116.03 ? 86  ASP A CB  1 
ATOM   472  N N   . SER A 1 87  ? -9.680  0.460   -17.175 1.00 82.73  ? 87  SER A N   1 
ATOM   473  C CA  . SER A 1 87  ? -10.465 0.619   -15.955 1.00 73.69  ? 87  SER A CA  1 
ATOM   474  C C   . SER A 1 87  ? -9.509  0.418   -14.794 1.00 70.53  ? 87  SER A C   1 
ATOM   475  O O   . SER A 1 87  ? -9.265  -0.720  -14.358 1.00 66.03  ? 87  SER A O   1 
ATOM   476  C CB  . SER A 1 87  ? -11.633 -0.364  -15.904 1.00 71.66  ? 87  SER A CB  1 
ATOM   477  N N   . PRO A 1 88  ? -8.922  1.496   -14.278 1.00 67.31  ? 88  PRO A N   1 
ATOM   478  C CA  . PRO A 1 88  ? -8.046  1.362   -13.108 1.00 61.95  ? 88  PRO A CA  1 
ATOM   479  C C   . PRO A 1 88  ? -8.767  0.808   -11.903 1.00 56.97  ? 88  PRO A C   1 
ATOM   480  O O   . PRO A 1 88  ? -8.133  0.148   -11.068 1.00 57.19  ? 88  PRO A O   1 
ATOM   481  C CB  . PRO A 1 88  ? -7.552  2.796   -12.861 1.00 61.37  ? 88  PRO A CB  1 
ATOM   482  C CG  . PRO A 1 88  ? -7.892  3.563   -14.111 1.00 62.50  ? 88  PRO A CG  1 
ATOM   483  C CD  . PRO A 1 88  ? -9.088  2.898   -14.698 1.00 68.58  ? 88  PRO A CD  1 
ATOM   484  N N   . ARG A 1 89  ? -10.076 1.040   -11.796 1.00 56.46  ? 89  ARG A N   1 
ATOM   485  C CA  . ARG A 1 89  ? -10.841 0.498   -10.681 1.00 55.62  ? 89  ARG A CA  1 
ATOM   486  C C   . ARG A 1 89  ? -10.992 -1.003  -10.814 1.00 53.80  ? 89  ARG A C   1 
ATOM   487  O O   . ARG A 1 89  ? -10.965 -1.727  -9.815  1.00 51.71  ? 89  ARG A O   1 
ATOM   488  C CB  . ARG A 1 89  ? -12.219 1.157   -10.615 1.00 60.74  ? 89  ARG A CB  1 
ATOM   489  C CG  . ARG A 1 89  ? -13.042 0.764   -9.402  1.00 64.14  ? 89  ARG A CG  1 
ATOM   490  C CD  . ARG A 1 89  ? -14.489 1.192   -9.574  1.00 74.58  ? 89  ARG A CD  1 
ATOM   491  N NE  . ARG A 1 89  ? -15.211 1.199   -8.303  1.00 86.26  ? 89  ARG A NE  1 
ATOM   492  C CZ  . ARG A 1 89  ? -15.771 0.127   -7.744  1.00 89.77  ? 89  ARG A CZ  1 
ATOM   493  N NH1 . ARG A 1 89  ? -15.696 -1.057  -8.345  1.00 88.87  ? 89  ARG A NH1 1 
ATOM   494  N NH2 . ARG A 1 89  ? -16.405 0.238   -6.583  1.00 87.42  ? 89  ARG A NH2 1 
ATOM   495  N N   . GLU A 1 90  ? -11.166 -1.484  -12.043 1.00 58.94  ? 90  GLU A N   1 
ATOM   496  C CA  . GLU A 1 90  ? -11.312 -2.917  -12.246 1.00 57.62  ? 90  GLU A CA  1 
ATOM   497  C C   . GLU A 1 90  ? -10.038 -3.637  -11.849 1.00 52.09  ? 90  GLU A C   1 
ATOM   498  O O   . GLU A 1 90  ? -10.063 -4.548  -11.018 1.00 51.66  ? 90  GLU A O   1 
ATOM   499  C CB  . GLU A 1 90  ? -11.680 -3.212  -13.699 1.00 61.21  ? 90  GLU A CB  1 
ATOM   500  N N   . VAL A 1 91  ? -8.907  -3.223  -12.417 1.00 52.03  ? 91  VAL A N   1 
ATOM   501  C CA  . VAL A 1 91  ? -7.647  -3.895  -12.120 1.00 52.76  ? 91  VAL A CA  1 
ATOM   502  C C   . VAL A 1 91  ? -7.295  -3.745  -10.643 1.00 46.31  ? 91  VAL A C   1 
ATOM   503  O O   . VAL A 1 91  ? -6.781  -4.685  -10.021 1.00 42.46  ? 91  VAL A O   1 
ATOM   504  C CB  . VAL A 1 91  ? -6.526  -3.366  -13.036 1.00 56.24  ? 91  VAL A CB  1 
ATOM   505  C CG1 . VAL A 1 91  ? -6.378  -1.869  -12.887 1.00 58.45  ? 91  VAL A CG1 1 
ATOM   506  C CG2 . VAL A 1 91  ? -5.205  -4.052  -12.726 1.00 56.47  ? 91  VAL A CG2 1 
ATOM   507  N N   . PHE A 1 92  ? -7.598  -2.583  -10.047 1.00 43.89  ? 92  PHE A N   1 
ATOM   508  C CA  . PHE A 1 92  ? -7.225  -2.369  -8.653  1.00 42.12  ? 92  PHE A CA  1 
ATOM   509  C C   . PHE A 1 92  ? -7.933  -3.354  -7.740  1.00 38.57  ? 92  PHE A C   1 
ATOM   510  O O   . PHE A 1 92  ? -7.317  -3.929  -6.840  1.00 35.74  ? 92  PHE A O   1 
ATOM   511  C CB  . PHE A 1 92  ? -7.527  -0.942  -8.172  1.00 36.29  ? 92  PHE A CB  1 
ATOM   512  C CG  . PHE A 1 92  ? -7.270  -0.779  -6.696  1.00 34.93  ? 92  PHE A CG  1 
ATOM   513  C CD1 . PHE A 1 92  ? -5.973  -0.612  -6.227  1.00 35.30  ? 92  PHE A CD1 1 
ATOM   514  C CD2 . PHE A 1 92  ? -8.299  -0.903  -5.769  1.00 37.44  ? 92  PHE A CD2 1 
ATOM   515  C CE1 . PHE A 1 92  ? -5.710  -0.517  -4.866  1.00 34.07  ? 92  PHE A CE1 1 
ATOM   516  C CE2 . PHE A 1 92  ? -8.046  -0.807  -4.414  1.00 36.19  ? 92  PHE A CE2 1 
ATOM   517  C CZ  . PHE A 1 92  ? -6.757  -0.612  -3.958  1.00 35.95  ? 92  PHE A CZ  1 
ATOM   518  N N   . PHE A 1 93  ? -9.246  -3.510  -7.907  1.00 41.74  ? 93  PHE A N   1 
ATOM   519  C CA  . PHE A 1 93  ? -9.959  -4.418  -7.018  1.00 42.03  ? 93  PHE A CA  1 
ATOM   520  C C   . PHE A 1 93  ? -9.645  -5.868  -7.335  1.00 39.51  ? 93  PHE A C   1 
ATOM   521  O O   . PHE A 1 93  ? -9.671  -6.707  -6.434  1.00 42.39  ? 93  PHE A O   1 
ATOM   522  C CB  . PHE A 1 93  ? -11.468 -4.151  -7.062  1.00 35.73  ? 93  PHE A CB  1 
ATOM   523  C CG  . PHE A 1 93  ? -11.867 -3.020  -6.192  1.00 38.49  ? 93  PHE A CG  1 
ATOM   524  C CD1 . PHE A 1 93  ? -11.784 -3.147  -4.816  1.00 39.07  ? 93  PHE A CD1 1 
ATOM   525  C CD2 . PHE A 1 93  ? -12.263 -1.809  -6.730  1.00 48.01  ? 93  PHE A CD2 1 
ATOM   526  C CE1 . PHE A 1 93  ? -12.119 -2.099  -3.982  1.00 40.94  ? 93  PHE A CE1 1 
ATOM   527  C CE2 . PHE A 1 93  ? -12.605 -0.745  -5.905  1.00 49.66  ? 93  PHE A CE2 1 
ATOM   528  C CZ  . PHE A 1 93  ? -12.539 -0.892  -4.524  1.00 46.48  ? 93  PHE A CZ  1 
ATOM   529  N N   . ARG A 1 94  ? -9.320  -6.187  -8.588  1.00 37.33  ? 94  ARG A N   1 
ATOM   530  C CA  . ARG A 1 94  ? -8.937  -7.561  -8.875  1.00 45.99  ? 94  ARG A CA  1 
ATOM   531  C C   . ARG A 1 94  ? -7.606  -7.898  -8.222  1.00 36.61  ? 94  ARG A C   1 
ATOM   532  O O   . ARG A 1 94  ? -7.452  -8.982  -7.658  1.00 39.58  ? 94  ARG A O   1 
ATOM   533  C CB  . ARG A 1 94  ? -8.903  -7.815  -10.381 1.00 51.76  ? 94  ARG A CB  1 
ATOM   534  C CG  . ARG A 1 94  ? -10.293 -8.086  -10.955 1.00 65.67  ? 94  ARG A CG  1 
ATOM   535  C CD  . ARG A 1 94  ? -10.288 -8.243  -12.469 1.00 81.76  ? 94  ARG A CD  1 
ATOM   536  N NE  . ARG A 1 94  ? -11.573 -7.839  -13.041 1.00 99.55  ? 94  ARG A NE  1 
ATOM   537  C CZ  . ARG A 1 94  ? -11.874 -7.887  -14.337 1.00 114.62 ? 94  ARG A CZ  1 
ATOM   538  N NH1 . ARG A 1 94  ? -10.983 -8.335  -15.214 1.00 121.60 ? 94  ARG A NH1 1 
ATOM   539  N NH2 . ARG A 1 94  ? -13.071 -7.488  -14.753 1.00 115.74 ? 94  ARG A NH2 1 
ATOM   540  N N   . VAL A 1 95  ? -6.664  -6.955  -8.214  1.00 36.62  ? 95  VAL A N   1 
ATOM   541  C CA  . VAL A 1 95  ? -5.355  -7.219  -7.623  1.00 36.13  ? 95  VAL A CA  1 
ATOM   542  C C   . VAL A 1 95  ? -5.449  -7.254  -6.108  1.00 36.57  ? 95  VAL A C   1 
ATOM   543  O O   . VAL A 1 95  ? -4.858  -8.130  -5.458  1.00 34.71  ? 95  VAL A O   1 
ATOM   544  C CB  . VAL A 1 95  ? -4.330  -6.170  -8.093  1.00 36.85  ? 95  VAL A CB  1 
ATOM   545  C CG1 . VAL A 1 95  ? -3.069  -6.215  -7.206  1.00 30.27  ? 95  VAL A CG1 1 
ATOM   546  C CG2 . VAL A 1 95  ? -4.005  -6.391  -9.561  1.00 33.69  ? 95  VAL A CG2 1 
ATOM   547  N N   . ALA A 1 96  ? -6.165  -6.292  -5.516  1.00 33.94  ? 96  ALA A N   1 
ATOM   548  C CA  . ALA A 1 96  ? -6.313  -6.282  -4.068  1.00 34.44  ? 96  ALA A CA  1 
ATOM   549  C C   . ALA A 1 96  ? -7.026  -7.543  -3.584  1.00 36.36  ? 96  ALA A C   1 
ATOM   550  O O   . ALA A 1 96  ? -6.651  -8.126  -2.564  1.00 37.18  ? 96  ALA A O   1 
ATOM   551  C CB  . ALA A 1 96  ? -7.061  -5.026  -3.621  1.00 31.37  ? 96  ALA A CB  1 
ATOM   552  N N   . ALA A 1 97  ? -8.058  -7.981  -4.305  1.00 37.97  ? 97  ALA A N   1 
ATOM   553  C CA  . ALA A 1 97  ? -8.768  -9.190  -3.896  1.00 41.50  ? 97  ALA A CA  1 
ATOM   554  C C   . ALA A 1 97  ? -7.858  -10.397 -4.024  1.00 38.29  ? 97  ALA A C   1 
ATOM   555  O O   . ALA A 1 97  ? -7.755  -11.219 -3.109  1.00 36.80  ? 97  ALA A O   1 
ATOM   556  C CB  . ALA A 1 97  ? -10.036 -9.390  -4.733  1.00 31.13  ? 97  ALA A CB  1 
ATOM   557  N N   . ASP A 1 98  ? -7.154  -10.490 -5.144  1.00 37.56  ? 98  ASP A N   1 
ATOM   558  C CA  . ASP A 1 98  ? -6.312  -11.646 -5.372  1.00 37.29  ? 98  ASP A CA  1 
ATOM   559  C C   . ASP A 1 98  ? -5.188  -11.744 -4.345  1.00 35.40  ? 98  ASP A C   1 
ATOM   560  O O   . ASP A 1 98  ? -4.861  -12.843 -3.883  1.00 37.10  ? 98  ASP A O   1 
ATOM   561  C CB  . ASP A 1 98  ? -5.758  -11.600 -6.777  1.00 38.01  ? 98  ASP A CB  1 
ATOM   562  C CG  . ASP A 1 98  ? -5.024  -12.833 -7.102  1.00 44.78  ? 98  ASP A CG  1 
ATOM   563  O OD1 . ASP A 1 98  ? -5.688  -13.820 -7.475  1.00 54.21  ? 98  ASP A OD1 1 
ATOM   564  O OD2 . ASP A 1 98  ? -3.794  -12.830 -6.935  1.00 45.11  ? 98  ASP A OD2 1 
ATOM   565  N N   . MET A 1 99  ? -4.607  -10.610 -3.947  1.00 33.86  ? 99  MET A N   1 
ATOM   566  C CA  . MET A 1 99  ? -3.571  -10.652 -2.915  1.00 38.45  ? 99  MET A CA  1 
ATOM   567  C C   . MET A 1 99  ? -4.102  -11.143 -1.577  1.00 36.53  ? 99  MET A C   1 
ATOM   568  O O   . MET A 1 99  ? -3.308  -11.503 -0.706  1.00 39.01  ? 99  MET A O   1 
ATOM   569  C CB  . MET A 1 99  ? -2.926  -9.280  -2.677  1.00 36.38  ? 99  MET A CB  1 
ATOM   570  C CG  . MET A 1 99  ? -2.044  -8.771  -3.775  1.00 40.75  ? 99  MET A CG  1 
ATOM   571  S SD  . MET A 1 99  ? -0.891  -7.513  -3.231  1.00 42.33  ? 99  MET A SD  1 
ATOM   572  C CE  . MET A 1 99  ? -1.933  -6.286  -2.483  1.00 29.69  ? 99  MET A CE  1 
ATOM   573  N N   . PHE A 1 100 ? -5.410  -11.130 -1.378  1.00 32.37  ? 100 PHE A N   1 
ATOM   574  C CA  . PHE A 1 100 ? -5.986  -11.470 -0.090  1.00 37.57  ? 100 PHE A CA  1 
ATOM   575  C C   . PHE A 1 100 ? -6.972  -12.629 -0.205  1.00 36.11  ? 100 PHE A C   1 
ATOM   576  O O   . PHE A 1 100 ? -7.685  -12.921 0.756   1.00 39.30  ? 100 PHE A O   1 
ATOM   577  C CB  . PHE A 1 100 ? -6.659  -10.224 0.519   1.00 35.26  ? 100 PHE A CB  1 
ATOM   578  C CG  . PHE A 1 100 ? -5.682  -9.227  1.092   1.00 33.89  ? 100 PHE A CG  1 
ATOM   579  C CD1 . PHE A 1 100 ? -5.118  -9.423  2.353   1.00 33.10  ? 100 PHE A CD1 1 
ATOM   580  C CD2 . PHE A 1 100 ? -5.317  -8.107  0.374   1.00 28.31  ? 100 PHE A CD2 1 
ATOM   581  C CE1 . PHE A 1 100 ? -4.219  -8.498  2.886   1.00 32.57  ? 100 PHE A CE1 1 
ATOM   582  C CE2 . PHE A 1 100 ? -4.421  -7.190  0.901   1.00 30.48  ? 100 PHE A CE2 1 
ATOM   583  C CZ  . PHE A 1 100 ? -3.874  -7.378  2.151   1.00 27.67  ? 100 PHE A CZ  1 
ATOM   584  N N   . SER A 1 101 ? -7.042  -13.277 -1.369  1.00 36.23  ? 101 SER A N   1 
ATOM   585  C CA  . SER A 1 101 ? -8.068  -14.270 -1.644  1.00 41.24  ? 101 SER A CA  1 
ATOM   586  C C   . SER A 1 101 ? -7.866  -15.555 -0.848  1.00 40.69  ? 101 SER A C   1 
ATOM   587  O O   . SER A 1 101 ? -8.755  -16.409 -0.849  1.00 36.98  ? 101 SER A O   1 
ATOM   588  C CB  . SER A 1 101 ? -8.096  -14.582 -3.138  1.00 39.01  ? 101 SER A CB  1 
ATOM   589  O OG  . SER A 1 101 ? -6.783  -14.879 -3.598  1.00 43.23  ? 101 SER A OG  1 
ATOM   590  N N   . ASP A 1 102 ? -6.742  -15.712 -0.158  1.00 38.69  ? 102 ASP A N   1 
ATOM   591  C CA  . ASP A 1 102 ? -6.577  -16.871 0.698   1.00 43.34  ? 102 ASP A CA  1 
ATOM   592  C C   . ASP A 1 102 ? -7.123  -16.637 2.103   1.00 42.70  ? 102 ASP A C   1 
ATOM   593  O O   . ASP A 1 102 ? -7.056  -17.542 2.935   1.00 44.11  ? 102 ASP A O   1 
ATOM   594  C CB  . ASP A 1 102 ? -5.103  -17.301 0.727   1.00 43.97  ? 102 ASP A CB  1 
ATOM   595  C CG  . ASP A 1 102 ? -4.234  -16.401 1.579   1.00 43.47  ? 102 ASP A CG  1 
ATOM   596  O OD1 . ASP A 1 102 ? -4.742  -15.367 2.068   1.00 39.56  ? 102 ASP A OD1 1 
ATOM   597  O OD2 . ASP A 1 102 ? -3.037  -16.744 1.756   1.00 35.44  ? 102 ASP A OD2 1 
ATOM   598  N N   . GLY A 1 103 ? -7.690  -15.465 2.380   1.00 38.30  ? 103 GLY A N   1 
ATOM   599  C CA  . GLY A 1 103 ? -8.280  -15.233 3.677   1.00 36.63  ? 103 GLY A CA  1 
ATOM   600  C C   . GLY A 1 103 ? -7.301  -14.963 4.796   1.00 38.40  ? 103 GLY A C   1 
ATOM   601  O O   . GLY A 1 103 ? -7.736  -14.795 5.944   1.00 37.55  ? 103 GLY A O   1 
ATOM   602  N N   . ASN A 1 104 ? -6.004  -14.901 4.502   1.00 38.27  ? 104 ASN A N   1 
ATOM   603  C CA  . ASN A 1 104 ? -4.955  -14.544 5.453   1.00 39.95  ? 104 ASN A CA  1 
ATOM   604  C C   . ASN A 1 104 ? -4.501  -13.089 5.275   1.00 40.59  ? 104 ASN A C   1 
ATOM   605  O O   . ASN A 1 104 ? -4.770  -12.437 4.268   1.00 38.49  ? 104 ASN A O   1 
ATOM   606  C CB  . ASN A 1 104 ? -3.751  -15.478 5.285   1.00 38.78  ? 104 ASN A CB  1 
ATOM   607  C CG  . ASN A 1 104 ? -4.098  -16.935 5.595   1.00 52.66  ? 104 ASN A CG  1 
ATOM   608  O OD1 . ASN A 1 104 ? -4.193  -17.771 4.690   1.00 46.59  ? 104 ASN A OD1 1 
ATOM   609  N ND2 . ASN A 1 104 ? -4.305  -17.237 6.879   1.00 55.19  ? 104 ASN A ND2 1 
ATOM   610  N N   . PHE A 1 105 ? -3.746  -12.603 6.251   1.00 39.47  ? 105 PHE A N   1 
ATOM   611  C CA  . PHE A 1 105 ? -3.229  -11.245 6.195   1.00 41.08  ? 105 PHE A CA  1 
ATOM   612  C C   . PHE A 1 105 ? -1.757  -11.246 6.575   1.00 41.64  ? 105 PHE A C   1 
ATOM   613  O O   . PHE A 1 105 ? -1.294  -12.116 7.316   1.00 40.44  ? 105 PHE A O   1 
ATOM   614  C CB  . PHE A 1 105 ? -4.007  -10.323 7.135   1.00 36.89  ? 105 PHE A CB  1 
ATOM   615  C CG  . PHE A 1 105 ? -5.499  -10.424 6.982   1.00 43.64  ? 105 PHE A CG  1 
ATOM   616  C CD1 . PHE A 1 105 ? -6.170  -9.646  6.051   1.00 39.83  ? 105 PHE A CD1 1 
ATOM   617  C CD2 . PHE A 1 105 ? -6.239  -11.299 7.768   1.00 45.47  ? 105 PHE A CD2 1 
ATOM   618  C CE1 . PHE A 1 105 ? -7.546  -9.733  5.905   1.00 42.45  ? 105 PHE A CE1 1 
ATOM   619  C CE2 . PHE A 1 105 ? -7.624  -11.385 7.630   1.00 40.95  ? 105 PHE A CE2 1 
ATOM   620  C CZ  . PHE A 1 105 ? -8.276  -10.604 6.699   1.00 41.83  ? 105 PHE A CZ  1 
ATOM   621  N N   . ASN A 1 106 ? -1.022  -10.266 6.056   1.00 36.62  ? 106 ASN A N   1 
ATOM   622  C CA  . ASN A 1 106 ? 0.267   -9.914  6.623   1.00 33.27  ? 106 ASN A CA  1 
ATOM   623  C C   . ASN A 1 106 ? 0.642   -8.525  6.126   1.00 33.47  ? 106 ASN A C   1 
ATOM   624  O O   . ASN A 1 106 ? 0.070   -8.013  5.153   1.00 33.88  ? 106 ASN A O   1 
ATOM   625  C CB  . ASN A 1 106 ? 1.351   -10.945 6.277   1.00 37.56  ? 106 ASN A CB  1 
ATOM   626  C CG  . ASN A 1 106 ? 1.733   -10.913 4.821   1.00 44.05  ? 106 ASN A CG  1 
ATOM   627  O OD1 . ASN A 1 106 ? 2.497   -10.045 4.385   1.00 42.95  ? 106 ASN A OD1 1 
ATOM   628  N ND2 . ASN A 1 106 ? 1.208   -11.854 4.054   1.00 47.22  ? 106 ASN A ND2 1 
ATOM   629  N N   . TRP A 1 107 ? 1.623   -7.925  6.801   1.00 31.50  ? 107 TRP A N   1 
ATOM   630  C CA  . TRP A 1 107 ? 1.955   -6.536  6.518   1.00 31.66  ? 107 TRP A CA  1 
ATOM   631  C C   . TRP A 1 107 ? 2.508   -6.359  5.115   1.00 33.94  ? 107 TRP A C   1 
ATOM   632  O O   . TRP A 1 107 ? 2.327   -5.288  4.518   1.00 32.28  ? 107 TRP A O   1 
ATOM   633  C CB  . TRP A 1 107 ? 2.929   -6.006  7.563   1.00 32.14  ? 107 TRP A CB  1 
ATOM   634  C CG  . TRP A 1 107 ? 2.247   -5.637  8.829   1.00 35.25  ? 107 TRP A CG  1 
ATOM   635  C CD1 . TRP A 1 107 ? 2.364   -6.256  10.047  1.00 35.48  ? 107 TRP A CD1 1 
ATOM   636  C CD2 . TRP A 1 107 ? 1.299   -4.580  9.008   1.00 36.81  ? 107 TRP A CD2 1 
ATOM   637  N NE1 . TRP A 1 107 ? 1.551   -5.647  10.971  1.00 36.11  ? 107 TRP A NE1 1 
ATOM   638  C CE2 . TRP A 1 107 ? 0.893   -4.607  10.359  1.00 40.80  ? 107 TRP A CE2 1 
ATOM   639  C CE3 . TRP A 1 107 ? 0.758   -3.610  8.163   1.00 33.61  ? 107 TRP A CE3 1 
ATOM   640  C CZ2 . TRP A 1 107 ? -0.017  -3.697  10.873  1.00 36.27  ? 107 TRP A CZ2 1 
ATOM   641  C CZ3 . TRP A 1 107 ? -0.155  -2.717  8.676   1.00 32.69  ? 107 TRP A CZ3 1 
ATOM   642  C CH2 . TRP A 1 107 ? -0.527  -2.761  10.011  1.00 34.73  ? 107 TRP A CH2 1 
ATOM   643  N N   . GLY A 1 108 ? 3.162   -7.392  4.567   1.00 32.29  ? 108 GLY A N   1 
ATOM   644  C CA  . GLY A 1 108 ? 3.721   -7.276  3.237   1.00 28.22  ? 108 GLY A CA  1 
ATOM   645  C C   . GLY A 1 108 ? 2.667   -7.060  2.173   1.00 29.54  ? 108 GLY A C   1 
ATOM   646  O O   . GLY A 1 108 ? 2.882   -6.304  1.222   1.00 28.43  ? 108 GLY A O   1 
ATOM   647  N N   . ARG A 1 109 ? 1.510   -7.690  2.325   1.00 27.50  ? 109 ARG A N   1 
ATOM   648  C CA  . ARG A 1 109 ? 0.422   -7.442  1.393   1.00 30.28  ? 109 ARG A CA  1 
ATOM   649  C C   . ARG A 1 109 ? -0.089  -6.012  1.495   1.00 29.70  ? 109 ARG A C   1 
ATOM   650  O O   . ARG A 1 109 ? -0.431  -5.399  0.474   1.00 26.16  ? 109 ARG A O   1 
ATOM   651  C CB  . ARG A 1 109 ? -0.700  -8.430  1.650   1.00 33.88  ? 109 ARG A CB  1 
ATOM   652  C CG  . ARG A 1 109 ? -0.265  -9.856  1.441   1.00 41.51  ? 109 ARG A CG  1 
ATOM   653  C CD  . ARG A 1 109 ? -1.390  -10.780 1.837   1.00 40.01  ? 109 ARG A CD  1 
ATOM   654  N NE  . ARG A 1 109 ? -1.093  -12.146 1.467   1.00 43.78  ? 109 ARG A NE  1 
ATOM   655  C CZ  . ARG A 1 109 ? -1.902  -13.171 1.705   1.00 46.50  ? 109 ARG A CZ  1 
ATOM   656  N NH1 . ARG A 1 109 ? -3.072  -12.975 2.317   1.00 36.83  ? 109 ARG A NH1 1 
ATOM   657  N NH2 . ARG A 1 109 ? -1.542  -14.390 1.325   1.00 46.62  ? 109 ARG A NH2 1 
ATOM   658  N N   . VAL A 1 110 ? -0.141  -5.457  2.713   1.00 29.78  ? 110 VAL A N   1 
ATOM   659  C CA  . VAL A 1 110 ? -0.629  -4.088  2.883   1.00 30.01  ? 110 VAL A CA  1 
ATOM   660  C C   . VAL A 1 110 ? 0.293   -3.116  2.160   1.00 30.75  ? 110 VAL A C   1 
ATOM   661  O O   . VAL A 1 110 ? -0.158  -2.215  1.436   1.00 22.73  ? 110 VAL A O   1 
ATOM   662  C CB  . VAL A 1 110 ? -0.750  -3.732  4.379   1.00 32.30  ? 110 VAL A CB  1 
ATOM   663  C CG1 . VAL A 1 110 ? -1.057  -2.262  4.564   1.00 25.24  ? 110 VAL A CG1 1 
ATOM   664  C CG2 . VAL A 1 110 ? -1.807  -4.591  5.064   1.00 31.03  ? 110 VAL A CG2 1 
ATOM   665  N N   . VAL A 1 111 ? 1.602   -3.284  2.364   1.00 28.66  ? 111 VAL A N   1 
ATOM   666  C CA  . VAL A 1 111 ? 2.594   -2.462  1.675   1.00 28.82  ? 111 VAL A CA  1 
ATOM   667  C C   . VAL A 1 111 ? 2.430   -2.594  0.171   1.00 28.78  ? 111 VAL A C   1 
ATOM   668  O O   . VAL A 1 111 ? 2.433   -1.601  -0.566  1.00 25.92  ? 111 VAL A O   1 
ATOM   669  C CB  . VAL A 1 111 ? 4.011   -2.858  2.117   1.00 26.34  ? 111 VAL A CB  1 
ATOM   670  C CG1 . VAL A 1 111 ? 5.044   -2.107  1.292   1.00 27.70  ? 111 VAL A CG1 1 
ATOM   671  C CG2 . VAL A 1 111 ? 4.188   -2.611  3.595   1.00 28.25  ? 111 VAL A CG2 1 
ATOM   672  N N   . ALA A 1 112 ? 2.259   -3.827  -0.298  1.00 27.12  ? 112 ALA A N   1 
ATOM   673  C CA  . ALA A 1 112 ? 2.031   -4.074  -1.713  1.00 26.96  ? 112 ALA A CA  1 
ATOM   674  C C   . ALA A 1 112 ? 0.828   -3.306  -2.215  1.00 28.52  ? 112 ALA A C   1 
ATOM   675  O O   . ALA A 1 112 ? 0.868   -2.726  -3.304  1.00 30.80  ? 112 ALA A O   1 
ATOM   676  C CB  . ALA A 1 112 ? 1.840   -5.576  -1.949  1.00 27.10  ? 112 ALA A CB  1 
ATOM   677  N N   . LEU A 1 113 ? -0.254  -3.302  -1.430  1.00 31.25  ? 113 LEU A N   1 
ATOM   678  C CA  . LEU A 1 113 ? -1.471  -2.578  -1.787  1.00 29.86  ? 113 LEU A CA  1 
ATOM   679  C C   . LEU A 1 113 ? -1.199  -1.092  -1.933  1.00 29.09  ? 113 LEU A C   1 
ATOM   680  O O   . LEU A 1 113 ? -1.574  -0.471  -2.938  1.00 28.19  ? 113 LEU A O   1 
ATOM   681  C CB  . LEU A 1 113 ? -2.545  -2.821  -0.723  1.00 28.48  ? 113 LEU A CB  1 
ATOM   682  C CG  . LEU A 1 113 ? -3.947  -2.325  -1.070  1.00 33.71  ? 113 LEU A CG  1 
ATOM   683  C CD1 . LEU A 1 113 ? -4.449  -2.975  -2.349  1.00 32.84  ? 113 LEU A CD1 1 
ATOM   684  C CD2 . LEU A 1 113 ? -4.903  -2.620  0.051   1.00 33.93  ? 113 LEU A CD2 1 
ATOM   685  N N   . PHE A 1 114 ? -0.544  -0.508  -0.931  1.00 28.88  ? 114 PHE A N   1 
ATOM   686  C CA  . PHE A 1 114 ? -0.249  0.917   -0.979  1.00 29.77  ? 114 PHE A CA  1 
ATOM   687  C C   . PHE A 1 114 ? 0.619   1.245   -2.181  1.00 34.53  ? 114 PHE A C   1 
ATOM   688  O O   . PHE A 1 114 ? 0.394   2.252   -2.873  1.00 32.46  ? 114 PHE A O   1 
ATOM   689  C CB  . PHE A 1 114 ? 0.444   1.358   0.314   1.00 28.58  ? 114 PHE A CB  1 
ATOM   690  C CG  . PHE A 1 114 ? -0.503  1.675   1.438   1.00 34.67  ? 114 PHE A CG  1 
ATOM   691  C CD1 . PHE A 1 114 ? -1.771  1.104   1.481   1.00 33.29  ? 114 PHE A CD1 1 
ATOM   692  C CD2 . PHE A 1 114 ? -0.144  2.584   2.432   1.00 35.90  ? 114 PHE A CD2 1 
ATOM   693  C CE1 . PHE A 1 114 ? -2.670  1.410   2.520   1.00 36.99  ? 114 PHE A CE1 1 
ATOM   694  C CE2 . PHE A 1 114 ? -1.032  2.896   3.469   1.00 37.61  ? 114 PHE A CE2 1 
ATOM   695  C CZ  . PHE A 1 114 ? -2.302  2.303   3.513   1.00 34.32  ? 114 PHE A CZ  1 
ATOM   696  N N   . TYR A 1 115 ? 1.623   0.401   -2.439  1.00 32.18  ? 115 TYR A N   1 
ATOM   697  C CA  . TYR A 1 115 ? 2.561   0.691   -3.508  1.00 30.98  ? 115 TYR A CA  1 
ATOM   698  C C   . TYR A 1 115 ? 1.864   0.611   -4.847  1.00 32.01  ? 115 TYR A C   1 
ATOM   699  O O   . TYR A 1 115 ? 2.125   1.422   -5.742  1.00 30.07  ? 115 TYR A O   1 
ATOM   700  C CB  . TYR A 1 115 ? 3.727   -0.295  -3.463  1.00 26.61  ? 115 TYR A CB  1 
ATOM   701  C CG  . TYR A 1 115 ? 4.699   -0.127  -4.605  1.00 29.02  ? 115 TYR A CG  1 
ATOM   702  C CD1 . TYR A 1 115 ? 5.672   0.863   -4.562  1.00 30.23  ? 115 TYR A CD1 1 
ATOM   703  C CD2 . TYR A 1 115 ? 4.638   -0.940  -5.727  1.00 27.90  ? 115 TYR A CD2 1 
ATOM   704  C CE1 . TYR A 1 115 ? 6.561   1.040   -5.593  1.00 34.27  ? 115 TYR A CE1 1 
ATOM   705  C CE2 . TYR A 1 115 ? 5.532   -0.779  -6.771  1.00 30.74  ? 115 TYR A CE2 1 
ATOM   706  C CZ  . TYR A 1 115 ? 6.500   0.213   -6.696  1.00 35.76  ? 115 TYR A CZ  1 
ATOM   707  O OH  . TYR A 1 115 ? 7.398   0.400   -7.720  1.00 32.91  ? 115 TYR A OH  1 
ATOM   708  N N   . PHE A 1 116 ? 0.982   -0.380  -5.001  1.00 29.73  ? 116 PHE A N   1 
ATOM   709  C CA  . PHE A 1 116 ? 0.263   -0.517  -6.252  1.00 29.73  ? 116 PHE A CA  1 
ATOM   710  C C   . PHE A 1 116 ? -0.676  0.662   -6.479  1.00 29.40  ? 116 PHE A C   1 
ATOM   711  O O   . PHE A 1 116 ? -0.812  1.146   -7.608  1.00 30.33  ? 116 PHE A O   1 
ATOM   712  C CB  . PHE A 1 116 ? -0.493  -1.834  -6.261  1.00 31.02  ? 116 PHE A CB  1 
ATOM   713  C CG  . PHE A 1 116 ? -1.183  -2.117  -7.554  1.00 32.26  ? 116 PHE A CG  1 
ATOM   714  C CD1 . PHE A 1 116 ? -0.461  -2.224  -8.724  1.00 35.08  ? 116 PHE A CD1 1 
ATOM   715  C CD2 . PHE A 1 116 ? -2.548  -2.281  -7.596  1.00 32.36  ? 116 PHE A CD2 1 
ATOM   716  C CE1 . PHE A 1 116 ? -1.096  -2.502  -9.919  1.00 37.24  ? 116 PHE A CE1 1 
ATOM   717  C CE2 . PHE A 1 116 ? -3.183  -2.554  -8.784  1.00 36.34  ? 116 PHE A CE2 1 
ATOM   718  C CZ  . PHE A 1 116 ? -2.469  -2.670  -9.939  1.00 34.71  ? 116 PHE A CZ  1 
ATOM   719  N N   . ALA A 1 117 ? -1.325  1.144   -5.420  1.00 27.20  ? 117 ALA A N   1 
ATOM   720  C CA  . ALA A 1 117 ? -2.176  2.322   -5.569  1.00 31.02  ? 117 ALA A CA  1 
ATOM   721  C C   . ALA A 1 117 ? -1.358  3.500   -6.067  1.00 33.53  ? 117 ALA A C   1 
ATOM   722  O O   . ALA A 1 117 ? -1.772  4.221   -6.981  1.00 33.79  ? 117 ALA A O   1 
ATOM   723  C CB  . ALA A 1 117 ? -2.855  2.662   -4.240  1.00 27.64  ? 117 ALA A CB  1 
ATOM   724  N N   . SER A 1 118 ? -0.161  3.677   -5.513  1.00 31.76  ? 118 SER A N   1 
ATOM   725  C CA  . SER A 1 118 ? 0.701   4.746   -5.985  1.00 33.31  ? 118 SER A CA  1 
ATOM   726  C C   . SER A 1 118 ? 1.085   4.560   -7.448  1.00 35.07  ? 118 SER A C   1 
ATOM   727  O O   . SER A 1 118 ? 1.229   5.545   -8.180  1.00 35.07  ? 118 SER A O   1 
ATOM   728  C CB  . SER A 1 118 ? 1.946   4.831   -5.115  1.00 34.32  ? 118 SER A CB  1 
ATOM   729  O OG  . SER A 1 118 ? 2.974   4.040   -5.666  1.00 37.23  ? 118 SER A OG  1 
ATOM   730  N N   . LYS A 1 119 ? 1.249   3.317   -7.903  1.00 30.19  ? 119 LYS A N   1 
ATOM   731  C CA  . LYS A 1 119 ? 1.597   3.129   -9.306  1.00 34.30  ? 119 LYS A CA  1 
ATOM   732  C C   . LYS A 1 119 ? 0.436   3.503   -10.219 1.00 34.22  ? 119 LYS A C   1 
ATOM   733  O O   . LYS A 1 119 ? 0.647   4.083   -11.287 1.00 34.75  ? 119 LYS A O   1 
ATOM   734  C CB  . LYS A 1 119 ? 2.047   1.695   -9.563  1.00 30.22  ? 119 LYS A CB  1 
ATOM   735  C CG  . LYS A 1 119 ? 3.368   1.363   -8.895  1.00 35.04  ? 119 LYS A CG  1 
ATOM   736  C CD  . LYS A 1 119 ? 4.513   2.246   -9.422  1.00 34.24  ? 119 LYS A CD  1 
ATOM   737  C CE  . LYS A 1 119 ? 5.421   1.445   -10.356 1.00 37.73  ? 119 LYS A CE  1 
ATOM   738  N NZ  . LYS A 1 119 ? 6.819   1.995   -10.442 1.00 45.93  ? 119 LYS A NZ  1 
ATOM   739  N N   . LEU A 1 120 ? -0.789  3.153   -9.834  1.00 34.56  ? 120 LEU A N   1 
ATOM   740  C CA  . LEU A 1 120 ? -1.942  3.587   -10.611 1.00 35.92  ? 120 LEU A CA  1 
ATOM   741  C C   . LEU A 1 120 ? -2.018  5.106   -10.668 1.00 39.55  ? 120 LEU A C   1 
ATOM   742  O O   . LEU A 1 120 ? -2.391  5.676   -11.696 1.00 39.76  ? 120 LEU A O   1 
ATOM   743  C CB  . LEU A 1 120 ? -3.225  3.010   -10.022 1.00 32.63  ? 120 LEU A CB  1 
ATOM   744  C CG  . LEU A 1 120 ? -3.353  1.495   -10.035 1.00 36.53  ? 120 LEU A CG  1 
ATOM   745  C CD1 . LEU A 1 120 ? -4.750  1.125   -9.622  1.00 37.42  ? 120 LEU A CD1 1 
ATOM   746  C CD2 . LEU A 1 120 ? -3.042  0.969   -11.426 1.00 38.28  ? 120 LEU A CD2 1 
ATOM   747  N N   . VAL A 1 121 ? -1.649  5.783   -9.584  1.00 36.97  ? 121 VAL A N   1 
ATOM   748  C CA  . VAL A 1 121 ? -1.655  7.238   -9.609  1.00 39.41  ? 121 VAL A CA  1 
ATOM   749  C C   . VAL A 1 121 ? -0.698  7.746   -10.680 1.00 49.45  ? 121 VAL A C   1 
ATOM   750  O O   . VAL A 1 121 ? -1.056  8.608   -11.495 1.00 51.48  ? 121 VAL A O   1 
ATOM   751  C CB  . VAL A 1 121 ? -1.309  7.803   -8.222  1.00 38.50  ? 121 VAL A CB  1 
ATOM   752  C CG1 . VAL A 1 121 ? -1.048  9.312   -8.322  1.00 40.16  ? 121 VAL A CG1 1 
ATOM   753  C CG2 . VAL A 1 121 ? -2.433  7.502   -7.242  1.00 40.71  ? 121 VAL A CG2 1 
ATOM   754  N N   . LEU A 1 122 ? 0.521   7.180   -10.718 1.00 42.16  ? 122 LEU A N   1 
ATOM   755  C CA  . LEU A 1 122 ? 1.537   7.611   -11.674 1.00 45.94  ? 122 LEU A CA  1 
ATOM   756  C C   . LEU A 1 122 ? 1.047   7.513   -13.111 1.00 47.65  ? 122 LEU A C   1 
ATOM   757  O O   . LEU A 1 122 ? 1.297   8.420   -13.911 1.00 50.05  ? 122 LEU A O   1 
ATOM   758  C CB  . LEU A 1 122 ? 2.815   6.791   -11.508 1.00 44.70  ? 122 LEU A CB  1 
ATOM   759  C CG  . LEU A 1 122 ? 3.652   7.098   -10.271 1.00 47.77  ? 122 LEU A CG  1 
ATOM   760  C CD1 . LEU A 1 122 ? 4.975   6.319   -10.286 1.00 47.19  ? 122 LEU A CD1 1 
ATOM   761  C CD2 . LEU A 1 122 ? 3.890   8.586   -10.151 1.00 54.68  ? 122 LEU A CD2 1 
ATOM   762  N N   . LYS A 1 123 ? 0.364   6.421   -13.468 1.00 45.29  ? 123 LYS A N   1 
ATOM   763  C CA  . LYS A 1 123 ? -0.183  6.336   -14.820 1.00 50.67  ? 123 LYS A CA  1 
ATOM   764  C C   . LYS A 1 123 ? -1.236  7.415   -15.063 1.00 60.05  ? 123 LYS A C   1 
ATOM   765  O O   . LYS A 1 123 ? -1.326  7.968   -16.164 1.00 68.08  ? 123 LYS A O   1 
ATOM   766  C CB  . LYS A 1 123 ? -0.772  4.958   -15.072 1.00 48.66  ? 123 LYS A CB  1 
ATOM   767  C CG  . LYS A 1 123 ? 0.171   3.828   -14.790 1.00 50.82  ? 123 LYS A CG  1 
ATOM   768  C CD  . LYS A 1 123 ? -0.313  2.523   -15.413 1.00 53.90  ? 123 LYS A CD  1 
ATOM   769  C CE  . LYS A 1 123 ? 0.675   1.390   -15.125 1.00 48.99  ? 123 LYS A CE  1 
ATOM   770  N NZ  . LYS A 1 123 ? 0.871   0.494   -16.309 1.00 57.80  ? 123 LYS A NZ  1 
ATOM   771  N N   . ALA A 1 124 ? -2.035  7.734   -14.044 1.00 55.08  ? 124 ALA A N   1 
ATOM   772  C CA  . ALA A 1 124 ? -3.037  8.785   -14.161 1.00 66.63  ? 124 ALA A CA  1 
ATOM   773  C C   . ALA A 1 124 ? -2.424  10.179  -14.242 1.00 71.41  ? 124 ALA A C   1 
ATOM   774  O O   . ALA A 1 124 ? -3.164  11.144  -14.467 1.00 74.36  ? 124 ALA A O   1 
ATOM   775  C CB  . ALA A 1 124 ? -4.014  8.723   -12.980 1.00 59.83  ? 124 ALA A CB  1 
ATOM   776  N N   . LEU A 1 125 ? -1.103  10.312  -14.075 1.00 73.95  ? 125 LEU A N   1 
ATOM   777  C CA  . LEU A 1 125 ? -0.474  11.629  -14.152 1.00 77.64  ? 125 LEU A CA  1 
ATOM   778  C C   . LEU A 1 125 ? -0.740  12.292  -15.493 1.00 85.41  ? 125 LEU A C   1 
ATOM   779  O O   . LEU A 1 125 ? -0.680  13.522  -15.595 1.00 93.13  ? 125 LEU A O   1 
ATOM   780  C CB  . LEU A 1 125 ? 1.028   11.517  -13.914 1.00 80.97  ? 125 LEU A CB  1 
ATOM   781  C CG  . LEU A 1 125 ? 1.742   12.833  -13.601 1.00 97.96  ? 125 LEU A CG  1 
ATOM   782  C CD1 . LEU A 1 125 ? 1.385   13.309  -12.199 1.00 96.78  ? 125 LEU A CD1 1 
ATOM   783  C CD2 . LEU A 1 125 ? 3.253   12.695  -13.771 1.00 104.15 ? 125 LEU A CD2 1 
ATOM   784  N N   . SER A 1 126 ? -1.019  11.499  -16.528 1.00 85.05  ? 126 SER A N   1 
ATOM   785  C CA  . SER A 1 126 ? -1.647  11.998  -17.749 1.00 92.47  ? 126 SER A CA  1 
ATOM   786  C C   . SER A 1 126 ? -2.941  12.747  -17.405 1.00 93.52  ? 126 SER A C   1 
ATOM   787  O O   . SER A 1 126 ? -3.262  13.785  -17.982 1.00 96.86  ? 126 SER A O   1 
ATOM   788  C CB  . SER A 1 126 ? -1.957  10.846  -18.708 1.00 91.42  ? 126 SER A CB  1 
ATOM   789  O OG  . SER A 1 126 ? -3.026  10.050  -18.214 1.00 85.94  ? 126 SER A OG  1 
ATOM   790  N N   . PRO A 1 130 ? -5.797  13.260  -13.134 1.00 82.33  ? 130 PRO A N   1 
ATOM   791  C CA  . PRO A 1 130 ? -5.292  14.073  -12.017 1.00 84.37  ? 130 PRO A CA  1 
ATOM   792  C C   . PRO A 1 130 ? -6.203  14.033  -10.786 1.00 93.11  ? 130 PRO A C   1 
ATOM   793  O O   . PRO A 1 130 ? -5.700  13.874  -9.667  1.00 89.45  ? 130 PRO A O   1 
ATOM   794  C CB  . PRO A 1 130 ? -5.216  15.490  -12.612 1.00 81.59  ? 130 PRO A CB  1 
ATOM   795  C CG  . PRO A 1 130 ? -5.847  15.400  -13.990 1.00 80.53  ? 130 PRO A CG  1 
ATOM   796  C CD  . PRO A 1 130 ? -5.707  13.975  -14.416 1.00 82.30  ? 130 PRO A CD  1 
ATOM   797  N N   . GLU A 1 131 ? -7.519  14.169  -10.984 1.00 83.09  ? 131 GLU A N   1 
ATOM   798  C CA  . GLU A 1 131 ? -8.462  13.949  -9.890  1.00 76.92  ? 131 GLU A CA  1 
ATOM   799  C C   . GLU A 1 131 ? -8.447  12.508  -9.415  1.00 69.87  ? 131 GLU A C   1 
ATOM   800  O O   . GLU A 1 131 ? -9.105  12.195  -8.418  1.00 64.51  ? 131 GLU A O   1 
ATOM   801  C CB  . GLU A 1 131 ? -9.886  14.334  -10.313 1.00 69.97  ? 131 GLU A CB  1 
ATOM   802  N N   . LEU A 1 132 ? -7.704  11.633  -10.101 1.00 68.82  ? 132 LEU A N   1 
ATOM   803  C CA  . LEU A 1 132 ? -7.713  10.214  -9.779  1.00 64.59  ? 132 LEU A CA  1 
ATOM   804  C C   . LEU A 1 132 ? -6.983  9.920   -8.470  1.00 60.83  ? 132 LEU A C   1 
ATOM   805  O O   . LEU A 1 132 ? -7.282  8.913   -7.819  1.00 55.69  ? 132 LEU A O   1 
ATOM   806  C CB  . LEU A 1 132 ? -7.107  9.416   -10.940 1.00 68.35  ? 132 LEU A CB  1 
ATOM   807  C CG  . LEU A 1 132 ? -7.976  8.268   -11.482 1.00 68.26  ? 132 LEU A CG  1 
ATOM   808  C CD1 . LEU A 1 132 ? -9.374  8.761   -11.873 1.00 70.74  ? 132 LEU A CD1 1 
ATOM   809  C CD2 . LEU A 1 132 ? -7.316  7.531   -12.652 1.00 62.51  ? 132 LEU A CD2 1 
ATOM   810  N N   . ILE A 1 133 ? -6.041  10.782  -8.068  1.00 57.58  ? 133 ILE A N   1 
ATOM   811  C CA  . ILE A 1 133 ? -5.378  10.627  -6.771  1.00 54.86  ? 133 ILE A CA  1 
ATOM   812  C C   . ILE A 1 133 ? -6.399  10.406  -5.660  1.00 56.18  ? 133 ILE A C   1 
ATOM   813  O O   . ILE A 1 133 ? -6.300  9.451   -4.876  1.00 54.84  ? 133 ILE A O   1 
ATOM   814  C CB  . ILE A 1 133 ? -4.497  11.848  -6.466  1.00 56.34  ? 133 ILE A CB  1 
ATOM   815  C CG1 . ILE A 1 133 ? -3.419  12.011  -7.536  1.00 63.38  ? 133 ILE A CG1 1 
ATOM   816  C CG2 . ILE A 1 133 ? -3.873  11.706  -5.083  1.00 55.70  ? 133 ILE A CG2 1 
ATOM   817  C CD1 . ILE A 1 133 ? -2.212  12.808  -7.069  1.00 62.75  ? 133 ILE A CD1 1 
ATOM   818  N N   . ARG A 1 134 ? -7.390  11.298  -5.567  1.00 52.16  ? 134 ARG A N   1 
ATOM   819  C CA  . ARG A 1 134 ? -8.416  11.159  -4.543  1.00 49.17  ? 134 ARG A CA  1 
ATOM   820  C C   . ARG A 1 134 ? -9.263  9.930   -4.805  1.00 44.14  ? 134 ARG A C   1 
ATOM   821  O O   . ARG A 1 134 ? -9.667  9.237   -3.868  1.00 46.50  ? 134 ARG A O   1 
ATOM   822  C CB  . ARG A 1 134 ? -9.294  12.417  -4.490  1.00 50.50  ? 134 ARG A CB  1 
ATOM   823  C CG  . ARG A 1 134 ? -9.191  13.171  -3.188  1.00 55.12  ? 134 ARG A CG  1 
ATOM   824  C CD  . ARG A 1 134 ? -10.089 14.400  -3.178  1.00 58.99  ? 134 ARG A CD  1 
ATOM   825  N NE  . ARG A 1 134 ? -9.335  15.643  -3.298  1.00 58.42  ? 134 ARG A NE  1 
ATOM   826  C CZ  . ARG A 1 134 ? -9.207  16.345  -4.424  1.00 59.93  ? 134 ARG A CZ  1 
ATOM   827  N NH1 . ARG A 1 134 ? -9.792  15.934  -5.547  1.00 55.58  ? 134 ARG A NH1 1 
ATOM   828  N NH2 . ARG A 1 134 ? -8.501  17.469  -4.422  1.00 61.83  ? 134 ARG A NH2 1 
ATOM   829  N N   . THR A 1 135 ? -9.531  9.636   -6.077  1.00 46.00  ? 135 THR A N   1 
ATOM   830  C CA  . THR A 1 135 ? -10.333 8.466   -6.415  1.00 46.04  ? 135 THR A CA  1 
ATOM   831  C C   . THR A 1 135 ? -9.630  7.180   -6.004  1.00 42.92  ? 135 THR A C   1 
ATOM   832  O O   . THR A 1 135 ? -10.241 6.298   -5.394  1.00 39.29  ? 135 THR A O   1 
ATOM   833  C CB  . THR A 1 135 ? -10.626 8.441   -7.910  1.00 49.57  ? 135 THR A CB  1 
ATOM   834  O OG1 . THR A 1 135 ? -11.124 9.717   -8.323  1.00 56.27  ? 135 THR A OG1 1 
ATOM   835  C CG2 . THR A 1 135 ? -11.659 7.394   -8.199  1.00 44.75  ? 135 THR A CG2 1 
ATOM   836  N N   . ILE A 1 136 ? -8.347  7.053   -6.348  1.00 41.85  ? 136 ILE A N   1 
ATOM   837  C CA  . ILE A 1 136 ? -7.611  5.825   -6.061  1.00 44.19  ? 136 ILE A CA  1 
ATOM   838  C C   . ILE A 1 136 ? -7.382  5.696   -4.570  1.00 41.40  ? 136 ILE A C   1 
ATOM   839  O O   . ILE A 1 136 ? -7.393  4.579   -4.035  1.00 36.02  ? 136 ILE A O   1 
ATOM   840  C CB  . ILE A 1 136 ? -6.275  5.799   -6.828  1.00 45.59  ? 136 ILE A CB  1 
ATOM   841  C CG1 . ILE A 1 136 ? -6.503  5.761   -8.337  1.00 47.99  ? 136 ILE A CG1 1 
ATOM   842  C CG2 . ILE A 1 136 ? -5.396  4.648   -6.367  1.00 39.36  ? 136 ILE A CG2 1 
ATOM   843  C CD1 . ILE A 1 136 ? -5.200  5.902   -9.143  1.00 46.99  ? 136 ILE A CD1 1 
ATOM   844  N N   . MET A 1 137 ? -7.175  6.832   -3.878  1.00 36.78  ? 137 MET A N   1 
ATOM   845  C CA  . MET A 1 137 ? -7.040  6.808   -2.423  1.00 38.34  ? 137 MET A CA  1 
ATOM   846  C C   . MET A 1 137 ? -8.298  6.280   -1.763  1.00 33.93  ? 137 MET A C   1 
ATOM   847  O O   . MET A 1 137 ? -8.228  5.567   -0.758  1.00 37.13  ? 137 MET A O   1 
ATOM   848  C CB  . MET A 1 137 ? -6.731  8.202   -1.878  1.00 42.31  ? 137 MET A CB  1 
ATOM   849  C CG  . MET A 1 137 ? -5.297  8.634   -1.991  1.00 44.57  ? 137 MET A CG  1 
ATOM   850  S SD  . MET A 1 137 ? -4.956  10.057  -0.934  1.00 56.16  ? 137 MET A SD  1 
ATOM   851  C CE  . MET A 1 137 ? -5.214  9.327   0.680   1.00 49.31  ? 137 MET A CE  1 
ATOM   852  N N   . GLY A 1 138 ? -9.461  6.626   -2.310  1.00 34.64  ? 138 GLY A N   1 
ATOM   853  C CA  . GLY A 1 138 ? -10.704 6.149   -1.739  1.00 39.46  ? 138 GLY A CA  1 
ATOM   854  C C   . GLY A 1 138 ? -10.909 4.668   -1.959  1.00 36.99  ? 138 GLY A C   1 
ATOM   855  O O   . GLY A 1 138 ? -11.458 3.980   -1.092  1.00 36.57  ? 138 GLY A O   1 
ATOM   856  N N   . TRP A 1 139 ? -10.479 4.153   -3.114  1.00 37.44  ? 139 TRP A N   1 
ATOM   857  C CA  . TRP A 1 139 ? -10.527 2.712   -3.344  1.00 37.84  ? 139 TRP A CA  1 
ATOM   858  C C   . TRP A 1 139 ? -9.731  1.973   -2.282  1.00 32.13  ? 139 TRP A C   1 
ATOM   859  O O   . TRP A 1 139 ? -10.197 0.976   -1.722  1.00 31.97  ? 139 TRP A O   1 
ATOM   860  C CB  . TRP A 1 139 ? -9.976  2.384   -4.724  1.00 39.68  ? 139 TRP A CB  1 
ATOM   861  C CG  . TRP A 1 139 ? -10.725 2.991   -5.843  1.00 43.90  ? 139 TRP A CG  1 
ATOM   862  C CD1 . TRP A 1 139 ? -12.016 3.435   -5.825  1.00 44.04  ? 139 TRP A CD1 1 
ATOM   863  C CD2 . TRP A 1 139 ? -10.237 3.219   -7.169  1.00 47.30  ? 139 TRP A CD2 1 
ATOM   864  N NE1 . TRP A 1 139 ? -12.358 3.930   -7.058  1.00 50.94  ? 139 TRP A NE1 1 
ATOM   865  C CE2 . TRP A 1 139 ? -11.285 3.805   -7.902  1.00 53.09  ? 139 TRP A CE2 1 
ATOM   866  C CE3 . TRP A 1 139 ? -9.018  2.976   -7.810  1.00 48.74  ? 139 TRP A CE3 1 
ATOM   867  C CZ2 . TRP A 1 139 ? -11.148 4.162   -9.247  1.00 54.10  ? 139 TRP A CZ2 1 
ATOM   868  C CZ3 . TRP A 1 139 ? -8.882  3.338   -9.150  1.00 49.71  ? 139 TRP A CZ3 1 
ATOM   869  C CH2 . TRP A 1 139 ? -9.939  3.921   -9.848  1.00 52.32  ? 139 TRP A CH2 1 
ATOM   870  N N   . THR A 1 140 ? -8.552  2.497   -1.956  1.00 30.54  ? 140 THR A N   1 
ATOM   871  C CA  . THR A 1 140 ? -7.622  1.813   -1.068  1.00 32.80  ? 140 THR A CA  1 
ATOM   872  C C   . THR A 1 140 ? -8.109  1.852   0.374   1.00 32.95  ? 140 THR A C   1 
ATOM   873  O O   . THR A 1 140 ? -8.053  0.841   1.084   1.00 34.18  ? 140 THR A O   1 
ATOM   874  C CB  . THR A 1 140 ? -6.251  2.468   -1.195  1.00 30.61  ? 140 THR A CB  1 
ATOM   875  O OG1 . THR A 1 140 ? -5.875  2.514   -2.575  1.00 33.39  ? 140 THR A OG1 1 
ATOM   876  C CG2 . THR A 1 140 ? -5.242  1.727   -0.399  1.00 29.19  ? 140 THR A CG2 1 
ATOM   877  N N   . LEU A 1 141 ? -8.590  3.017   0.821   1.00 29.43  ? 141 LEU A N   1 
ATOM   878  C CA  . LEU A 1 141 ? -9.154  3.126   2.161   1.00 32.62  ? 141 LEU A CA  1 
ATOM   879  C C   . LEU A 1 141 ? -10.460 2.352   2.280   1.00 33.54  ? 141 LEU A C   1 
ATOM   880  O O   . LEU A 1 141 ? -10.735 1.771   3.334   1.00 34.80  ? 141 LEU A O   1 
ATOM   881  C CB  . LEU A 1 141 ? -9.364  4.601   2.534   1.00 31.62  ? 141 LEU A CB  1 
ATOM   882  C CG  . LEU A 1 141 ? -8.068  5.405   2.401   1.00 38.63  ? 141 LEU A CG  1 
ATOM   883  C CD1 . LEU A 1 141 ? -8.281  6.893   2.558   1.00 43.32  ? 141 LEU A CD1 1 
ATOM   884  C CD2 . LEU A 1 141 ? -7.012  4.912   3.383   1.00 36.26  ? 141 LEU A CD2 1 
ATOM   885  N N   . ASP A 1 142 ? -11.262 2.303   1.211   1.00 32.17  ? 142 ASP A N   1 
ATOM   886  C CA  . ASP A 1 142 ? -12.445 1.446   1.231   1.00 36.12  ? 142 ASP A CA  1 
ATOM   887  C C   . ASP A 1 142 ? -12.052 -0.019  1.375   1.00 39.38  ? 142 ASP A C   1 
ATOM   888  O O   . ASP A 1 142 ? -12.614 -0.738  2.212   1.00 35.96  ? 142 ASP A O   1 
ATOM   889  C CB  . ASP A 1 142 ? -13.298 1.638   -0.024  1.00 40.84  ? 142 ASP A CB  1 
ATOM   890  C CG  . ASP A 1 142 ? -14.032 2.974   -0.050  1.00 48.81  ? 142 ASP A CG  1 
ATOM   891  O OD1 . ASP A 1 142 ? -13.968 3.745   0.937   1.00 47.71  ? 142 ASP A OD1 1 
ATOM   892  O OD2 . ASP A 1 142 ? -14.658 3.255   -1.090  1.00 56.75  ? 142 ASP A OD2 1 
ATOM   893  N N   . PHE A 1 143 ? -11.080 -0.485  0.570   1.00 35.79  ? 143 PHE A N   1 
ATOM   894  C CA  . PHE A 1 143 ? -10.614 -1.854  0.746   1.00 34.17  ? 143 PHE A CA  1 
ATOM   895  C C   . PHE A 1 143 ? -10.028 -2.040  2.137   1.00 34.92  ? 143 PHE A C   1 
ATOM   896  O O   . PHE A 1 143 ? -10.276 -3.064  2.789   1.00 34.24  ? 143 PHE A O   1 
ATOM   897  C CB  . PHE A 1 143 ? -9.590  -2.226  -0.326  1.00 37.24  ? 143 PHE A CB  1 
ATOM   898  C CG  . PHE A 1 143 ? -9.196  -3.681  -0.317  1.00 33.56  ? 143 PHE A CG  1 
ATOM   899  C CD1 . PHE A 1 143 ? -8.157  -4.127  0.472   1.00 32.49  ? 143 PHE A CD1 1 
ATOM   900  C CD2 . PHE A 1 143 ? -9.875  -4.604  -1.103  1.00 35.11  ? 143 PHE A CD2 1 
ATOM   901  C CE1 . PHE A 1 143 ? -7.785  -5.490  0.464   1.00 33.69  ? 143 PHE A CE1 1 
ATOM   902  C CE2 . PHE A 1 143 ? -9.521  -5.939  -1.105  1.00 38.39  ? 143 PHE A CE2 1 
ATOM   903  C CZ  . PHE A 1 143 ? -8.468  -6.383  -0.323  1.00 33.95  ? 143 PHE A CZ  1 
ATOM   904  N N   . LEU A 1 144 ? -9.267  -1.049  2.618   1.00 31.44  ? 144 LEU A N   1 
ATOM   905  C CA  . LEU A 1 144 ? -8.706  -1.143  3.965   1.00 35.24  ? 144 LEU A CA  1 
ATOM   906  C C   . LEU A 1 144 ? -9.807  -1.318  5.012   1.00 37.37  ? 144 LEU A C   1 
ATOM   907  O O   . LEU A 1 144 ? -9.741  -2.216  5.863   1.00 34.28  ? 144 LEU A O   1 
ATOM   908  C CB  . LEU A 1 144 ? -7.872  0.104   4.275   1.00 39.25  ? 144 LEU A CB  1 
ATOM   909  C CG  . LEU A 1 144 ? -7.129  0.170   5.622   1.00 43.48  ? 144 LEU A CG  1 
ATOM   910  C CD1 . LEU A 1 144 ? -5.721  -0.360  5.465   1.00 35.95  ? 144 LEU A CD1 1 
ATOM   911  C CD2 . LEU A 1 144 ? -7.091  1.588   6.179   1.00 51.44  ? 144 LEU A CD2 1 
ATOM   912  N N   . ARG A 1 145 ? -10.831 -0.460  4.967   1.00 36.88  ? 145 ARG A N   1 
ATOM   913  C CA  . ARG A 1 145 ? -11.891 -0.509  5.971   1.00 38.05  ? 145 ARG A CA  1 
ATOM   914  C C   . ARG A 1 145 ? -12.672 -1.812  5.886   1.00 33.54  ? 145 ARG A C   1 
ATOM   915  O O   . ARG A 1 145 ? -12.905 -2.471  6.897   1.00 36.46  ? 145 ARG A O   1 
ATOM   916  C CB  . ARG A 1 145 ? -12.821 0.692   5.806   1.00 39.83  ? 145 ARG A CB  1 
ATOM   917  C CG  . ARG A 1 145 ? -13.994 0.722   6.779   1.00 45.07  ? 145 ARG A CG  1 
ATOM   918  C CD  . ARG A 1 145 ? -14.905 1.930   6.534   1.00 53.41  ? 145 ARG A CD  1 
ATOM   919  N NE  . ARG A 1 145 ? -15.418 1.906   5.169   1.00 61.98  ? 145 ARG A NE  1 
ATOM   920  C CZ  . ARG A 1 145 ? -15.024 2.723   4.196   1.00 59.47  ? 145 ARG A CZ  1 
ATOM   921  N NH1 . ARG A 1 145 ? -14.119 3.674   4.438   1.00 67.08  ? 145 ARG A NH1 1 
ATOM   922  N NH2 . ARG A 1 145 ? -15.546 2.586   2.982   1.00 55.91  ? 145 ARG A NH2 1 
ATOM   923  N N   . GLU A 1 146 ? -13.060 -2.213  4.681   1.00 32.57  ? 146 GLU A N   1 
ATOM   924  C CA  . GLU A 1 146 ? -13.894 -3.400  4.513   1.00 35.26  ? 146 GLU A CA  1 
ATOM   925  C C   . GLU A 1 146 ? -13.136 -4.689  4.825   1.00 37.54  ? 146 GLU A C   1 
ATOM   926  O O   . GLU A 1 146 ? -13.660 -5.567  5.520   1.00 41.23  ? 146 GLU A O   1 
ATOM   927  C CB  . GLU A 1 146 ? -14.458 -3.446  3.091   1.00 37.75  ? 146 GLU A CB  1 
ATOM   928  C CG  . GLU A 1 146 ? -15.440 -2.309  2.794   1.00 58.68  ? 146 GLU A CG  1 
ATOM   929  C CD  . GLU A 1 146 ? -16.350 -2.588  1.599   1.00 71.09  ? 146 GLU A CD  1 
ATOM   930  O OE1 . GLU A 1 146 ? -16.530 -3.780  1.250   1.00 79.58  ? 146 GLU A OE1 1 
ATOM   931  O OE2 . GLU A 1 146 ? -16.883 -1.610  1.017   1.00 72.54  ? 146 GLU A OE2 1 
ATOM   932  N N   . ARG A 1 147 ? -11.909 -4.836  4.312   1.00 33.88  ? 147 ARG A N   1 
ATOM   933  C CA  . ARG A 1 147 ? -11.259 -6.144  4.323   1.00 34.84  ? 147 ARG A CA  1 
ATOM   934  C C   . ARG A 1 147 ? -10.171 -6.292  5.374   1.00 35.73  ? 147 ARG A C   1 
ATOM   935  O O   . ARG A 1 147 ? -9.952  -7.407  5.850   1.00 33.74  ? 147 ARG A O   1 
ATOM   936  C CB  . ARG A 1 147 ? -10.653 -6.451  2.955   1.00 31.44  ? 147 ARG A CB  1 
ATOM   937  C CG  . ARG A 1 147 ? -11.671 -6.522  1.875   1.00 34.93  ? 147 ARG A CG  1 
ATOM   938  C CD  . ARG A 1 147 ? -12.515 -7.749  2.130   1.00 39.39  ? 147 ARG A CD  1 
ATOM   939  N NE  . ARG A 1 147 ? -11.670 -8.936  2.149   1.00 34.40  ? 147 ARG A NE  1 
ATOM   940  C CZ  . ARG A 1 147 ? -11.171 -9.491  1.055   1.00 36.50  ? 147 ARG A CZ  1 
ATOM   941  N NH1 . ARG A 1 147 ? -11.449 -8.973  -0.139  1.00 36.38  ? 147 ARG A NH1 1 
ATOM   942  N NH2 . ARG A 1 147 ? -10.395 -10.563 1.154   1.00 40.82  ? 147 ARG A NH2 1 
ATOM   943  N N   . LEU A 1 148 ? -9.517  -5.195  5.777   1.00 34.43  ? 148 LEU A N   1 
ATOM   944  C CA  . LEU A 1 148 ? -8.258  -5.251  6.515   1.00 35.53  ? 148 LEU A CA  1 
ATOM   945  C C   . LEU A 1 148 ? -8.318  -4.718  7.944   1.00 36.18  ? 148 LEU A C   1 
ATOM   946  O O   . LEU A 1 148 ? -7.399  -4.989  8.716   1.00 35.33  ? 148 LEU A O   1 
ATOM   947  C CB  . LEU A 1 148 ? -7.167  -4.453  5.768   1.00 31.93  ? 148 LEU A CB  1 
ATOM   948  C CG  . LEU A 1 148 ? -6.796  -4.822  4.319   1.00 33.31  ? 148 LEU A CG  1 
ATOM   949  C CD1 . LEU A 1 148 ? -5.541  -4.030  3.802   1.00 26.96  ? 148 LEU A CD1 1 
ATOM   950  C CD2 . LEU A 1 148 ? -6.577  -6.327  4.177   1.00 27.91  ? 148 LEU A CD2 1 
ATOM   951  N N   . LEU A 1 149 ? -9.337  -3.936  8.305   1.00 35.83  ? 149 LEU A N   1 
ATOM   952  C CA  . LEU A 1 149 ? -9.272  -3.199  9.563   1.00 37.55  ? 149 LEU A CA  1 
ATOM   953  C C   . LEU A 1 149 ? -9.253  -4.129  10.774  1.00 39.85  ? 149 LEU A C   1 
ATOM   954  O O   . LEU A 1 149 ? -8.535  -3.869  11.746  1.00 39.08  ? 149 LEU A O   1 
ATOM   955  C CB  . LEU A 1 149 ? -10.445 -2.228  9.652   1.00 39.73  ? 149 LEU A CB  1 
ATOM   956  C CG  . LEU A 1 149 ? -10.197 -1.069  10.606  1.00 41.05  ? 149 LEU A CG  1 
ATOM   957  C CD1 . LEU A 1 149 ? -10.920 0.141   10.101  1.00 49.14  ? 149 LEU A CD1 1 
ATOM   958  C CD2 . LEU A 1 149 ? -10.653 -1.419  12.004  1.00 47.62  ? 149 LEU A CD2 1 
ATOM   959  N N   . GLY A 1 150 ? -10.061 -5.191  10.753  1.00 37.79  ? 150 GLY A N   1 
ATOM   960  C CA  . GLY A 1 150 ? -10.051 -6.133  11.861  1.00 39.11  ? 150 GLY A CA  1 
ATOM   961  C C   . GLY A 1 150 ? -8.665  -6.686  12.131  1.00 39.34  ? 150 GLY A C   1 
ATOM   962  O O   . GLY A 1 150 ? -8.182  -6.669  13.270  1.00 37.60  ? 150 GLY A O   1 
ATOM   963  N N   . TRP A 1 151 ? -7.991  -7.153  11.076  1.00 35.03  ? 151 TRP A N   1 
ATOM   964  C CA  . TRP A 1 151 ? -6.651  -7.697  11.244  1.00 38.32  ? 151 TRP A CA  1 
ATOM   965  C C   . TRP A 1 151 ? -5.666  -6.652  11.780  1.00 39.20  ? 151 TRP A C   1 
ATOM   966  O O   . TRP A 1 151 ? -4.863  -6.953  12.676  1.00 37.30  ? 151 TRP A O   1 
ATOM   967  C CB  . TRP A 1 151 ? -6.164  -8.273  9.921   1.00 44.24  ? 151 TRP A CB  1 
ATOM   968  C CG  . TRP A 1 151 ? -4.799  -8.824  10.028  1.00 43.82  ? 151 TRP A CG  1 
ATOM   969  C CD1 . TRP A 1 151 ? -4.448  -10.060 10.496  1.00 42.03  ? 151 TRP A CD1 1 
ATOM   970  C CD2 . TRP A 1 151 ? -3.578  -8.158  9.685   1.00 40.83  ? 151 TRP A CD2 1 
ATOM   971  N NE1 . TRP A 1 151 ? -3.083  -10.208 10.450  1.00 45.60  ? 151 TRP A NE1 1 
ATOM   972  C CE2 . TRP A 1 151 ? -2.523  -9.060  9.951   1.00 42.01  ? 151 TRP A CE2 1 
ATOM   973  C CE3 . TRP A 1 151 ? -3.273  -6.900  9.155   1.00 41.73  ? 151 TRP A CE3 1 
ATOM   974  C CZ2 . TRP A 1 151 ? -1.184  -8.737  9.723   1.00 41.02  ? 151 TRP A CZ2 1 
ATOM   975  C CZ3 . TRP A 1 151 ? -1.936  -6.576  8.919   1.00 37.83  ? 151 TRP A CZ3 1 
ATOM   976  C CH2 . TRP A 1 151 ? -0.908  -7.492  9.210   1.00 40.92  ? 151 TRP A CH2 1 
ATOM   977  N N   . ILE A 1 152 ? -5.714  -5.416  11.264  1.00 33.90  ? 152 ILE A N   1 
ATOM   978  C CA  . ILE A 1 152 ? -4.810  -4.381  11.774  1.00 37.54  ? 152 ILE A CA  1 
ATOM   979  C C   . ILE A 1 152 ? -5.069  -4.115  13.257  1.00 38.67  ? 152 ILE A C   1 
ATOM   980  O O   . ILE A 1 152 ? -4.128  -3.903  14.032  1.00 40.20  ? 152 ILE A O   1 
ATOM   981  C CB  . ILE A 1 152 ? -4.925  -3.091  10.935  1.00 34.89  ? 152 ILE A CB  1 
ATOM   982  C CG1 . ILE A 1 152 ? -4.464  -3.355  9.499   1.00 32.68  ? 152 ILE A CG1 1 
ATOM   983  C CG2 . ILE A 1 152 ? -4.120  -1.945  11.565  1.00 29.45  ? 152 ILE A CG2 1 
ATOM   984  C CD1 . ILE A 1 152 ? -4.787  -2.212  8.528   1.00 30.80  ? 152 ILE A CD1 1 
ATOM   985  N N   . GLN A 1 153 ? -6.339  -4.117  13.677  1.00 39.12  ? 153 GLN A N   1 
ATOM   986  C CA  . GLN A 1 153 ? -6.649  -3.984  15.100  1.00 42.58  ? 153 GLN A CA  1 
ATOM   987  C C   . GLN A 1 153 ? -5.962  -5.075  15.908  1.00 42.53  ? 153 GLN A C   1 
ATOM   988  O O   . GLN A 1 153 ? -5.263  -4.793  16.887  1.00 40.13  ? 153 GLN A O   1 
ATOM   989  C CB  . GLN A 1 153 ? -8.161  -4.043  15.333  1.00 40.65  ? 153 GLN A CB  1 
ATOM   990  C CG  . GLN A 1 153 ? -8.902  -2.853  14.846  1.00 44.32  ? 153 GLN A CG  1 
ATOM   991  C CD  . GLN A 1 153 ? -10.384 -2.893  15.192  1.00 55.00  ? 153 GLN A CD  1 
ATOM   992  O OE1 . GLN A 1 153 ? -11.104 -3.806  14.776  1.00 53.52  ? 153 GLN A OE1 1 
ATOM   993  N NE2 . GLN A 1 153 ? -10.852 -1.893  15.945  1.00 55.45  ? 153 GLN A NE2 1 
ATOM   994  N N   . ASP A 1 154 ? -6.162  -6.334  15.507  1.00 41.00  ? 154 ASP A N   1 
ATOM   995  C CA  . ASP A 1 154 ? -5.487  -7.460  16.138  1.00 40.93  ? 154 ASP A CA  1 
ATOM   996  C C   . ASP A 1 154 ? -3.968  -7.284  16.186  1.00 46.35  ? 154 ASP A C   1 
ATOM   997  O O   . ASP A 1 154 ? -3.308  -7.933  17.012  1.00 47.29  ? 154 ASP A O   1 
ATOM   998  C CB  . ASP A 1 154 ? -5.855  -8.773  15.406  1.00 43.50  ? 154 ASP A CB  1 
ATOM   999  C CG  . ASP A 1 154 ? -7.342  -9.163  15.586  1.00 49.51  ? 154 ASP A CG  1 
ATOM   1000 O OD1 . ASP A 1 154 ? -7.999  -8.617  16.499  1.00 45.93  ? 154 ASP A OD1 1 
ATOM   1001 O OD2 . ASP A 1 154 ? -7.859  -10.009 14.817  1.00 46.00  ? 154 ASP A OD2 1 
ATOM   1002 N N   . GLN A 1 155 ? -3.395  -6.422  15.333  1.00 41.55  ? 155 GLN A N   1 
ATOM   1003 C CA  . GLN A 1 155 ? -1.953  -6.214  15.323  1.00 40.78  ? 155 GLN A CA  1 
ATOM   1004 C C   . GLN A 1 155 ? -1.513  -5.138  16.296  1.00 45.55  ? 155 GLN A C   1 
ATOM   1005 O O   . GLN A 1 155 ? -0.311  -4.869  16.394  1.00 44.93  ? 155 GLN A O   1 
ATOM   1006 C CB  . GLN A 1 155 ? -1.455  -5.829  13.921  1.00 40.24  ? 155 GLN A CB  1 
ATOM   1007 C CG  . GLN A 1 155 ? -1.669  -6.877  12.859  1.00 40.51  ? 155 GLN A CG  1 
ATOM   1008 C CD  . GLN A 1 155 ? -0.876  -8.119  13.151  1.00 47.43  ? 155 GLN A CD  1 
ATOM   1009 O OE1 . GLN A 1 155 ? 0.365   -8.127  13.062  1.00 49.10  ? 155 GLN A OE1 1 
ATOM   1010 N NE2 . GLN A 1 155 ? -1.574  -9.169  13.549  1.00 43.31  ? 155 GLN A NE2 1 
ATOM   1011 N N   . GLY A 1 156 ? -2.450  -4.498  16.991  1.00 45.42  ? 156 GLY A N   1 
ATOM   1012 C CA  . GLY A 1 156 ? -2.146  -3.289  17.729  1.00 43.02  ? 156 GLY A CA  1 
ATOM   1013 C C   . GLY A 1 156 ? -2.124  -2.013  16.914  1.00 48.47  ? 156 GLY A C   1 
ATOM   1014 O O   . GLY A 1 156 ? -1.573  -1.006  17.383  1.00 51.06  ? 156 GLY A O   1 
ATOM   1015 N N   . GLY A 1 157 ? -2.704  -2.007  15.720  1.00 44.87  ? 157 GLY A N   1 
ATOM   1016 C CA  . GLY A 1 157 ? -2.653  -0.818  14.889  1.00 42.87  ? 157 GLY A CA  1 
ATOM   1017 C C   . GLY A 1 157 ? -1.422  -0.783  14.002  1.00 40.50  ? 157 GLY A C   1 
ATOM   1018 O O   . GLY A 1 157 ? -0.744  -1.792  13.775  1.00 38.52  ? 157 GLY A O   1 
ATOM   1019 N N   . TRP A 1 158 ? -1.123  0.419   13.508  1.00 35.35  ? 158 TRP A N   1 
ATOM   1020 C CA  . TRP A 1 158 ? -0.045  0.576   12.544  1.00 40.50  ? 158 TRP A CA  1 
ATOM   1021 C C   . TRP A 1 158 ? 1.334   0.357   13.149  1.00 43.68  ? 158 TRP A C   1 
ATOM   1022 O O   . TRP A 1 158 ? 2.296   0.232   12.389  1.00 45.68  ? 158 TRP A O   1 
ATOM   1023 C CB  . TRP A 1 158 ? -0.117  1.956   11.877  1.00 39.95  ? 158 TRP A CB  1 
ATOM   1024 C CG  . TRP A 1 158 ? -1.264  2.055   10.939  1.00 36.65  ? 158 TRP A CG  1 
ATOM   1025 C CD1 . TRP A 1 158 ? -2.487  2.538   11.226  1.00 34.65  ? 158 TRP A CD1 1 
ATOM   1026 C CD2 . TRP A 1 158 ? -1.312  1.614   9.572   1.00 35.58  ? 158 TRP A CD2 1 
ATOM   1027 N NE1 . TRP A 1 158 ? -3.298  2.455   10.126  1.00 37.23  ? 158 TRP A NE1 1 
ATOM   1028 C CE2 . TRP A 1 158 ? -2.605  1.884   9.096   1.00 36.78  ? 158 TRP A CE2 1 
ATOM   1029 C CE3 . TRP A 1 158 ? -0.386  1.042   8.703   1.00 34.45  ? 158 TRP A CE3 1 
ATOM   1030 C CZ2 . TRP A 1 158 ? -3.004  1.592   7.784   1.00 35.21  ? 158 TRP A CZ2 1 
ATOM   1031 C CZ3 . TRP A 1 158 ? -0.786  0.744   7.399   1.00 32.66  ? 158 TRP A CZ3 1 
ATOM   1032 C CH2 . TRP A 1 158 ? -2.075  1.019   6.957   1.00 34.04  ? 158 TRP A CH2 1 
ATOM   1033 N N   . ASP A 1 159 ? 1.457   0.320   14.485  1.00 45.09  ? 159 ASP A N   1 
ATOM   1034 C CA  . ASP A 1 159 ? 2.734   -0.028  15.108  1.00 48.94  ? 159 ASP A CA  1 
ATOM   1035 C C   . ASP A 1 159 ? 3.180   -1.424  14.706  1.00 46.45  ? 159 ASP A C   1 
ATOM   1036 O O   . ASP A 1 159 ? 4.384   -1.708  14.661  1.00 47.75  ? 159 ASP A O   1 
ATOM   1037 C CB  . ASP A 1 159 ? 2.634   0.047   16.633  1.00 54.78  ? 159 ASP A CB  1 
ATOM   1038 C CG  . ASP A 1 159 ? 2.197   1.408   17.129  1.00 64.31  ? 159 ASP A CG  1 
ATOM   1039 O OD1 . ASP A 1 159 ? 2.675   2.426   16.577  1.00 67.07  ? 159 ASP A OD1 1 
ATOM   1040 O OD2 . ASP A 1 159 ? 1.373   1.457   18.076  1.00 69.00  ? 159 ASP A OD2 1 
ATOM   1041 N N   . GLY A 1 160 ? 2.222   -2.311  14.444  1.00 42.67  ? 160 GLY A N   1 
ATOM   1042 C CA  . GLY A 1 160 ? 2.555   -3.600  13.871  1.00 41.91  ? 160 GLY A CA  1 
ATOM   1043 C C   . GLY A 1 160 ? 3.411   -3.458  12.636  1.00 43.25  ? 160 GLY A C   1 
ATOM   1044 O O   . GLY A 1 160 ? 4.389   -4.182  12.465  1.00 45.50  ? 160 GLY A O   1 
ATOM   1045 N N   . LEU A 1 161 ? 3.086   -2.485  11.780  1.00 41.54  ? 161 LEU A N   1 
ATOM   1046 C CA  . LEU A 1 161 ? 3.876   -2.282  10.575  1.00 39.59  ? 161 LEU A CA  1 
ATOM   1047 C C   . LEU A 1 161 ? 5.281   -1.791  10.907  1.00 43.59  ? 161 LEU A C   1 
ATOM   1048 O O   . LEU A 1 161 ? 6.248   -2.149  10.221  1.00 41.61  ? 161 LEU A O   1 
ATOM   1049 C CB  . LEU A 1 161 ? 3.172   -1.309  9.639   1.00 37.09  ? 161 LEU A CB  1 
ATOM   1050 C CG  . LEU A 1 161 ? 3.910   -1.016  8.331   1.00 41.15  ? 161 LEU A CG  1 
ATOM   1051 C CD1 . LEU A 1 161 ? 4.313   -2.361  7.639   1.00 34.25  ? 161 LEU A CD1 1 
ATOM   1052 C CD2 . LEU A 1 161 ? 3.020   -0.125  7.438   1.00 33.25  ? 161 LEU A CD2 1 
ATOM   1053 N N   . LEU A 1 162 ? 5.418   -0.972  11.952  1.00 43.37  ? 162 LEU A N   1 
ATOM   1054 C CA  . LEU A 1 162 ? 6.748   -0.551  12.377  1.00 45.56  ? 162 LEU A CA  1 
ATOM   1055 C C   . LEU A 1 162 ? 7.612   -1.758  12.704  1.00 49.59  ? 162 LEU A C   1 
ATOM   1056 O O   . LEU A 1 162 ? 8.767   -1.850  12.270  1.00 53.51  ? 162 LEU A O   1 
ATOM   1057 C CB  . LEU A 1 162 ? 6.654   0.367   13.594  1.00 48.76  ? 162 LEU A CB  1 
ATOM   1058 C CG  . LEU A 1 162 ? 6.497   1.866   13.357  1.00 53.99  ? 162 LEU A CG  1 
ATOM   1059 C CD1 . LEU A 1 162 ? 6.203   2.560   14.678  1.00 58.11  ? 162 LEU A CD1 1 
ATOM   1060 C CD2 . LEU A 1 162 ? 7.742   2.448   12.683  1.00 52.90  ? 162 LEU A CD2 1 
ATOM   1061 N N   . SER A 1 163 ? 7.058   -2.697  13.471  1.00 47.83  ? 163 SER A N   1 
ATOM   1062 C CA  . SER A 1 163 ? 7.786   -3.914  13.817  1.00 50.05  ? 163 SER A CA  1 
ATOM   1063 C C   . SER A 1 163 ? 8.185   -4.685  12.565  1.00 52.06  ? 163 SER A C   1 
ATOM   1064 O O   . SER A 1 163 ? 9.336   -5.115  12.418  1.00 52.51  ? 163 SER A O   1 
ATOM   1065 C CB  . SER A 1 163 ? 6.926   -4.787  14.734  1.00 57.19  ? 163 SER A CB  1 
ATOM   1066 O OG  . SER A 1 163 ? 6.008   -4.001  15.489  1.00 55.08  ? 163 SER A OG  1 
ATOM   1067 N N   . TYR A 1 164 ? 7.235   -4.863  11.649  1.00 49.37  ? 164 TYR A N   1 
ATOM   1068 C CA  . TYR A 1 164 ? 7.503   -5.552  10.393  1.00 45.49  ? 164 TYR A CA  1 
ATOM   1069 C C   . TYR A 1 164 ? 8.701   -4.945  9.660   1.00 48.20  ? 164 TYR A C   1 
ATOM   1070 O O   . TYR A 1 164 ? 9.502   -5.668  9.066   1.00 50.81  ? 164 TYR A O   1 
ATOM   1071 C CB  . TYR A 1 164 ? 6.241   -5.514  9.527   1.00 39.39  ? 164 TYR A CB  1 
ATOM   1072 C CG  . TYR A 1 164 ? 6.352   -6.223  8.214   1.00 39.93  ? 164 TYR A CG  1 
ATOM   1073 C CD1 . TYR A 1 164 ? 6.102   -7.590  8.119   1.00 42.31  ? 164 TYR A CD1 1 
ATOM   1074 C CD2 . TYR A 1 164 ? 6.703   -5.534  7.061   1.00 39.55  ? 164 TYR A CD2 1 
ATOM   1075 C CE1 . TYR A 1 164 ? 6.204   -8.255  6.910   1.00 38.14  ? 164 TYR A CE1 1 
ATOM   1076 C CE2 . TYR A 1 164 ? 6.811   -6.195  5.847   1.00 43.24  ? 164 TYR A CE2 1 
ATOM   1077 C CZ  . TYR A 1 164 ? 6.559   -7.553  5.782   1.00 38.49  ? 164 TYR A CZ  1 
ATOM   1078 O OH  . TYR A 1 164 ? 6.663   -8.205  4.586   1.00 43.62  ? 164 TYR A OH  1 
ATOM   1079 N N   . PHE A 1 165 ? 8.844   -3.620  9.691   1.00 46.88  ? 165 PHE A N   1 
ATOM   1080 C CA  . PHE A 1 165 ? 10.018  -3.012  9.077   1.00 48.63  ? 165 PHE A CA  1 
ATOM   1081 C C   . PHE A 1 165 ? 11.267  -3.218  9.924   1.00 56.30  ? 165 PHE A C   1 
ATOM   1082 O O   . PHE A 1 165 ? 12.370  -3.306  9.379   1.00 55.44  ? 165 PHE A O   1 
ATOM   1083 C CB  . PHE A 1 165 ? 9.788   -1.521  8.840   1.00 49.97  ? 165 PHE A CB  1 
ATOM   1084 C CG  . PHE A 1 165 ? 8.818   -1.229  7.729   1.00 50.96  ? 165 PHE A CG  1 
ATOM   1085 C CD1 . PHE A 1 165 ? 8.740   -2.063  6.632   1.00 50.03  ? 165 PHE A CD1 1 
ATOM   1086 C CD2 . PHE A 1 165 ? 7.971   -0.137  7.794   1.00 47.77  ? 165 PHE A CD2 1 
ATOM   1087 C CE1 . PHE A 1 165 ? 7.850   -1.804  5.609   1.00 47.61  ? 165 PHE A CE1 1 
ATOM   1088 C CE2 . PHE A 1 165 ? 7.084   0.143   6.765   1.00 46.12  ? 165 PHE A CE2 1 
ATOM   1089 C CZ  . PHE A 1 165 ? 7.019   -0.698  5.672   1.00 48.24  ? 165 PHE A CZ  1 
ATOM   1090 N N   . GLY A 1 166 ? 11.111  -3.293  11.247  1.00 52.05  ? 166 GLY A N   1 
ATOM   1091 C CA  . GLY A 1 166 ? 12.262  -3.526  12.102  1.00 59.12  ? 166 GLY A CA  1 
ATOM   1092 C C   . GLY A 1 166 ? 12.797  -4.940  11.976  1.00 66.51  ? 166 GLY A C   1 
ATOM   1093 O O   . GLY A 1 166 ? 14.007  -5.149  11.839  1.00 71.76  ? 166 GLY A O   1 
ATOM   1094 N N   . THR A 1 167 ? 11.903  -5.930  12.024  1.00 61.31  ? 167 THR A N   1 
ATOM   1095 C CA  . THR A 1 167 ? 12.281  -7.322  11.832  1.00 63.36  ? 167 THR A CA  1 
ATOM   1096 C C   . THR A 1 167 ? 12.595  -7.589  10.364  1.00 68.16  ? 167 THR A C   1 
ATOM   1097 O O   . THR A 1 167 ? 11.820  -8.259  9.673   1.00 74.13  ? 167 THR A O   1 
ATOM   1098 C CB  . THR A 1 167 ? 11.161  -8.271  12.313  1.00 67.17  ? 167 THR A CB  1 
ATOM   1099 O OG1 . THR A 1 167 ? 10.075  -8.287  11.370  1.00 59.62  ? 167 THR A OG1 1 
ATOM   1100 C CG2 . THR A 1 167 ? 10.632  -7.864  13.691  1.00 61.45  ? 167 THR A CG2 1 
ATOM   1101 N N   . GLY A 1 168 ? 13.711  -7.070  9.868   1.00 77.35  ? 168 GLY A N   1 
ATOM   1102 C CA  . GLY A 1 168 ? 14.097  -7.337  8.501   1.00 80.38  ? 168 GLY A CA  1 
ATOM   1103 C C   . GLY A 1 168 ? 14.987  -6.239  7.955   1.00 87.25  ? 168 GLY A C   1 
ATOM   1104 O O   . GLY A 1 168 ? 15.467  -5.374  8.687   1.00 98.72  ? 168 GLY A O   1 
ATOM   1105 N N   . THR A 1 169 ? 15.181  -6.301  6.641   1.00 81.43  ? 169 THR A N   1 
ATOM   1106 C CA  . THR A 1 169 ? 16.074  -5.428  5.892   1.00 78.89  ? 169 THR A CA  1 
ATOM   1107 C C   . THR A 1 169 ? 15.281  -4.776  4.774   1.00 68.89  ? 169 THR A C   1 
ATOM   1108 O O   . THR A 1 169 ? 14.399  -5.416  4.195   1.00 68.26  ? 169 THR A O   1 
ATOM   1109 C CB  . THR A 1 169 ? 17.237  -6.238  5.295   1.00 85.61  ? 169 THR A CB  1 
ATOM   1110 O OG1 . THR A 1 169 ? 17.842  -7.046  6.317   1.00 93.61  ? 169 THR A OG1 1 
ATOM   1111 C CG2 . THR A 1 169 ? 18.283  -5.330  4.644   1.00 86.29  ? 169 THR A CG2 1 
ATOM   1112 N N   . TRP A 1 170 ? 15.577  -3.506  4.469   1.00 66.50  ? 170 TRP A N   1 
ATOM   1113 C CA  . TRP A 1 170 ? 14.909  -2.879  3.332   1.00 65.00  ? 170 TRP A CA  1 
ATOM   1114 C C   . TRP A 1 170 ? 14.970  -3.804  2.129   1.00 62.64  ? 170 TRP A C   1 
ATOM   1115 O O   . TRP A 1 170 ? 13.952  -4.087  1.481   1.00 54.91  ? 170 TRP A O   1 
ATOM   1116 C CB  . TRP A 1 170 ? 15.543  -1.521  2.985   1.00 63.28  ? 170 TRP A CB  1 
ATOM   1117 C CG  . TRP A 1 170 ? 15.282  -0.345  3.936   1.00 65.81  ? 170 TRP A CG  1 
ATOM   1118 C CD1 . TRP A 1 170 ? 16.105  0.738   4.142   1.00 71.80  ? 170 TRP A CD1 1 
ATOM   1119 C CD2 . TRP A 1 170 ? 14.138  -0.130  4.777   1.00 66.47  ? 170 TRP A CD2 1 
ATOM   1120 N NE1 . TRP A 1 170 ? 15.546  1.601   5.056   1.00 67.36  ? 170 TRP A NE1 1 
ATOM   1121 C CE2 . TRP A 1 170 ? 14.343  1.089   5.464   1.00 67.96  ? 170 TRP A CE2 1 
ATOM   1122 C CE3 . TRP A 1 170 ? 12.963  -0.846  5.021   1.00 64.73  ? 170 TRP A CE3 1 
ATOM   1123 C CZ2 . TRP A 1 170 ? 13.423  1.592   6.371   1.00 63.50  ? 170 TRP A CZ2 1 
ATOM   1124 C CZ3 . TRP A 1 170 ? 12.056  -0.340  5.917   1.00 60.32  ? 170 TRP A CZ3 1 
ATOM   1125 C CH2 . TRP A 1 170 ? 12.292  0.860   6.585   1.00 58.37  ? 170 TRP A CH2 1 
ATOM   1126 N N   . GLN A 1 171 ? 16.155  -4.352  1.871   1.00 65.98  ? 171 GLN A N   1 
ATOM   1127 C CA  . GLN A 1 171 ? 16.347  -5.209  0.715   1.00 66.86  ? 171 GLN A CA  1 
ATOM   1128 C C   . GLN A 1 171 ? 15.693  -6.569  0.908   1.00 59.95  ? 171 GLN A C   1 
ATOM   1129 O O   . GLN A 1 171 ? 15.332  -7.223  -0.076  1.00 57.12  ? 171 GLN A O   1 
ATOM   1130 C CB  . GLN A 1 171 ? 17.845  -5.324  0.431   1.00 70.88  ? 171 GLN A CB  1 
ATOM   1131 C CG  . GLN A 1 171 ? 18.482  -3.944  0.206   1.00 67.44  ? 171 GLN A CG  1 
ATOM   1132 C CD  . GLN A 1 171 ? 19.981  -3.946  0.359   1.00 73.97  ? 171 GLN A CD  1 
ATOM   1133 O OE1 . GLN A 1 171 ? 20.501  -3.763  1.461   1.00 75.37  ? 171 GLN A OE1 1 
ATOM   1134 N NE2 . GLN A 1 171 ? 20.694  -4.162  -0.747  1.00 76.10  ? 171 GLN A NE2 1 
ATOM   1135 N N   . THR A 1 172 ? 15.487  -6.994  2.155   1.00 60.10  ? 172 THR A N   1 
ATOM   1136 C CA  . THR A 1 172 ? 14.845  -8.283  2.392   1.00 55.65  ? 172 THR A CA  1 
ATOM   1137 C C   . THR A 1 172 ? 13.327  -8.185  2.278   1.00 54.84  ? 172 THR A C   1 
ATOM   1138 O O   . THR A 1 172 ? 12.699  -8.983  1.576   1.00 51.85  ? 172 THR A O   1 
ATOM   1139 C CB  . THR A 1 172 ? 15.246  -8.808  3.767   1.00 66.66  ? 172 THR A CB  1 
ATOM   1140 O OG1 . THR A 1 172 ? 16.670  -8.990  3.807   1.00 69.82  ? 172 THR A OG1 1 
ATOM   1141 C CG2 . THR A 1 172 ? 14.534  -10.129 4.066   1.00 58.20  ? 172 THR A CG2 1 
ATOM   1142 N N   . VAL A 1 173 ? 12.724  -7.214  2.980   1.00 57.97  ? 173 VAL A N   1 
ATOM   1143 C CA  . VAL A 1 173 ? 11.286  -6.964  2.920   1.00 51.32  ? 173 VAL A CA  1 
ATOM   1144 C C   . VAL A 1 173 ? 10.841  -6.670  1.493   1.00 45.75  ? 173 VAL A C   1 
ATOM   1145 O O   . VAL A 1 173 ? 9.726   -7.027  1.092   1.00 42.19  ? 173 VAL A O   1 
ATOM   1146 C CB  . VAL A 1 173 ? 10.924  -5.804  3.874   1.00 51.96  ? 173 VAL A CB  1 
ATOM   1147 C CG1 . VAL A 1 173 ? 9.498   -5.354  3.664   1.00 47.58  ? 173 VAL A CG1 1 
ATOM   1148 C CG2 . VAL A 1 173 ? 11.144  -6.207  5.320   1.00 56.75  ? 173 VAL A CG2 1 
ATOM   1149 N N   . THR A 1 174 ? 11.698  -6.012  0.708   1.00 43.01  ? 174 THR A N   1 
ATOM   1150 C CA  . THR A 1 174 ? 11.359  -5.727  -0.681  1.00 38.69  ? 174 THR A CA  1 
ATOM   1151 C C   . THR A 1 174 ? 11.126  -7.005  -1.468  1.00 34.70  ? 174 THR A C   1 
ATOM   1152 O O   . THR A 1 174 ? 10.214  -7.077  -2.299  1.00 32.42  ? 174 THR A O   1 
ATOM   1153 C CB  . THR A 1 174 ? 12.465  -4.912  -1.329  1.00 35.74  ? 174 THR A CB  1 
ATOM   1154 O OG1 . THR A 1 174 ? 12.520  -3.642  -0.696  1.00 41.16  ? 174 THR A OG1 1 
ATOM   1155 C CG2 . THR A 1 174 ? 12.186  -4.723  -2.796  1.00 32.13  ? 174 THR A CG2 1 
ATOM   1156 N N   . ILE A 1 175 ? 11.948  -8.023  -1.231  1.00 36.11  ? 175 ILE A N   1 
ATOM   1157 C CA  . ILE A 1 175 ? 11.772  -9.278  -1.952  1.00 35.52  ? 175 ILE A CA  1 
ATOM   1158 C C   . ILE A 1 175 ? 10.361  -9.797  -1.749  1.00 33.24  ? 175 ILE A C   1 
ATOM   1159 O O   . ILE A 1 175 ? 9.682   -10.193 -2.703  1.00 32.51  ? 175 ILE A O   1 
ATOM   1160 C CB  . ILE A 1 175 ? 12.824  -10.304 -1.497  1.00 36.19  ? 175 ILE A CB  1 
ATOM   1161 C CG1 . ILE A 1 175 ? 14.198  -9.927  -2.056  1.00 41.04  ? 175 ILE A CG1 1 
ATOM   1162 C CG2 . ILE A 1 175 ? 12.395  -11.689 -1.882  1.00 31.28  ? 175 ILE A CG2 1 
ATOM   1163 C CD1 . ILE A 1 175 ? 15.358  -10.397 -1.187  1.00 42.13  ? 175 ILE A CD1 1 
ATOM   1164 N N   . PHE A 1 176 ? 9.878   -9.742  -0.514  1.00 33.88  ? 176 PHE A N   1 
ATOM   1165 C CA  . PHE A 1 176 ? 8.588   -10.347 -0.206  1.00 37.55  ? 176 PHE A CA  1 
ATOM   1166 C C   . PHE A 1 176 ? 7.429   -9.507  -0.711  1.00 33.09  ? 176 PHE A C   1 
ATOM   1167 O O   . PHE A 1 176 ? 6.457   -10.052 -1.249  1.00 33.86  ? 176 PHE A O   1 
ATOM   1168 C CB  . PHE A 1 176 ? 8.477   -10.574 1.296   1.00 43.49  ? 176 PHE A CB  1 
ATOM   1169 C CG  . PHE A 1 176 ? 9.466   -11.573 1.809   1.00 52.39  ? 176 PHE A CG  1 
ATOM   1170 C CD1 . PHE A 1 176 ? 9.375   -12.913 1.425   1.00 56.60  ? 176 PHE A CD1 1 
ATOM   1171 C CD2 . PHE A 1 176 ? 10.498  -11.185 2.655   1.00 56.90  ? 176 PHE A CD2 1 
ATOM   1172 C CE1 . PHE A 1 176 ? 10.282  -13.855 1.893   1.00 60.79  ? 176 PHE A CE1 1 
ATOM   1173 C CE2 . PHE A 1 176 ? 11.417  -12.122 3.129   1.00 61.11  ? 176 PHE A CE2 1 
ATOM   1174 C CZ  . PHE A 1 176 ? 11.306  -13.458 2.745   1.00 65.83  ? 176 PHE A CZ  1 
ATOM   1175 N N   . VAL A 1 177 ? 7.516   -8.186  -0.546  1.00 30.65  ? 177 VAL A N   1 
ATOM   1176 C CA  . VAL A 1 177 ? 6.488   -7.304  -1.087  1.00 31.82  ? 177 VAL A CA  1 
ATOM   1177 C C   . VAL A 1 177 ? 6.429   -7.455  -2.600  1.00 31.31  ? 177 VAL A C   1 
ATOM   1178 O O   . VAL A 1 177 ? 5.354   -7.600  -3.192  1.00 32.15  ? 177 VAL A O   1 
ATOM   1179 C CB  . VAL A 1 177 ? 6.750   -5.835  -0.684  1.00 29.75  ? 177 VAL A CB  1 
ATOM   1180 C CG1 . VAL A 1 177 ? 5.698   -4.972  -1.298  1.00 26.77  ? 177 VAL A CG1 1 
ATOM   1181 C CG2 . VAL A 1 177 ? 6.771   -5.652  0.816   1.00 26.98  ? 177 VAL A CG2 1 
ATOM   1182 N N   . ALA A 1 178 ? 7.592   -7.423  -3.252  1.00 30.73  ? 178 ALA A N   1 
ATOM   1183 C CA  . ALA A 1 178 ? 7.599   -7.569  -4.701  1.00 34.51  ? 178 ALA A CA  1 
ATOM   1184 C C   . ALA A 1 178 ? 7.054   -8.935  -5.094  1.00 32.26  ? 178 ALA A C   1 
ATOM   1185 O O   . ALA A 1 178 ? 6.299   -9.048  -6.063  1.00 35.09  ? 178 ALA A O   1 
ATOM   1186 C CB  . ALA A 1 178 ? 9.008   -7.338  -5.265  1.00 31.05  ? 178 ALA A CB  1 
ATOM   1187 N N   . GLY A 1 179 ? 7.354   -9.966  -4.301  1.00 30.63  ? 179 GLY A N   1 
ATOM   1188 C CA  . GLY A 1 179 ? 6.822   -11.294 -4.589  1.00 33.33  ? 179 GLY A CA  1 
ATOM   1189 C C   . GLY A 1 179 ? 5.305   -11.361 -4.557  1.00 37.38  ? 179 GLY A C   1 
ATOM   1190 O O   . GLY A 1 179 ? 4.675   -11.934 -5.451  1.00 35.42  ? 179 GLY A O   1 
ATOM   1191 N N   . VAL A 1 180 ? 4.683   -10.774 -3.531  1.00 36.48  ? 180 VAL A N   1 
ATOM   1192 C CA  . VAL A 1 180 ? 3.229   -10.907 -3.453  1.00 37.45  ? 180 VAL A CA  1 
ATOM   1193 C C   . VAL A 1 180 ? 2.561   -10.092 -4.559  1.00 37.09  ? 180 VAL A C   1 
ATOM   1194 O O   . VAL A 1 180 ? 1.551   -10.517 -5.137  1.00 36.53  ? 180 VAL A O   1 
ATOM   1195 C CB  . VAL A 1 180 ? 2.696   -10.520 -2.055  1.00 42.91  ? 180 VAL A CB  1 
ATOM   1196 C CG1 . VAL A 1 180 ? 3.502   -11.154 -0.961  1.00 45.10  ? 180 VAL A CG1 1 
ATOM   1197 C CG2 . VAL A 1 180 ? 2.683   -9.036  -1.868  1.00 37.11  ? 180 VAL A CG2 1 
ATOM   1198 N N   . LEU A 1 181 ? 3.127   -8.925  -4.896  1.00 34.78  ? 181 LEU A N   1 
ATOM   1199 C CA  . LEU A 1 181 ? 2.493   -8.068  -5.886  1.00 34.02  ? 181 LEU A CA  1 
ATOM   1200 C C   . LEU A 1 181 ? 2.634   -8.655  -7.283  1.00 34.57  ? 181 LEU A C   1 
ATOM   1201 O O   . LEU A 1 181 ? 1.690   -8.607  -8.079  1.00 38.05  ? 181 LEU A O   1 
ATOM   1202 C CB  . LEU A 1 181 ? 3.087   -6.654  -5.814  1.00 33.03  ? 181 LEU A CB  1 
ATOM   1203 C CG  . LEU A 1 181 ? 2.442   -5.566  -6.670  1.00 30.38  ? 181 LEU A CG  1 
ATOM   1204 C CD1 . LEU A 1 181 ? 0.925   -5.708  -6.640  1.00 34.94  ? 181 LEU A CD1 1 
ATOM   1205 C CD2 . LEU A 1 181 ? 2.830   -4.164  -6.176  1.00 32.30  ? 181 LEU A CD2 1 
ATOM   1206 N N   . THR A 1 182 ? 3.807   -9.208  -7.594  1.00 33.98  ? 182 THR A N   1 
ATOM   1207 C CA  . THR A 1 182 ? 4.037   -9.821  -8.900  1.00 39.80  ? 182 THR A CA  1 
ATOM   1208 C C   . THR A 1 182 ? 3.143   -11.038 -9.104  1.00 41.89  ? 182 THR A C   1 
ATOM   1209 O O   . THR A 1 182 ? 2.522   -11.193 -10.160 1.00 47.67  ? 182 THR A O   1 
ATOM   1210 C CB  . THR A 1 182 ? 5.515   -10.211 -9.045  1.00 40.80  ? 182 THR A CB  1 
ATOM   1211 O OG1 . THR A 1 182 ? 6.307   -9.021  -9.188  1.00 36.92  ? 182 THR A OG1 1 
ATOM   1212 C CG2 . THR A 1 182 ? 5.724   -11.125 -10.258 1.00 35.89  ? 182 THR A CG2 1 
ATOM   1213 N N   . ALA A 1 183 ? 3.079   -11.921 -8.107  1.00 38.29  ? 183 ALA A N   1 
ATOM   1214 C CA  . ALA A 1 183 ? 2.167   -13.058 -8.187  1.00 43.94  ? 183 ALA A CA  1 
ATOM   1215 C C   . ALA A 1 183 ? 0.748   -12.610 -8.537  1.00 47.23  ? 183 ALA A C   1 
ATOM   1216 O O   . ALA A 1 183 ? 0.126   -13.152 -9.459  1.00 52.07  ? 183 ALA A O   1 
ATOM   1217 C CB  . ALA A 1 183 ? 2.180   -13.833 -6.869  1.00 41.54  ? 183 ALA A CB  1 
ATOM   1218 N N   . SER A 1 184 ? 0.238   -11.581 -7.846  1.00 41.92  ? 184 SER A N   1 
ATOM   1219 C CA  . SER A 1 184 ? -1.142  -11.166 -8.091  1.00 43.33  ? 184 SER A CA  1 
ATOM   1220 C C   . SER A 1 184 ? -1.305  -10.555 -9.471  1.00 49.25  ? 184 SER A C   1 
ATOM   1221 O O   . SER A 1 184 ? -2.324  -10.772 -10.134 1.00 53.65  ? 184 SER A O   1 
ATOM   1222 C CB  . SER A 1 184 ? -1.614  -10.177 -7.030  1.00 38.76  ? 184 SER A CB  1 
ATOM   1223 O OG  . SER A 1 184 ? -1.974  -10.873 -5.863  1.00 41.94  ? 184 SER A OG  1 
ATOM   1224 N N   . LEU A 1 185 ? -0.329  -9.767  -9.909  1.00 45.45  ? 185 LEU A N   1 
ATOM   1225 C CA  . LEU A 1 185 ? -0.468  -9.131  -11.209 1.00 52.48  ? 185 LEU A CA  1 
ATOM   1226 C C   . LEU A 1 185 ? -0.507  -10.155 -12.332 1.00 55.00  ? 185 LEU A C   1 
ATOM   1227 O O   . LEU A 1 185 ? -1.070  -9.874  -13.394 1.00 59.78  ? 185 LEU A O   1 
ATOM   1228 C CB  . LEU A 1 185 ? 0.668   -8.134  -11.422 1.00 47.64  ? 185 LEU A CB  1 
ATOM   1229 C CG  . LEU A 1 185 ? 0.505   -6.827  -10.645 1.00 45.24  ? 185 LEU A CG  1 
ATOM   1230 C CD1 . LEU A 1 185 ? 1.785   -6.036  -10.700 1.00 38.29  ? 185 LEU A CD1 1 
ATOM   1231 C CD2 . LEU A 1 185 ? -0.663  -6.016  -11.208 1.00 41.94  ? 185 LEU A CD2 1 
ATOM   1232 N N   . THR A 1 186 ? 0.035   -11.345 -12.095 1.00 56.46  ? 186 THR A N   1 
ATOM   1233 C CA  . THR A 1 186 ? 0.065   -12.374 -13.124 1.00 61.83  ? 186 THR A CA  1 
ATOM   1234 C C   . THR A 1 186 ? -1.328  -12.927 -13.390 1.00 69.34  ? 186 THR A C   1 
ATOM   1235 O O   . THR A 1 186 ? -1.785  -12.946 -14.542 1.00 70.67  ? 186 THR A O   1 
ATOM   1236 C CB  . THR A 1 186 ? 1.022   -13.490 -12.715 1.00 58.56  ? 186 THR A CB  1 
ATOM   1237 O OG1 . THR A 1 186 ? 2.369   -12.999 -12.765 1.00 54.26  ? 186 THR A OG1 1 
ATOM   1238 C CG2 . THR A 1 186 ? 0.878   -14.687 -13.652 1.00 61.98  ? 186 THR A CG2 1 
ATOM   1239 N N   . ILE A 1 187 ? -2.020  -13.381 -12.334 1.00 70.61  ? 187 ILE A N   1 
ATOM   1240 C CA  . ILE A 1 187 ? -3.357  -13.967 -12.444 1.00 71.16  ? 187 ILE A CA  1 
ATOM   1241 C C   . ILE A 1 187 ? -4.186  -13.083 -13.367 1.00 75.62  ? 187 ILE A C   1 
ATOM   1242 O O   . ILE A 1 187 ? -4.822  -13.575 -14.307 1.00 81.98  ? 187 ILE A O   1 
ATOM   1243 C CB  . ILE A 1 187 ? -4.030  -14.138 -11.063 1.00 70.76  ? 187 ILE A CB  1 
ATOM   1244 C CG1 . ILE A 1 187 ? -3.085  -14.835 -10.063 1.00 68.11  ? 187 ILE A CG1 1 
ATOM   1245 C CG2 . ILE A 1 187 ? -5.344  -14.913 -11.198 1.00 68.41  ? 187 ILE A CG2 1 
ATOM   1246 C CD1 . ILE A 1 187 ? -3.160  -16.363 -10.055 1.00 67.47  ? 187 ILE A CD1 1 
ATOM   1247 N N   . TRP A 1 188 ? -4.149  -11.772 -13.128 1.00 76.16  ? 188 TRP A N   1 
ATOM   1248 C CA  . TRP A 1 188 ? -4.636  -10.780 -14.088 1.00 71.96  ? 188 TRP A CA  1 
ATOM   1249 C C   . TRP A 1 188 ? -3.630  -10.661 -15.239 1.00 70.62  ? 188 TRP A C   1 
ATOM   1250 O O   . TRP A 1 188 ? -3.926  -10.980 -16.390 1.00 72.90  ? 188 TRP A O   1 
ATOM   1251 C CB  . TRP A 1 188 ? -4.845  -9.422  -13.405 1.00 71.57  ? 188 TRP A CB  1 
ATOM   1252 C CG  . TRP A 1 188 ? -4.861  -8.260  -14.348 1.00 70.82  ? 188 TRP A CG  1 
ATOM   1253 C CD1 . TRP A 1 188 ? -3.780  -7.666  -14.942 1.00 67.48  ? 188 TRP A CD1 1 
ATOM   1254 C CD2 . TRP A 1 188 ? -6.010  -7.546  -14.808 1.00 70.64  ? 188 TRP A CD2 1 
ATOM   1255 N NE1 . TRP A 1 188 ? -4.187  -6.639  -15.752 1.00 71.98  ? 188 TRP A NE1 1 
ATOM   1256 C CE2 . TRP A 1 188 ? -5.551  -6.535  -15.684 1.00 72.90  ? 188 TRP A CE2 1 
ATOM   1257 C CE3 . TRP A 1 188 ? -7.382  -7.661  -14.567 1.00 73.00  ? 188 TRP A CE3 1 
ATOM   1258 C CZ2 . TRP A 1 188 ? -6.419  -5.643  -16.320 1.00 72.73  ? 188 TRP A CZ2 1 
ATOM   1259 C CZ3 . TRP A 1 188 ? -8.242  -6.779  -15.196 1.00 77.10  ? 188 TRP A CZ3 1 
ATOM   1260 C CH2 . TRP A 1 188 ? -7.757  -5.778  -16.064 1.00 75.41  ? 188 TRP A CH2 1 
HETATM 1261 O O   . HOH B 2 .   ? -9.830  -10.670 3.395   1.00 40.87  ? 201 HOH A O   1 
HETATM 1262 O O   . HOH B 2 .   ? -12.157 -8.586  -2.578  1.00 42.19  ? 202 HOH A O   1 
HETATM 1263 O O   . HOH B 2 .   ? -12.839 6.295   -4.804  1.00 45.17  ? 203 HOH A O   1 
HETATM 1264 O O   . HOH B 2 .   ? -11.246 -9.536  4.894   1.00 40.76  ? 204 HOH A O   1 
HETATM 1265 O O   . HOH B 2 .   ? 10.254  -11.300 -5.079  1.00 34.54  ? 205 HOH A O   1 
HETATM 1266 O O   . HOH B 2 .   ? -0.403  -12.186 -4.103  1.00 44.26  ? 206 HOH A O   1 
HETATM 1267 O O   . HOH B 2 .   ? 3.643   8.201   3.661   1.00 43.48  ? 207 HOH A O   1 
HETATM 1268 O O   . HOH B 2 .   ? -9.669  -7.746  8.557   1.00 34.54  ? 208 HOH A O   1 
HETATM 1269 O O   . HOH B 2 .   ? 7.440   4.741   -8.421  1.00 46.22  ? 209 HOH A O   1 
HETATM 1270 O O   . HOH B 2 .   ? -10.822 8.145   10.669  1.00 38.82  ? 210 HOH A O   1 
HETATM 1271 O O   . HOH B 2 .   ? -2.542  2.705   14.765  1.00 42.73  ? 211 HOH A O   1 
HETATM 1272 O O   . HOH B 2 .   ? -10.186 -11.478 -1.619  1.00 36.33  ? 212 HOH A O   1 
HETATM 1273 O O   . HOH B 2 .   ? -3.478  -14.264 8.583   1.00 48.63  ? 213 HOH A O   1 
HETATM 1274 O O   . HOH B 2 .   ? -13.065 3.817   16.448  1.00 46.03  ? 214 HOH A O   1 
HETATM 1275 O O   . HOH B 2 .   ? -13.202 -9.690  -11.423 1.00 51.80  ? 215 HOH A O   1 
HETATM 1276 O O   . HOH B 2 .   ? 2.647   -9.696  8.956   1.00 39.83  ? 216 HOH A O   1 
HETATM 1277 O O   . HOH B 2 .   ? 6.557   -5.052  -19.743 1.00 51.71  ? 217 HOH A O   1 
HETATM 1278 O O   . HOH B 2 .   ? 5.250   -10.853 5.627   1.00 71.33  ? 218 HOH A O   1 
HETATM 1279 O O   . HOH B 2 .   ? -13.582 0.533   17.153  1.00 47.48  ? 219 HOH A O   1 
# 
loop_
_pdbx_poly_seq_scheme.asym_id 
_pdbx_poly_seq_scheme.entity_id 
_pdbx_poly_seq_scheme.seq_id 
_pdbx_poly_seq_scheme.mon_id 
_pdbx_poly_seq_scheme.ndb_seq_num 
_pdbx_poly_seq_scheme.pdb_seq_num 
_pdbx_poly_seq_scheme.auth_seq_num 
_pdbx_poly_seq_scheme.pdb_mon_id 
_pdbx_poly_seq_scheme.auth_mon_id 
_pdbx_poly_seq_scheme.pdb_strand_id 
_pdbx_poly_seq_scheme.pdb_ins_code 
_pdbx_poly_seq_scheme.hetero 
A 1 1   MET 1   1   ?   ?   ?   A . n 
A 1 2   ASP 2   2   ?   ?   ?   A . n 
A 1 3   GLY 3   3   ?   ?   ?   A . n 
A 1 4   SER 4   4   ?   ?   ?   A . n 
A 1 5   GLY 5   5   ?   ?   ?   A . n 
A 1 6   GLU 6   6   ?   ?   ?   A . n 
A 1 7   GLN 7   7   ?   ?   ?   A . n 
A 1 8   PRO 8   8   ?   ?   ?   A . n 
A 1 9   ARG 9   9   ?   ?   ?   A . n 
A 1 10  GLY 10  10  ?   ?   ?   A . n 
A 1 11  GLY 11  11  ?   ?   ?   A . n 
A 1 12  GLY 12  12  12  GLY GLY A . n 
A 1 13  PRO 13  13  13  PRO PRO A . n 
A 1 14  THR 14  14  14  THR THR A . n 
A 1 15  SER 15  15  15  SER SER A . n 
A 1 16  SER 16  16  16  SER SER A . n 
A 1 17  GLU 17  17  17  GLU GLU A . n 
A 1 18  GLN 18  18  18  GLN GLN A . n 
A 1 19  ILE 19  19  19  ILE ILE A . n 
A 1 20  MET 20  20  20  MET MET A . n 
A 1 21  LYS 21  21  21  LYS LYS A . n 
A 1 22  THR 22  22  22  THR THR A . n 
A 1 23  GLY 23  23  23  GLY GLY A . n 
A 1 24  ALA 24  24  24  ALA ALA A . n 
A 1 25  LEU 25  25  25  LEU LEU A . n 
A 1 26  LEU 26  26  26  LEU LEU A . n 
A 1 27  LEU 27  27  27  LEU LEU A . n 
A 1 28  GLN 28  28  28  GLN GLN A . n 
A 1 29  GLY 29  29  29  GLY GLY A . n 
A 1 30  PHE 30  30  30  PHE PHE A . n 
A 1 31  ILE 31  31  31  ILE ILE A . n 
A 1 32  GLN 32  32  32  GLN GLN A . n 
A 1 33  ASP 33  33  33  ASP ASP A . n 
A 1 34  ARG 34  34  34  ARG ARG A . n 
A 1 35  ALA 35  35  35  ALA ALA A . n 
A 1 36  GLY 36  36  ?   ?   ?   A . n 
A 1 37  ARG 37  37  ?   ?   ?   A . n 
A 1 38  MET 38  38  ?   ?   ?   A . n 
A 1 39  GLY 39  39  ?   ?   ?   A . n 
A 1 40  GLY 40  40  ?   ?   ?   A . n 
A 1 41  GLU 41  41  ?   ?   ?   A . n 
A 1 42  ALA 42  42  ?   ?   ?   A . n 
A 1 43  PRO 43  43  ?   ?   ?   A . n 
A 1 44  GLU 44  44  ?   ?   ?   A . n 
A 1 45  LEU 45  45  ?   ?   ?   A . n 
A 1 46  ALA 46  46  ?   ?   ?   A . n 
A 1 47  LEU 47  47  47  LEU LEU A . n 
A 1 48  ASP 48  48  48  ASP ASP A . n 
A 1 49  PRO 49  49  49  PRO PRO A . n 
A 1 50  VAL 50  50  50  VAL VAL A . n 
A 1 51  PRO 51  51  51  PRO PRO A . n 
A 1 52  GLN 52  52  52  GLN GLN A . n 
A 1 53  ASP 53  53  53  ASP ASP A . n 
A 1 54  ALA 54  54  54  ALA ALA A . n 
A 1 55  SER 55  55  55  SER SER A . n 
A 1 56  THR 56  56  56  THR THR A . n 
A 1 57  LYS 57  57  57  LYS LYS A . n 
A 1 58  LYS 58  58  58  LYS LYS A . n 
A 1 59  LEU 59  59  59  LEU LEU A . n 
A 1 60  SER 60  60  60  SER SER A . n 
A 1 61  GLU 61  61  61  GLU GLU A . n 
A 1 62  SER 62  62  62  SER SER A . n 
A 1 63  LEU 63  63  63  LEU LEU A . n 
A 1 64  LYS 64  64  64  LYS LYS A . n 
A 1 65  ARG 65  65  65  ARG ARG A . n 
A 1 66  ILE 66  66  66  ILE ILE A . n 
A 1 67  GLY 67  67  67  GLY GLY A . n 
A 1 68  ASP 68  68  68  ASP ASP A . n 
A 1 69  GLU 69  69  69  GLU GLU A . n 
A 1 70  LEU 70  70  70  LEU LEU A . n 
A 1 71  ASP 71  71  71  ASP ASP A . n 
A 1 72  SER 72  72  72  SER SER A . n 
A 1 73  ASN 73  73  73  ASN ASN A . n 
A 1 74  MET 74  74  74  MET MET A . n 
A 1 75  GLU 75  75  75  GLU GLU A . n 
A 1 76  LEU 76  76  76  LEU LEU A . n 
A 1 77  GLN 77  77  77  GLN GLN A . n 
A 1 78  ARG 78  78  78  ARG ARG A . n 
A 1 79  MET 79  79  79  MET MET A . n 
A 1 80  ILE 80  80  80  ILE ILE A . n 
A 1 81  ALA 81  81  81  ALA ALA A . n 
A 1 82  ALA 82  82  82  ALA ALA A . n 
A 1 83  VAL 83  83  83  VAL VAL A . n 
A 1 84  ASP 84  84  84  ASP ASP A . n 
A 1 85  THR 85  85  85  THR THR A . n 
A 1 86  ASP 86  86  86  ASP ASP A . n 
A 1 87  SER 87  87  87  SER SER A . n 
A 1 88  PRO 88  88  88  PRO PRO A . n 
A 1 89  ARG 89  89  89  ARG ARG A . n 
A 1 90  GLU 90  90  90  GLU GLU A . n 
A 1 91  VAL 91  91  91  VAL VAL A . n 
A 1 92  PHE 92  92  92  PHE PHE A . n 
A 1 93  PHE 93  93  93  PHE PHE A . n 
A 1 94  ARG 94  94  94  ARG ARG A . n 
A 1 95  VAL 95  95  95  VAL VAL A . n 
A 1 96  ALA 96  96  96  ALA ALA A . n 
A 1 97  ALA 97  97  97  ALA ALA A . n 
A 1 98  ASP 98  98  98  ASP ASP A . n 
A 1 99  MET 99  99  99  MET MET A . n 
A 1 100 PHE 100 100 100 PHE PHE A . n 
A 1 101 SER 101 101 101 SER SER A . n 
A 1 102 ASP 102 102 102 ASP ASP A . n 
A 1 103 GLY 103 103 103 GLY GLY A . n 
A 1 104 ASN 104 104 104 ASN ASN A . n 
A 1 105 PHE 105 105 105 PHE PHE A . n 
A 1 106 ASN 106 106 106 ASN ASN A . n 
A 1 107 TRP 107 107 107 TRP TRP A . n 
A 1 108 GLY 108 108 108 GLY GLY A . n 
A 1 109 ARG 109 109 109 ARG ARG A . n 
A 1 110 VAL 110 110 110 VAL VAL A . n 
A 1 111 VAL 111 111 111 VAL VAL A . n 
A 1 112 ALA 112 112 112 ALA ALA A . n 
A 1 113 LEU 113 113 113 LEU LEU A . n 
A 1 114 PHE 114 114 114 PHE PHE A . n 
A 1 115 TYR 115 115 115 TYR TYR A . n 
A 1 116 PHE 116 116 116 PHE PHE A . n 
A 1 117 ALA 117 117 117 ALA ALA A . n 
A 1 118 SER 118 118 118 SER SER A . n 
A 1 119 LYS 119 119 119 LYS LYS A . n 
A 1 120 LEU 120 120 120 LEU LEU A . n 
A 1 121 VAL 121 121 121 VAL VAL A . n 
A 1 122 LEU 122 122 122 LEU LEU A . n 
A 1 123 LYS 123 123 123 LYS LYS A . n 
A 1 124 ALA 124 124 124 ALA ALA A . n 
A 1 125 LEU 125 125 125 LEU LEU A . n 
A 1 126 SER 126 126 126 SER SER A . n 
A 1 127 THR 127 127 ?   ?   ?   A . n 
A 1 128 LYS 128 128 ?   ?   ?   A . n 
A 1 129 VAL 129 129 ?   ?   ?   A . n 
A 1 130 PRO 130 130 130 PRO PRO A . n 
A 1 131 GLU 131 131 131 GLU GLU A . n 
A 1 132 LEU 132 132 132 LEU LEU A . n 
A 1 133 ILE 133 133 133 ILE ILE A . n 
A 1 134 ARG 134 134 134 ARG ARG A . n 
A 1 135 THR 135 135 135 THR THR A . n 
A 1 136 ILE 136 136 136 ILE ILE A . n 
A 1 137 MET 137 137 137 MET MET A . n 
A 1 138 GLY 138 138 138 GLY GLY A . n 
A 1 139 TRP 139 139 139 TRP TRP A . n 
A 1 140 THR 140 140 140 THR THR A . n 
A 1 141 LEU 141 141 141 LEU LEU A . n 
A 1 142 ASP 142 142 142 ASP ASP A . n 
A 1 143 PHE 143 143 143 PHE PHE A . n 
A 1 144 LEU 144 144 144 LEU LEU A . n 
A 1 145 ARG 145 145 145 ARG ARG A . n 
A 1 146 GLU 146 146 146 GLU GLU A . n 
A 1 147 ARG 147 147 147 ARG ARG A . n 
A 1 148 LEU 148 148 148 LEU LEU A . n 
A 1 149 LEU 149 149 149 LEU LEU A . n 
A 1 150 GLY 150 150 150 GLY GLY A . n 
A 1 151 TRP 151 151 151 TRP TRP A . n 
A 1 152 ILE 152 152 152 ILE ILE A . n 
A 1 153 GLN 153 153 153 GLN GLN A . n 
A 1 154 ASP 154 154 154 ASP ASP A . n 
A 1 155 GLN 155 155 155 GLN GLN A . n 
A 1 156 GLY 156 156 156 GLY GLY A . n 
A 1 157 GLY 157 157 157 GLY GLY A . n 
A 1 158 TRP 158 158 158 TRP TRP A . n 
A 1 159 ASP 159 159 159 ASP ASP A . n 
A 1 160 GLY 160 160 160 GLY GLY A . n 
A 1 161 LEU 161 161 161 LEU LEU A . n 
A 1 162 LEU 162 162 162 LEU LEU A . n 
A 1 163 SER 163 163 163 SER SER A . n 
A 1 164 TYR 164 164 164 TYR TYR A . n 
A 1 165 PHE 165 165 165 PHE PHE A . n 
A 1 166 GLY 166 166 166 GLY GLY A . n 
A 1 167 THR 167 167 167 THR THR A . n 
A 1 168 GLY 168 168 168 GLY GLY A . n 
A 1 169 THR 169 169 169 THR THR A . n 
A 1 170 TRP 170 170 170 TRP TRP A . n 
A 1 171 GLN 171 171 171 GLN GLN A . n 
A 1 172 THR 172 172 172 THR THR A . n 
A 1 173 VAL 173 173 173 VAL VAL A . n 
A 1 174 THR 174 174 174 THR THR A . n 
A 1 175 ILE 175 175 175 ILE ILE A . n 
A 1 176 PHE 176 176 176 PHE PHE A . n 
A 1 177 VAL 177 177 177 VAL VAL A . n 
A 1 178 ALA 178 178 178 ALA ALA A . n 
A 1 179 GLY 179 179 179 GLY GLY A . n 
A 1 180 VAL 180 180 180 VAL VAL A . n 
A 1 181 LEU 181 181 181 LEU LEU A . n 
A 1 182 THR 182 182 182 THR THR A . n 
A 1 183 ALA 183 183 183 ALA ALA A . n 
A 1 184 SER 184 184 184 SER SER A . n 
A 1 185 LEU 185 185 185 LEU LEU A . n 
A 1 186 THR 186 186 186 THR THR A . n 
A 1 187 ILE 187 187 187 ILE ILE A . n 
A 1 188 TRP 188 188 188 TRP TRP A . n 
A 1 189 LYS 189 189 ?   ?   ?   A . n 
A 1 190 LYS 190 190 ?   ?   ?   A . n 
A 1 191 MET 191 191 ?   ?   ?   A . n 
A 1 192 GLY 192 192 ?   ?   ?   A . n 
A 1 193 SER 193 193 ?   ?   ?   A . n 
A 1 194 SER 194 194 ?   ?   ?   A . n 
# 
loop_
_pdbx_nonpoly_scheme.asym_id 
_pdbx_nonpoly_scheme.entity_id 
_pdbx_nonpoly_scheme.mon_id 
_pdbx_nonpoly_scheme.ndb_seq_num 
_pdbx_nonpoly_scheme.pdb_seq_num 
_pdbx_nonpoly_scheme.auth_seq_num 
_pdbx_nonpoly_scheme.pdb_mon_id 
_pdbx_nonpoly_scheme.auth_mon_id 
_pdbx_nonpoly_scheme.pdb_strand_id 
_pdbx_nonpoly_scheme.pdb_ins_code 
B 2 HOH 1  201 1  HOH HOH A . 
B 2 HOH 2  202 7  HOH HOH A . 
B 2 HOH 3  203 8  HOH HOH A . 
B 2 HOH 4  204 9  HOH HOH A . 
B 2 HOH 5  205 18 HOH HOH A . 
B 2 HOH 6  206 16 HOH HOH A . 
B 2 HOH 7  207 10 HOH HOH A . 
B 2 HOH 8  208 3  HOH HOH A . 
B 2 HOH 9  209 13 HOH HOH A . 
B 2 HOH 10 210 19 HOH HOH A . 
B 2 HOH 11 211 12 HOH HOH A . 
B 2 HOH 12 212 2  HOH HOH A . 
B 2 HOH 13 213 11 HOH HOH A . 
B 2 HOH 14 214 14 HOH HOH A . 
B 2 HOH 15 215 15 HOH HOH A . 
B 2 HOH 16 216 5  HOH HOH A . 
B 2 HOH 17 217 17 HOH HOH A . 
B 2 HOH 18 218 6  HOH HOH A . 
B 2 HOH 19 219 4  HOH HOH A . 
# 
_pdbx_struct_assembly.id                   1 
_pdbx_struct_assembly.details              author_defined_assembly 
_pdbx_struct_assembly.method_details       ? 
_pdbx_struct_assembly.oligomeric_details   monomeric 
_pdbx_struct_assembly.oligomeric_count     1 
# 
_pdbx_struct_assembly_gen.assembly_id       1 
_pdbx_struct_assembly_gen.oper_expression   1 
_pdbx_struct_assembly_gen.asym_id_list      A,B 
# 
_pdbx_struct_oper_list.id                   1 
_pdbx_struct_oper_list.type                 'identity operation' 
_pdbx_struct_oper_list.name                 1_555 
_pdbx_struct_oper_list.symmetry_operation   x,y,z 
_pdbx_struct_oper_list.matrix[1][1]         1.0000000000 
_pdbx_struct_oper_list.matrix[1][2]         0.0000000000 
_pdbx_struct_oper_list.matrix[1][3]         0.0000000000 
_pdbx_struct_oper_list.vector[1]            0.0000000000 
_pdbx_struct_oper_list.matrix[2][1]         0.0000000000 
_pdbx_struct_oper_list.matrix[2][2]         1.0000000000 
_pdbx_struct_oper_list.matrix[2][3]         0.0000000000 
_pdbx_struct_oper_list.vector[2]            0.0000000000 
_pdbx_struct_oper_list.matrix[3][1]         0.0000000000 
_pdbx_struct_oper_list.matrix[3][2]         0.0000000000 
_pdbx_struct_oper_list.matrix[3][3]         1.0000000000 
_pdbx_struct_oper_list.vector[3]            0.0000000000 
# 
loop_
_pdbx_audit_revision_history.ordinal 
_pdbx_audit_revision_history.data_content_type 
_pdbx_audit_revision_history.major_revision 
_pdbx_audit_revision_history.minor_revision 
_pdbx_audit_revision_history.revision_date 
1 'Structure model' 1 0 2018-06-27 
2 'Structure model' 1 1 2018-08-29 
3 'Structure model' 1 2 2018-09-05 
4 'Structure model' 1 3 2018-10-17 
5 'Structure model' 1 4 2023-10-04 
# 
_pdbx_audit_revision_details.ordinal             1 
_pdbx_audit_revision_details.revision_ordinal    1 
_pdbx_audit_revision_details.data_content_type   'Structure model' 
_pdbx_audit_revision_details.provider            repository 
_pdbx_audit_revision_details.type                'Initial release' 
_pdbx_audit_revision_details.description         ? 
_pdbx_audit_revision_details.details             ? 
# 
loop_
_pdbx_audit_revision_group.ordinal 
_pdbx_audit_revision_group.revision_ordinal 
_pdbx_audit_revision_group.data_content_type 
_pdbx_audit_revision_group.group 
1 2 'Structure model' 'Data collection'        
2 2 'Structure model' 'Database references'    
3 3 'Structure model' 'Data collection'        
4 3 'Structure model' 'Database references'    
5 4 'Structure model' 'Data collection'        
6 4 'Structure model' 'Database references'    
7 5 'Structure model' 'Data collection'        
8 5 'Structure model' 'Database references'    
9 5 'Structure model' 'Refinement description' 
# 
loop_
_pdbx_audit_revision_category.ordinal 
_pdbx_audit_revision_category.revision_ordinal 
_pdbx_audit_revision_category.data_content_type 
_pdbx_audit_revision_category.category 
1 2 'Structure model' citation                      
2 3 'Structure model' citation                      
3 3 'Structure model' citation_author               
4 4 'Structure model' citation                      
5 5 'Structure model' chem_comp_atom                
6 5 'Structure model' chem_comp_bond                
7 5 'Structure model' database_2                    
8 5 'Structure model' pdbx_initial_refinement_model 
# 
loop_
_pdbx_audit_revision_item.ordinal 
_pdbx_audit_revision_item.revision_ordinal 
_pdbx_audit_revision_item.data_content_type 
_pdbx_audit_revision_item.item 
1  2 'Structure model' '_citation.country'                   
2  2 'Structure model' '_citation.journal_abbrev'            
3  2 'Structure model' '_citation.journal_id_ASTM'           
4  2 'Structure model' '_citation.journal_id_CSD'            
5  2 'Structure model' '_citation.journal_id_ISSN'           
6  2 'Structure model' '_citation.pdbx_database_id_DOI'      
7  2 'Structure model' '_citation.title'                     
8  2 'Structure model' '_citation.year'                      
9  3 'Structure model' '_citation.journal_id_ISSN'           
10 3 'Structure model' '_citation.pdbx_database_id_PubMed'   
11 3 'Structure model' '_citation.title'                     
12 4 'Structure model' '_citation.journal_volume'            
13 4 'Structure model' '_citation.page_first'                
14 5 'Structure model' '_database_2.pdbx_DOI'                
15 5 'Structure model' '_database_2.pdbx_database_accession' 
# 
loop_
_software.citation_id 
_software.classification 
_software.compiler_name 
_software.compiler_version 
_software.contact_author 
_software.contact_author_email 
_software.date 
_software.description 
_software.dependencies 
_software.hardware 
_software.language 
_software.location 
_software.mods 
_software.name 
_software.os 
_software.os_version 
_software.type 
_software.version 
_software.pdbx_ordinal 
? refinement       ? ? ? ? ? ? ? ? ? ? ? PHENIX ? ? ? 1.10_2152 1 
? 'data reduction' ? ? ? ? ? ? ? ? ? ? ? XDS    ? ? ? .         2 
? 'data scaling'   ? ? ? ? ? ? ? ? ? ? ? XSCALE ? ? ? .         3 
? phasing          ? ? ? ? ? ? ? ? ? ? ? PHASER ? ? ? .         4 
# 
loop_
_pdbx_unobs_or_zero_occ_atoms.id 
_pdbx_unobs_or_zero_occ_atoms.PDB_model_num 
_pdbx_unobs_or_zero_occ_atoms.polymer_flag 
_pdbx_unobs_or_zero_occ_atoms.occupancy_flag 
_pdbx_unobs_or_zero_occ_atoms.auth_asym_id 
_pdbx_unobs_or_zero_occ_atoms.auth_comp_id 
_pdbx_unobs_or_zero_occ_atoms.auth_seq_id 
_pdbx_unobs_or_zero_occ_atoms.PDB_ins_code 
_pdbx_unobs_or_zero_occ_atoms.auth_atom_id 
_pdbx_unobs_or_zero_occ_atoms.label_alt_id 
_pdbx_unobs_or_zero_occ_atoms.label_asym_id 
_pdbx_unobs_or_zero_occ_atoms.label_comp_id 
_pdbx_unobs_or_zero_occ_atoms.label_seq_id 
_pdbx_unobs_or_zero_occ_atoms.label_atom_id 
1  1 Y 1 A LYS 57  ? CG  ? A LYS 57  CG  
2  1 Y 1 A LYS 57  ? CD  ? A LYS 57  CD  
3  1 Y 1 A LYS 57  ? CE  ? A LYS 57  CE  
4  1 Y 1 A LYS 57  ? NZ  ? A LYS 57  NZ  
5  1 Y 1 A LYS 64  ? CG  ? A LYS 64  CG  
6  1 Y 1 A LYS 64  ? CD  ? A LYS 64  CD  
7  1 Y 1 A LYS 64  ? CE  ? A LYS 64  CE  
8  1 Y 1 A LYS 64  ? NZ  ? A LYS 64  NZ  
9  1 Y 1 A ASP 84  ? CG  ? A ASP 84  CG  
10 1 Y 1 A ASP 84  ? OD1 ? A ASP 84  OD1 
11 1 Y 1 A ASP 84  ? OD2 ? A ASP 84  OD2 
12 1 Y 1 A ASP 86  ? CG  ? A ASP 86  CG  
13 1 Y 1 A ASP 86  ? OD1 ? A ASP 86  OD1 
14 1 Y 1 A ASP 86  ? OD2 ? A ASP 86  OD2 
15 1 Y 1 A SER 87  ? OG  ? A SER 87  OG  
16 1 Y 1 A GLU 90  ? CG  ? A GLU 90  CG  
17 1 Y 1 A GLU 90  ? CD  ? A GLU 90  CD  
18 1 Y 1 A GLU 90  ? OE1 ? A GLU 90  OE1 
19 1 Y 1 A GLU 90  ? OE2 ? A GLU 90  OE2 
20 1 Y 1 A GLU 131 ? CG  ? A GLU 131 CG  
21 1 Y 1 A GLU 131 ? CD  ? A GLU 131 CD  
22 1 Y 1 A GLU 131 ? OE1 ? A GLU 131 OE1 
23 1 Y 1 A GLU 131 ? OE2 ? A GLU 131 OE2 
# 
loop_
_pdbx_unobs_or_zero_occ_residues.id 
_pdbx_unobs_or_zero_occ_residues.PDB_model_num 
_pdbx_unobs_or_zero_occ_residues.polymer_flag 
_pdbx_unobs_or_zero_occ_residues.occupancy_flag 
_pdbx_unobs_or_zero_occ_residues.auth_asym_id 
_pdbx_unobs_or_zero_occ_residues.auth_comp_id 
_pdbx_unobs_or_zero_occ_residues.auth_seq_id 
_pdbx_unobs_or_zero_occ_residues.PDB_ins_code 
_pdbx_unobs_or_zero_occ_residues.label_asym_id 
_pdbx_unobs_or_zero_occ_residues.label_comp_id 
_pdbx_unobs_or_zero_occ_residues.label_seq_id 
1  1 Y 1 A MET 1   ? A MET 1   
2  1 Y 1 A ASP 2   ? A ASP 2   
3  1 Y 1 A GLY 3   ? A GLY 3   
4  1 Y 1 A SER 4   ? A SER 4   
5  1 Y 1 A GLY 5   ? A GLY 5   
6  1 Y 1 A GLU 6   ? A GLU 6   
7  1 Y 1 A GLN 7   ? A GLN 7   
8  1 Y 1 A PRO 8   ? A PRO 8   
9  1 Y 1 A ARG 9   ? A ARG 9   
10 1 Y 1 A GLY 10  ? A GLY 10  
11 1 Y 1 A GLY 11  ? A GLY 11  
12 1 Y 1 A GLY 36  ? A GLY 36  
13 1 Y 1 A ARG 37  ? A ARG 37  
14 1 Y 1 A MET 38  ? A MET 38  
15 1 Y 1 A GLY 39  ? A GLY 39  
16 1 Y 1 A GLY 40  ? A GLY 40  
17 1 Y 1 A GLU 41  ? A GLU 41  
18 1 Y 1 A ALA 42  ? A ALA 42  
19 1 Y 1 A PRO 43  ? A PRO 43  
20 1 Y 1 A GLU 44  ? A GLU 44  
21 1 Y 1 A LEU 45  ? A LEU 45  
22 1 Y 1 A ALA 46  ? A ALA 46  
23 1 Y 1 A THR 127 ? A THR 127 
24 1 Y 1 A LYS 128 ? A LYS 128 
25 1 Y 1 A VAL 129 ? A VAL 129 
26 1 Y 1 A LYS 189 ? A LYS 189 
27 1 Y 1 A LYS 190 ? A LYS 190 
28 1 Y 1 A MET 191 ? A MET 191 
29 1 Y 1 A GLY 192 ? A GLY 192 
30 1 Y 1 A SER 193 ? A SER 193 
31 1 Y 1 A SER 194 ? A SER 194 
# 
loop_
_chem_comp_atom.comp_id 
_chem_comp_atom.atom_id 
_chem_comp_atom.type_symbol 
_chem_comp_atom.pdbx_aromatic_flag 
_chem_comp_atom.pdbx_stereo_config 
_chem_comp_atom.pdbx_ordinal 
ALA N    N N N 1   
ALA CA   C N S 2   
ALA C    C N N 3   
ALA O    O N N 4   
ALA CB   C N N 5   
ALA OXT  O N N 6   
ALA H    H N N 7   
ALA H2   H N N 8   
ALA HA   H N N 9   
ALA HB1  H N N 10  
ALA HB2  H N N 11  
ALA HB3  H N N 12  
ALA HXT  H N N 13  
ARG N    N N N 14  
ARG CA   C N S 15  
ARG C    C N N 16  
ARG O    O N N 17  
ARG CB   C N N 18  
ARG CG   C N N 19  
ARG CD   C N N 20  
ARG NE   N N N 21  
ARG CZ   C N N 22  
ARG NH1  N N N 23  
ARG NH2  N N N 24  
ARG OXT  O N N 25  
ARG H    H N N 26  
ARG H2   H N N 27  
ARG HA   H N N 28  
ARG HB2  H N N 29  
ARG HB3  H N N 30  
ARG HG2  H N N 31  
ARG HG3  H N N 32  
ARG HD2  H N N 33  
ARG HD3  H N N 34  
ARG HE   H N N 35  
ARG HH11 H N N 36  
ARG HH12 H N N 37  
ARG HH21 H N N 38  
ARG HH22 H N N 39  
ARG HXT  H N N 40  
ASN N    N N N 41  
ASN CA   C N S 42  
ASN C    C N N 43  
ASN O    O N N 44  
ASN CB   C N N 45  
ASN CG   C N N 46  
ASN OD1  O N N 47  
ASN ND2  N N N 48  
ASN OXT  O N N 49  
ASN H    H N N 50  
ASN H2   H N N 51  
ASN HA   H N N 52  
ASN HB2  H N N 53  
ASN HB3  H N N 54  
ASN HD21 H N N 55  
ASN HD22 H N N 56  
ASN HXT  H N N 57  
ASP N    N N N 58  
ASP CA   C N S 59  
ASP C    C N N 60  
ASP O    O N N 61  
ASP CB   C N N 62  
ASP CG   C N N 63  
ASP OD1  O N N 64  
ASP OD2  O N N 65  
ASP OXT  O N N 66  
ASP H    H N N 67  
ASP H2   H N N 68  
ASP HA   H N N 69  
ASP HB2  H N N 70  
ASP HB3  H N N 71  
ASP HD2  H N N 72  
ASP HXT  H N N 73  
CYS N    N N N 74  
CYS CA   C N R 75  
CYS C    C N N 76  
CYS O    O N N 77  
CYS CB   C N N 78  
CYS SG   S N N 79  
CYS OXT  O N N 80  
CYS H    H N N 81  
CYS H2   H N N 82  
CYS HA   H N N 83  
CYS HB2  H N N 84  
CYS HB3  H N N 85  
CYS HG   H N N 86  
CYS HXT  H N N 87  
GLN N    N N N 88  
GLN CA   C N S 89  
GLN C    C N N 90  
GLN O    O N N 91  
GLN CB   C N N 92  
GLN CG   C N N 93  
GLN CD   C N N 94  
GLN OE1  O N N 95  
GLN NE2  N N N 96  
GLN OXT  O N N 97  
GLN H    H N N 98  
GLN H2   H N N 99  
GLN HA   H N N 100 
GLN HB2  H N N 101 
GLN HB3  H N N 102 
GLN HG2  H N N 103 
GLN HG3  H N N 104 
GLN HE21 H N N 105 
GLN HE22 H N N 106 
GLN HXT  H N N 107 
GLU N    N N N 108 
GLU CA   C N S 109 
GLU C    C N N 110 
GLU O    O N N 111 
GLU CB   C N N 112 
GLU CG   C N N 113 
GLU CD   C N N 114 
GLU OE1  O N N 115 
GLU OE2  O N N 116 
GLU OXT  O N N 117 
GLU H    H N N 118 
GLU H2   H N N 119 
GLU HA   H N N 120 
GLU HB2  H N N 121 
GLU HB3  H N N 122 
GLU HG2  H N N 123 
GLU HG3  H N N 124 
GLU HE2  H N N 125 
GLU HXT  H N N 126 
GLY N    N N N 127 
GLY CA   C N N 128 
GLY C    C N N 129 
GLY O    O N N 130 
GLY OXT  O N N 131 
GLY H    H N N 132 
GLY H2   H N N 133 
GLY HA2  H N N 134 
GLY HA3  H N N 135 
GLY HXT  H N N 136 
HOH O    O N N 137 
HOH H1   H N N 138 
HOH H2   H N N 139 
ILE N    N N N 140 
ILE CA   C N S 141 
ILE C    C N N 142 
ILE O    O N N 143 
ILE CB   C N S 144 
ILE CG1  C N N 145 
ILE CG2  C N N 146 
ILE CD1  C N N 147 
ILE OXT  O N N 148 
ILE H    H N N 149 
ILE H2   H N N 150 
ILE HA   H N N 151 
ILE HB   H N N 152 
ILE HG12 H N N 153 
ILE HG13 H N N 154 
ILE HG21 H N N 155 
ILE HG22 H N N 156 
ILE HG23 H N N 157 
ILE HD11 H N N 158 
ILE HD12 H N N 159 
ILE HD13 H N N 160 
ILE HXT  H N N 161 
LEU N    N N N 162 
LEU CA   C N S 163 
LEU C    C N N 164 
LEU O    O N N 165 
LEU CB   C N N 166 
LEU CG   C N N 167 
LEU CD1  C N N 168 
LEU CD2  C N N 169 
LEU OXT  O N N 170 
LEU H    H N N 171 
LEU H2   H N N 172 
LEU HA   H N N 173 
LEU HB2  H N N 174 
LEU HB3  H N N 175 
LEU HG   H N N 176 
LEU HD11 H N N 177 
LEU HD12 H N N 178 
LEU HD13 H N N 179 
LEU HD21 H N N 180 
LEU HD22 H N N 181 
LEU HD23 H N N 182 
LEU HXT  H N N 183 
LYS N    N N N 184 
LYS CA   C N S 185 
LYS C    C N N 186 
LYS O    O N N 187 
LYS CB   C N N 188 
LYS CG   C N N 189 
LYS CD   C N N 190 
LYS CE   C N N 191 
LYS NZ   N N N 192 
LYS OXT  O N N 193 
LYS H    H N N 194 
LYS H2   H N N 195 
LYS HA   H N N 196 
LYS HB2  H N N 197 
LYS HB3  H N N 198 
LYS HG2  H N N 199 
LYS HG3  H N N 200 
LYS HD2  H N N 201 
LYS HD3  H N N 202 
LYS HE2  H N N 203 
LYS HE3  H N N 204 
LYS HZ1  H N N 205 
LYS HZ2  H N N 206 
LYS HZ3  H N N 207 
LYS HXT  H N N 208 
MET N    N N N 209 
MET CA   C N S 210 
MET C    C N N 211 
MET O    O N N 212 
MET CB   C N N 213 
MET CG   C N N 214 
MET SD   S N N 215 
MET CE   C N N 216 
MET OXT  O N N 217 
MET H    H N N 218 
MET H2   H N N 219 
MET HA   H N N 220 
MET HB2  H N N 221 
MET HB3  H N N 222 
MET HG2  H N N 223 
MET HG3  H N N 224 
MET HE1  H N N 225 
MET HE2  H N N 226 
MET HE3  H N N 227 
MET HXT  H N N 228 
PHE N    N N N 229 
PHE CA   C N S 230 
PHE C    C N N 231 
PHE O    O N N 232 
PHE CB   C N N 233 
PHE CG   C Y N 234 
PHE CD1  C Y N 235 
PHE CD2  C Y N 236 
PHE CE1  C Y N 237 
PHE CE2  C Y N 238 
PHE CZ   C Y N 239 
PHE OXT  O N N 240 
PHE H    H N N 241 
PHE H2   H N N 242 
PHE HA   H N N 243 
PHE HB2  H N N 244 
PHE HB3  H N N 245 
PHE HD1  H N N 246 
PHE HD2  H N N 247 
PHE HE1  H N N 248 
PHE HE2  H N N 249 
PHE HZ   H N N 250 
PHE HXT  H N N 251 
PRO N    N N N 252 
PRO CA   C N S 253 
PRO C    C N N 254 
PRO O    O N N 255 
PRO CB   C N N 256 
PRO CG   C N N 257 
PRO CD   C N N 258 
PRO OXT  O N N 259 
PRO H    H N N 260 
PRO HA   H N N 261 
PRO HB2  H N N 262 
PRO HB3  H N N 263 
PRO HG2  H N N 264 
PRO HG3  H N N 265 
PRO HD2  H N N 266 
PRO HD3  H N N 267 
PRO HXT  H N N 268 
SER N    N N N 269 
SER CA   C N S 270 
SER C    C N N 271 
SER O    O N N 272 
SER CB   C N N 273 
SER OG   O N N 274 
SER OXT  O N N 275 
SER H    H N N 276 
SER H2   H N N 277 
SER HA   H N N 278 
SER HB2  H N N 279 
SER HB3  H N N 280 
SER HG   H N N 281 
SER HXT  H N N 282 
THR N    N N N 283 
THR CA   C N S 284 
THR C    C N N 285 
THR O    O N N 286 
THR CB   C N R 287 
THR OG1  O N N 288 
THR CG2  C N N 289 
THR OXT  O N N 290 
THR H    H N N 291 
THR H2   H N N 292 
THR HA   H N N 293 
THR HB   H N N 294 
THR HG1  H N N 295 
THR HG21 H N N 296 
THR HG22 H N N 297 
THR HG23 H N N 298 
THR HXT  H N N 299 
TRP N    N N N 300 
TRP CA   C N S 301 
TRP C    C N N 302 
TRP O    O N N 303 
TRP CB   C N N 304 
TRP CG   C Y N 305 
TRP CD1  C Y N 306 
TRP CD2  C Y N 307 
TRP NE1  N Y N 308 
TRP CE2  C Y N 309 
TRP CE3  C Y N 310 
TRP CZ2  C Y N 311 
TRP CZ3  C Y N 312 
TRP CH2  C Y N 313 
TRP OXT  O N N 314 
TRP H    H N N 315 
TRP H2   H N N 316 
TRP HA   H N N 317 
TRP HB2  H N N 318 
TRP HB3  H N N 319 
TRP HD1  H N N 320 
TRP HE1  H N N 321 
TRP HE3  H N N 322 
TRP HZ2  H N N 323 
TRP HZ3  H N N 324 
TRP HH2  H N N 325 
TRP HXT  H N N 326 
TYR N    N N N 327 
TYR CA   C N S 328 
TYR C    C N N 329 
TYR O    O N N 330 
TYR CB   C N N 331 
TYR CG   C Y N 332 
TYR CD1  C Y N 333 
TYR CD2  C Y N 334 
TYR CE1  C Y N 335 
TYR CE2  C Y N 336 
TYR CZ   C Y N 337 
TYR OH   O N N 338 
TYR OXT  O N N 339 
TYR H    H N N 340 
TYR H2   H N N 341 
TYR HA   H N N 342 
TYR HB2  H N N 343 
TYR HB3  H N N 344 
TYR HD1  H N N 345 
TYR HD2  H N N 346 
TYR HE1  H N N 347 
TYR HE2  H N N 348 
TYR HH   H N N 349 
TYR HXT  H N N 350 
VAL N    N N N 351 
VAL CA   C N S 352 
VAL C    C N N 353 
VAL O    O N N 354 
VAL CB   C N N 355 
VAL CG1  C N N 356 
VAL CG2  C N N 357 
VAL OXT  O N N 358 
VAL H    H N N 359 
VAL H2   H N N 360 
VAL HA   H N N 361 
VAL HB   H N N 362 
VAL HG11 H N N 363 
VAL HG12 H N N 364 
VAL HG13 H N N 365 
VAL HG21 H N N 366 
VAL HG22 H N N 367 
VAL HG23 H N N 368 
VAL HXT  H N N 369 
# 
loop_
_chem_comp_bond.comp_id 
_chem_comp_bond.atom_id_1 
_chem_comp_bond.atom_id_2 
_chem_comp_bond.value_order 
_chem_comp_bond.pdbx_aromatic_flag 
_chem_comp_bond.pdbx_stereo_config 
_chem_comp_bond.pdbx_ordinal 
ALA N   CA   sing N N 1   
ALA N   H    sing N N 2   
ALA N   H2   sing N N 3   
ALA CA  C    sing N N 4   
ALA CA  CB   sing N N 5   
ALA CA  HA   sing N N 6   
ALA C   O    doub N N 7   
ALA C   OXT  sing N N 8   
ALA CB  HB1  sing N N 9   
ALA CB  HB2  sing N N 10  
ALA CB  HB3  sing N N 11  
ALA OXT HXT  sing N N 12  
ARG N   CA   sing N N 13  
ARG N   H    sing N N 14  
ARG N   H2   sing N N 15  
ARG CA  C    sing N N 16  
ARG CA  CB   sing N N 17  
ARG CA  HA   sing N N 18  
ARG C   O    doub N N 19  
ARG C   OXT  sing N N 20  
ARG CB  CG   sing N N 21  
ARG CB  HB2  sing N N 22  
ARG CB  HB3  sing N N 23  
ARG CG  CD   sing N N 24  
ARG CG  HG2  sing N N 25  
ARG CG  HG3  sing N N 26  
ARG CD  NE   sing N N 27  
ARG CD  HD2  sing N N 28  
ARG CD  HD3  sing N N 29  
ARG NE  CZ   sing N N 30  
ARG NE  HE   sing N N 31  
ARG CZ  NH1  sing N N 32  
ARG CZ  NH2  doub N N 33  
ARG NH1 HH11 sing N N 34  
ARG NH1 HH12 sing N N 35  
ARG NH2 HH21 sing N N 36  
ARG NH2 HH22 sing N N 37  
ARG OXT HXT  sing N N 38  
ASN N   CA   sing N N 39  
ASN N   H    sing N N 40  
ASN N   H2   sing N N 41  
ASN CA  C    sing N N 42  
ASN CA  CB   sing N N 43  
ASN CA  HA   sing N N 44  
ASN C   O    doub N N 45  
ASN C   OXT  sing N N 46  
ASN CB  CG   sing N N 47  
ASN CB  HB2  sing N N 48  
ASN CB  HB3  sing N N 49  
ASN CG  OD1  doub N N 50  
ASN CG  ND2  sing N N 51  
ASN ND2 HD21 sing N N 52  
ASN ND2 HD22 sing N N 53  
ASN OXT HXT  sing N N 54  
ASP N   CA   sing N N 55  
ASP N   H    sing N N 56  
ASP N   H2   sing N N 57  
ASP CA  C    sing N N 58  
ASP CA  CB   sing N N 59  
ASP CA  HA   sing N N 60  
ASP C   O    doub N N 61  
ASP C   OXT  sing N N 62  
ASP CB  CG   sing N N 63  
ASP CB  HB2  sing N N 64  
ASP CB  HB3  sing N N 65  
ASP CG  OD1  doub N N 66  
ASP CG  OD2  sing N N 67  
ASP OD2 HD2  sing N N 68  
ASP OXT HXT  sing N N 69  
CYS N   CA   sing N N 70  
CYS N   H    sing N N 71  
CYS N   H2   sing N N 72  
CYS CA  C    sing N N 73  
CYS CA  CB   sing N N 74  
CYS CA  HA   sing N N 75  
CYS C   O    doub N N 76  
CYS C   OXT  sing N N 77  
CYS CB  SG   sing N N 78  
CYS CB  HB2  sing N N 79  
CYS CB  HB3  sing N N 80  
CYS SG  HG   sing N N 81  
CYS OXT HXT  sing N N 82  
GLN N   CA   sing N N 83  
GLN N   H    sing N N 84  
GLN N   H2   sing N N 85  
GLN CA  C    sing N N 86  
GLN CA  CB   sing N N 87  
GLN CA  HA   sing N N 88  
GLN C   O    doub N N 89  
GLN C   OXT  sing N N 90  
GLN CB  CG   sing N N 91  
GLN CB  HB2  sing N N 92  
GLN CB  HB3  sing N N 93  
GLN CG  CD   sing N N 94  
GLN CG  HG2  sing N N 95  
GLN CG  HG3  sing N N 96  
GLN CD  OE1  doub N N 97  
GLN CD  NE2  sing N N 98  
GLN NE2 HE21 sing N N 99  
GLN NE2 HE22 sing N N 100 
GLN OXT HXT  sing N N 101 
GLU N   CA   sing N N 102 
GLU N   H    sing N N 103 
GLU N   H2   sing N N 104 
GLU CA  C    sing N N 105 
GLU CA  CB   sing N N 106 
GLU CA  HA   sing N N 107 
GLU C   O    doub N N 108 
GLU C   OXT  sing N N 109 
GLU CB  CG   sing N N 110 
GLU CB  HB2  sing N N 111 
GLU CB  HB3  sing N N 112 
GLU CG  CD   sing N N 113 
GLU CG  HG2  sing N N 114 
GLU CG  HG3  sing N N 115 
GLU CD  OE1  doub N N 116 
GLU CD  OE2  sing N N 117 
GLU OE2 HE2  sing N N 118 
GLU OXT HXT  sing N N 119 
GLY N   CA   sing N N 120 
GLY N   H    sing N N 121 
GLY N   H2   sing N N 122 
GLY CA  C    sing N N 123 
GLY CA  HA2  sing N N 124 
GLY CA  HA3  sing N N 125 
GLY C   O    doub N N 126 
GLY C   OXT  sing N N 127 
GLY OXT HXT  sing N N 128 
HOH O   H1   sing N N 129 
HOH O   H2   sing N N 130 
ILE N   CA   sing N N 131 
ILE N   H    sing N N 132 
ILE N   H2   sing N N 133 
ILE CA  C    sing N N 134 
ILE CA  CB   sing N N 135 
ILE CA  HA   sing N N 136 
ILE C   O    doub N N 137 
ILE C   OXT  sing N N 138 
ILE CB  CG1  sing N N 139 
ILE CB  CG2  sing N N 140 
ILE CB  HB   sing N N 141 
ILE CG1 CD1  sing N N 142 
ILE CG1 HG12 sing N N 143 
ILE CG1 HG13 sing N N 144 
ILE CG2 HG21 sing N N 145 
ILE CG2 HG22 sing N N 146 
ILE CG2 HG23 sing N N 147 
ILE CD1 HD11 sing N N 148 
ILE CD1 HD12 sing N N 149 
ILE CD1 HD13 sing N N 150 
ILE OXT HXT  sing N N 151 
LEU N   CA   sing N N 152 
LEU N   H    sing N N 153 
LEU N   H2   sing N N 154 
LEU CA  C    sing N N 155 
LEU CA  CB   sing N N 156 
LEU CA  HA   sing N N 157 
LEU C   O    doub N N 158 
LEU C   OXT  sing N N 159 
LEU CB  CG   sing N N 160 
LEU CB  HB2  sing N N 161 
LEU CB  HB3  sing N N 162 
LEU CG  CD1  sing N N 163 
LEU CG  CD2  sing N N 164 
LEU CG  HG   sing N N 165 
LEU CD1 HD11 sing N N 166 
LEU CD1 HD12 sing N N 167 
LEU CD1 HD13 sing N N 168 
LEU CD2 HD21 sing N N 169 
LEU CD2 HD22 sing N N 170 
LEU CD2 HD23 sing N N 171 
LEU OXT HXT  sing N N 172 
LYS N   CA   sing N N 173 
LYS N   H    sing N N 174 
LYS N   H2   sing N N 175 
LYS CA  C    sing N N 176 
LYS CA  CB   sing N N 177 
LYS CA  HA   sing N N 178 
LYS C   O    doub N N 179 
LYS C   OXT  sing N N 180 
LYS CB  CG   sing N N 181 
LYS CB  HB2  sing N N 182 
LYS CB  HB3  sing N N 183 
LYS CG  CD   sing N N 184 
LYS CG  HG2  sing N N 185 
LYS CG  HG3  sing N N 186 
LYS CD  CE   sing N N 187 
LYS CD  HD2  sing N N 188 
LYS CD  HD3  sing N N 189 
LYS CE  NZ   sing N N 190 
LYS CE  HE2  sing N N 191 
LYS CE  HE3  sing N N 192 
LYS NZ  HZ1  sing N N 193 
LYS NZ  HZ2  sing N N 194 
LYS NZ  HZ3  sing N N 195 
LYS OXT HXT  sing N N 196 
MET N   CA   sing N N 197 
MET N   H    sing N N 198 
MET N   H2   sing N N 199 
MET CA  C    sing N N 200 
MET CA  CB   sing N N 201 
MET CA  HA   sing N N 202 
MET C   O    doub N N 203 
MET C   OXT  sing N N 204 
MET CB  CG   sing N N 205 
MET CB  HB2  sing N N 206 
MET CB  HB3  sing N N 207 
MET CG  SD   sing N N 208 
MET CG  HG2  sing N N 209 
MET CG  HG3  sing N N 210 
MET SD  CE   sing N N 211 
MET CE  HE1  sing N N 212 
MET CE  HE2  sing N N 213 
MET CE  HE3  sing N N 214 
MET OXT HXT  sing N N 215 
PHE N   CA   sing N N 216 
PHE N   H    sing N N 217 
PHE N   H2   sing N N 218 
PHE CA  C    sing N N 219 
PHE CA  CB   sing N N 220 
PHE CA  HA   sing N N 221 
PHE C   O    doub N N 222 
PHE C   OXT  sing N N 223 
PHE CB  CG   sing N N 224 
PHE CB  HB2  sing N N 225 
PHE CB  HB3  sing N N 226 
PHE CG  CD1  doub Y N 227 
PHE CG  CD2  sing Y N 228 
PHE CD1 CE1  sing Y N 229 
PHE CD1 HD1  sing N N 230 
PHE CD2 CE2  doub Y N 231 
PHE CD2 HD2  sing N N 232 
PHE CE1 CZ   doub Y N 233 
PHE CE1 HE1  sing N N 234 
PHE CE2 CZ   sing Y N 235 
PHE CE2 HE2  sing N N 236 
PHE CZ  HZ   sing N N 237 
PHE OXT HXT  sing N N 238 
PRO N   CA   sing N N 239 
PRO N   CD   sing N N 240 
PRO N   H    sing N N 241 
PRO CA  C    sing N N 242 
PRO CA  CB   sing N N 243 
PRO CA  HA   sing N N 244 
PRO C   O    doub N N 245 
PRO C   OXT  sing N N 246 
PRO CB  CG   sing N N 247 
PRO CB  HB2  sing N N 248 
PRO CB  HB3  sing N N 249 
PRO CG  CD   sing N N 250 
PRO CG  HG2  sing N N 251 
PRO CG  HG3  sing N N 252 
PRO CD  HD2  sing N N 253 
PRO CD  HD3  sing N N 254 
PRO OXT HXT  sing N N 255 
SER N   CA   sing N N 256 
SER N   H    sing N N 257 
SER N   H2   sing N N 258 
SER CA  C    sing N N 259 
SER CA  CB   sing N N 260 
SER CA  HA   sing N N 261 
SER C   O    doub N N 262 
SER C   OXT  sing N N 263 
SER CB  OG   sing N N 264 
SER CB  HB2  sing N N 265 
SER CB  HB3  sing N N 266 
SER OG  HG   sing N N 267 
SER OXT HXT  sing N N 268 
THR N   CA   sing N N 269 
THR N   H    sing N N 270 
THR N   H2   sing N N 271 
THR CA  C    sing N N 272 
THR CA  CB   sing N N 273 
THR CA  HA   sing N N 274 
THR C   O    doub N N 275 
THR C   OXT  sing N N 276 
THR CB  OG1  sing N N 277 
THR CB  CG2  sing N N 278 
THR CB  HB   sing N N 279 
THR OG1 HG1  sing N N 280 
THR CG2 HG21 sing N N 281 
THR CG2 HG22 sing N N 282 
THR CG2 HG23 sing N N 283 
THR OXT HXT  sing N N 284 
TRP N   CA   sing N N 285 
TRP N   H    sing N N 286 
TRP N   H2   sing N N 287 
TRP CA  C    sing N N 288 
TRP CA  CB   sing N N 289 
TRP CA  HA   sing N N 290 
TRP C   O    doub N N 291 
TRP C   OXT  sing N N 292 
TRP CB  CG   sing N N 293 
TRP CB  HB2  sing N N 294 
TRP CB  HB3  sing N N 295 
TRP CG  CD1  doub Y N 296 
TRP CG  CD2  sing Y N 297 
TRP CD1 NE1  sing Y N 298 
TRP CD1 HD1  sing N N 299 
TRP CD2 CE2  doub Y N 300 
TRP CD2 CE3  sing Y N 301 
TRP NE1 CE2  sing Y N 302 
TRP NE1 HE1  sing N N 303 
TRP CE2 CZ2  sing Y N 304 
TRP CE3 CZ3  doub Y N 305 
TRP CE3 HE3  sing N N 306 
TRP CZ2 CH2  doub Y N 307 
TRP CZ2 HZ2  sing N N 308 
TRP CZ3 CH2  sing Y N 309 
TRP CZ3 HZ3  sing N N 310 
TRP CH2 HH2  sing N N 311 
TRP OXT HXT  sing N N 312 
TYR N   CA   sing N N 313 
TYR N   H    sing N N 314 
TYR N   H2   sing N N 315 
TYR CA  C    sing N N 316 
TYR CA  CB   sing N N 317 
TYR CA  HA   sing N N 318 
TYR C   O    doub N N 319 
TYR C   OXT  sing N N 320 
TYR CB  CG   sing N N 321 
TYR CB  HB2  sing N N 322 
TYR CB  HB3  sing N N 323 
TYR CG  CD1  doub Y N 324 
TYR CG  CD2  sing Y N 325 
TYR CD1 CE1  sing Y N 326 
TYR CD1 HD1  sing N N 327 
TYR CD2 CE2  doub Y N 328 
TYR CD2 HD2  sing N N 329 
TYR CE1 CZ   doub Y N 330 
TYR CE1 HE1  sing N N 331 
TYR CE2 CZ   sing Y N 332 
TYR CE2 HE2  sing N N 333 
TYR CZ  OH   sing N N 334 
TYR OH  HH   sing N N 335 
TYR OXT HXT  sing N N 336 
VAL N   CA   sing N N 337 
VAL N   H    sing N N 338 
VAL N   H2   sing N N 339 
VAL CA  C    sing N N 340 
VAL CA  CB   sing N N 341 
VAL CA  HA   sing N N 342 
VAL C   O    doub N N 343 
VAL C   OXT  sing N N 344 
VAL CB  CG1  sing N N 345 
VAL CB  CG2  sing N N 346 
VAL CB  HB   sing N N 347 
VAL CG1 HG11 sing N N 348 
VAL CG1 HG12 sing N N 349 
VAL CG1 HG13 sing N N 350 
VAL CG2 HG21 sing N N 351 
VAL CG2 HG22 sing N N 352 
VAL CG2 HG23 sing N N 353 
VAL OXT HXT  sing N N 354 
# 
_pdbx_entity_nonpoly.entity_id   2 
_pdbx_entity_nonpoly.name        water 
_pdbx_entity_nonpoly.comp_id     HOH 
# 
loop_
_pdbx_initial_refinement_model.id 
_pdbx_initial_refinement_model.entity_id_list 
_pdbx_initial_refinement_model.type 
_pdbx_initial_refinement_model.source_name 
_pdbx_initial_refinement_model.accession_code 
_pdbx_initial_refinement_model.details 
1 ? 'experimental model' PDB 4BD2 '4BD2, 5W60' 
2 ? 'experimental model' PDB 5W60 '4BD2, 5W60' 
# 
_pdbx_struct_assembly_auth_evidence.id                     1 
_pdbx_struct_assembly_auth_evidence.assembly_id            1 
_pdbx_struct_assembly_auth_evidence.experimental_support   'gel filtration' 
_pdbx_struct_assembly_auth_evidence.details                ? 
# 
